data_1UUD
# 
_entry.id   1UUD 
# 
_audit_conform.dict_name       mmcif_pdbx.dic 
_audit_conform.dict_version    5.392 
_audit_conform.dict_location   http://mmcif.pdb.org/dictionaries/ascii/mmcif_pdbx.dic 
# 
loop_
_database_2.database_id 
_database_2.database_code 
_database_2.pdbx_database_accession 
_database_2.pdbx_DOI 
PDB   1UUD         pdb_00001uud 10.2210/pdb1uud/pdb 
PDBE  EBI-14236    ?            ?                   
WWPDB D_1290014236 ?            ?                   
# 
loop_
_pdbx_audit_revision_history.ordinal 
_pdbx_audit_revision_history.data_content_type 
_pdbx_audit_revision_history.major_revision 
_pdbx_audit_revision_history.minor_revision 
_pdbx_audit_revision_history.revision_date 
1 'Structure model' 1 0 2004-03-15 
2 'Structure model' 1 1 2011-05-08 
3 'Structure model' 1 2 2011-07-13 
4 'Structure model' 1 3 2024-05-15 
# 
_pdbx_audit_revision_details.ordinal             1 
_pdbx_audit_revision_details.revision_ordinal    1 
_pdbx_audit_revision_details.data_content_type   'Structure model' 
_pdbx_audit_revision_details.provider            repository 
_pdbx_audit_revision_details.type                'Initial release' 
_pdbx_audit_revision_details.description         ? 
_pdbx_audit_revision_details.details             ? 
# 
loop_
_pdbx_audit_revision_group.ordinal 
_pdbx_audit_revision_group.revision_ordinal 
_pdbx_audit_revision_group.data_content_type 
_pdbx_audit_revision_group.group 
1 2 'Structure model' 'Version format compliance' 
2 3 'Structure model' 'Version format compliance' 
3 4 'Structure model' 'Data collection'           
4 4 'Structure model' 'Database references'       
5 4 'Structure model' Other                       
# 
loop_
_pdbx_audit_revision_category.ordinal 
_pdbx_audit_revision_category.revision_ordinal 
_pdbx_audit_revision_category.data_content_type 
_pdbx_audit_revision_category.category 
1 4 'Structure model' chem_comp_atom       
2 4 'Structure model' chem_comp_bond       
3 4 'Structure model' database_2           
4 4 'Structure model' pdbx_database_status 
# 
loop_
_pdbx_audit_revision_item.ordinal 
_pdbx_audit_revision_item.revision_ordinal 
_pdbx_audit_revision_item.data_content_type 
_pdbx_audit_revision_item.item 
1 4 'Structure model' '_database_2.pdbx_DOI'                 
2 4 'Structure model' '_database_2.pdbx_database_accession'  
3 4 'Structure model' '_pdbx_database_status.status_code_mr' 
# 
_pdbx_database_status.status_code                     REL 
_pdbx_database_status.entry_id                        1UUD 
_pdbx_database_status.deposit_site                    PDBE 
_pdbx_database_status.process_site                    PDBE 
_pdbx_database_status.SG_entry                        . 
_pdbx_database_status.recvd_initial_deposition_date   2003-12-18 
_pdbx_database_status.pdb_format_compatible           Y 
_pdbx_database_status.status_code_sf                  ? 
_pdbx_database_status.status_code_mr                  REL 
_pdbx_database_status.status_code_cs                  ? 
_pdbx_database_status.methods_development_category    ? 
_pdbx_database_status.status_code_nmr_data            ? 
# 
loop_
_pdbx_database_related.db_name 
_pdbx_database_related.db_id 
_pdbx_database_related.content_type 
_pdbx_database_related.details 
PDB 1UTS unspecified 'DESIGNED HIV-1 TAR BINDING LIGAND' 
PDB 1UUI unspecified 'DESIGNED HIV-1 TAR BINDING LIGAND' 
# 
loop_
_audit_author.name 
_audit_author.pdbx_ordinal 
'Davis, B.'       1  
'Afshar, M.'      2  
'Varani, G.'      3  
'Karn, J.'        4  
'Murchie, A.I.H.' 5  
'Lentzen, G.'     6  
'Drysdale, M.J.'  7  
'Potter, A.J.'    8  
'Bower, J.'       9  
'Aboul-Ela, F.'   10 
# 
loop_
_citation.id 
_citation.title 
_citation.journal_abbrev 
_citation.journal_volume 
_citation.page_first 
_citation.page_last 
_citation.year 
_citation.journal_id_ASTM 
_citation.country 
_citation.journal_id_ISSN 
_citation.journal_id_CSD 
_citation.book_publisher 
_citation.pdbx_database_id_PubMed 
_citation.pdbx_database_id_DOI 
primary 
;Rational Design of Inhibitors of HIV-1 Tar RNA Through the Stabilisation of Electrostatic "Hot Spots"
;
J.Mol.Biol. 336 343 ? 2004 JMOBAK UK 0022-2836 0070 ? 14757049 10.1016/J.JMB.2003.12.046 
1       'The Structure of the Human Immunodeficiency Virus Recognition by Tat Protein'                          J.Mol.Biol. 253 
313 ? 1995 JMOBAK UK 0022-2836 0070 ? 7563092  10.1006/JMBI.1995.0555    
# 
loop_
_citation_author.citation_id 
_citation_author.name 
_citation_author.ordinal 
_citation_author.identifier_ORCID 
primary 'Davis, B.'       1  ? 
primary 'Afshar, M.'      2  ? 
primary 'Varani, G.'      3  ? 
primary 'Murchie, A.I.H.' 4  ? 
primary 'Karn, J.'        5  ? 
primary 'Lentzen, G.'     6  ? 
primary 'Drysdale, M.J.'  7  ? 
primary 'Bower, J.'       8  ? 
primary 'Potter, A.J.'    9  ? 
primary 'Aboul-Ela, F.'   10 ? 
1       'Aboul-Ela, F.'   11 ? 
1       'Jkarn, J.'       12 ? 
1       'Varani, G.'      13 ? 
# 
loop_
_entity.id 
_entity.type 
_entity.src_method 
_entity.pdbx_description 
_entity.formula_weight 
_entity.pdbx_number_of_molecules 
_entity.pdbx_ec 
_entity.pdbx_mutation 
_entity.pdbx_fragment 
_entity.details 
1 polymer     syn 
;RNA (5'-(*GP*GP*CP*AP*GP*AP*UP*CP*UP*GP*AP*GP *CP*CP*UP*GP*GP*GP*AP*GP*CP*UP*CP*UP*CP*UP*GP*CP*C) -3')
;
9307.555 1 ? ? ? 
;BULGED STEM LOOP REGION FROM 5'LTR OF HIV-1 MRNA-BINDING SITE FOR TRANSCRIPTIONAL ACTIVATOR PROTEIN TAT.
;
2 non-polymer syn 'N-[2-(2-{[(4-{[AMINO(IMINO)METHYL]AMINO}BUTYL)AMINO]METHYL}-4-METHOXYPHENOXY)ETHYL]GUANIDINE'           353.463 
1 ? ? ? ?                                                                                                          
# 
_entity_name_com.entity_id   1 
_entity_name_com.name        'HIV-1 TAR RNA' 
# 
_entity_poly.entity_id                      1 
_entity_poly.type                           polyribonucleotide 
_entity_poly.nstd_linkage                   no 
_entity_poly.nstd_monomer                   no 
_entity_poly.pdbx_seq_one_letter_code       GGCAGAUCUGAGCCUGGGAGCUCUCUGCC 
_entity_poly.pdbx_seq_one_letter_code_can   GGCAGAUCUGAGCCUGGGAGCUCUCUGCC 
_entity_poly.pdbx_strand_id                 B 
_entity_poly.pdbx_target_identifier         ? 
# 
_pdbx_entity_nonpoly.entity_id   2 
_pdbx_entity_nonpoly.name        'N-[2-(2-{[(4-{[AMINO(IMINO)METHYL]AMINO}BUTYL)AMINO]METHYL}-4-METHOXYPHENOXY)ETHYL]GUANIDINE' 
_pdbx_entity_nonpoly.comp_id     P14 
# 
loop_
_entity_poly_seq.entity_id 
_entity_poly_seq.num 
_entity_poly_seq.mon_id 
_entity_poly_seq.hetero 
1 1  G n 
1 2  G n 
1 3  C n 
1 4  A n 
1 5  G n 
1 6  A n 
1 7  U n 
1 8  C n 
1 9  U n 
1 10 G n 
1 11 A n 
1 12 G n 
1 13 C n 
1 14 C n 
1 15 U n 
1 16 G n 
1 17 G n 
1 18 G n 
1 19 A n 
1 20 G n 
1 21 C n 
1 22 U n 
1 23 C n 
1 24 U n 
1 25 C n 
1 26 U n 
1 27 G n 
1 28 C n 
1 29 C n 
# 
_pdbx_entity_src_syn.entity_id              1 
_pdbx_entity_src_syn.pdbx_src_id            1 
_pdbx_entity_src_syn.pdbx_alt_source_flag   sample 
_pdbx_entity_src_syn.pdbx_beg_seq_num       ? 
_pdbx_entity_src_syn.pdbx_end_seq_num       ? 
_pdbx_entity_src_syn.organism_scientific    'HUMAN IMMUNODEFICIENCY VIRUS 1 (CLONE 12)' 
_pdbx_entity_src_syn.organism_common_name   HIV-1 
_pdbx_entity_src_syn.ncbi_taxonomy_id       11706 
_pdbx_entity_src_syn.details                
'29 NUCLEOTIDE SEQUENCE COMPRISING PRIMARY BINDING SITE OF HIV-1 TAT, SYNTHESIZED USING T7 RNA POLYMERASE OFF OF A DNA TEMPLATE' 
# 
loop_
_chem_comp.id 
_chem_comp.type 
_chem_comp.mon_nstd_flag 
_chem_comp.name 
_chem_comp.pdbx_synonyms 
_chem_comp.formula 
_chem_comp.formula_weight 
A   'RNA linking' y "ADENOSINE-5'-MONOPHOSPHATE"                                                                   ? 
'C10 H14 N5 O7 P' 347.221 
C   'RNA linking' y "CYTIDINE-5'-MONOPHOSPHATE"                                                                    ? 
'C9 H14 N3 O8 P'  323.197 
G   'RNA linking' y "GUANOSINE-5'-MONOPHOSPHATE"                                                                   ? 
'C10 H14 N5 O8 P' 363.221 
P14 non-polymer   . 'N-[2-(2-{[(4-{[AMINO(IMINO)METHYL]AMINO}BUTYL)AMINO]METHYL}-4-METHOXYPHENOXY)ETHYL]GUANIDINE' 
'RBT203 INHIBITOR' 'C16 H31 N7 O2 2' 353.463 
U   'RNA linking' y "URIDINE-5'-MONOPHOSPHATE"                                                                     ? 
'C9 H13 N2 O9 P'  324.181 
# 
loop_
_pdbx_poly_seq_scheme.asym_id 
_pdbx_poly_seq_scheme.entity_id 
_pdbx_poly_seq_scheme.seq_id 
_pdbx_poly_seq_scheme.mon_id 
_pdbx_poly_seq_scheme.ndb_seq_num 
_pdbx_poly_seq_scheme.pdb_seq_num 
_pdbx_poly_seq_scheme.auth_seq_num 
_pdbx_poly_seq_scheme.pdb_mon_id 
_pdbx_poly_seq_scheme.auth_mon_id 
_pdbx_poly_seq_scheme.pdb_strand_id 
_pdbx_poly_seq_scheme.pdb_ins_code 
_pdbx_poly_seq_scheme.hetero 
A 1 1  G 1  17 17 G G B . n 
A 1 2  G 2  18 18 G G B . n 
A 1 3  C 3  19 19 C C B . n 
A 1 4  A 4  20 20 A A B . n 
A 1 5  G 5  21 21 G G B . n 
A 1 6  A 6  22 22 A A B . n 
A 1 7  U 7  23 23 U U B . n 
A 1 8  C 8  24 24 C C B . n 
A 1 9  U 9  25 25 U U B . n 
A 1 10 G 10 26 26 G G B . n 
A 1 11 A 11 27 27 A A B . n 
A 1 12 G 12 28 28 G G B . n 
A 1 13 C 13 29 29 C C B . n 
A 1 14 C 14 30 30 C C B . n 
A 1 15 U 15 31 31 U U B . n 
A 1 16 G 16 32 32 G G B . n 
A 1 17 G 17 33 33 G G B . n 
A 1 18 G 18 34 34 G G B . n 
A 1 19 A 19 35 35 A A B . n 
A 1 20 G 20 36 36 G G B . n 
A 1 21 C 21 37 37 C C B . n 
A 1 22 U 22 38 38 U U B . n 
A 1 23 C 23 39 39 C C B . n 
A 1 24 U 24 40 40 U U B . n 
A 1 25 C 25 41 41 C C B . n 
A 1 26 U 26 42 42 U U B . n 
A 1 27 G 27 43 43 G G B . n 
A 1 28 C 28 44 44 C C B . n 
A 1 29 C 29 45 45 C C B . n 
# 
_pdbx_nonpoly_scheme.asym_id         B 
_pdbx_nonpoly_scheme.entity_id       2 
_pdbx_nonpoly_scheme.mon_id          P14 
_pdbx_nonpoly_scheme.ndb_seq_num     1 
_pdbx_nonpoly_scheme.pdb_seq_num     1046 
_pdbx_nonpoly_scheme.auth_seq_num    1046 
_pdbx_nonpoly_scheme.pdb_mon_id      P14 
_pdbx_nonpoly_scheme.auth_mon_id     P14 
_pdbx_nonpoly_scheme.pdb_strand_id   B 
_pdbx_nonpoly_scheme.pdb_ins_code    . 
# 
_cell.entry_id           1UUD 
_cell.length_a           1.000 
_cell.length_b           1.000 
_cell.length_c           1.000 
_cell.angle_alpha        90.00 
_cell.angle_beta         90.00 
_cell.angle_gamma        90.00 
_cell.Z_PDB              1 
_cell.pdbx_unique_axis   ? 
# 
_symmetry.entry_id                         1UUD 
_symmetry.space_group_name_H-M             'P 1' 
_symmetry.pdbx_full_space_group_name_H-M   ? 
_symmetry.cell_setting                     ? 
_symmetry.Int_Tables_number                1 
# 
_exptl.entry_id          1UUD 
_exptl.method            'SOLUTION NMR' 
_exptl.crystals_number   ? 
# 
_struct.entry_id                  1UUD 
_struct.title                     'NMR structure of a synthetic small molecule, rbt203, bound to HIV-1 TAR RNA' 
_struct.pdbx_model_details        ? 
_struct.pdbx_CASP_flag            ? 
_struct.pdbx_model_type_details   'MINIMIZED AVERAGE' 
# 
_struct_keywords.entry_id        1UUD 
_struct_keywords.pdbx_keywords   HIV-1 
_struct_keywords.text            'HIV-1, TAR RNA, DRUG DESIGN, LIGAND-RNA INTERACTION, RNA BULGE' 
# 
loop_
_struct_asym.id 
_struct_asym.pdbx_blank_PDB_chainid_flag 
_struct_asym.pdbx_modified 
_struct_asym.entity_id 
_struct_asym.details 
A N N 1 ? 
B N N 2 ? 
# 
_struct_ref.id                         1 
_struct_ref.db_name                    PDB 
_struct_ref.db_code                    1UUD 
_struct_ref.entity_id                  1 
_struct_ref.pdbx_seq_one_letter_code   ? 
_struct_ref.pdbx_align_begin           ? 
_struct_ref.pdbx_db_accession          1UUD 
_struct_ref.pdbx_db_isoform            ? 
# 
_struct_ref_seq.align_id                      1 
_struct_ref_seq.ref_id                        1 
_struct_ref_seq.pdbx_PDB_id_code              1UUD 
_struct_ref_seq.pdbx_strand_id                B 
_struct_ref_seq.seq_align_beg                 1 
_struct_ref_seq.pdbx_seq_align_beg_ins_code   ? 
_struct_ref_seq.seq_align_end                 29 
_struct_ref_seq.pdbx_seq_align_end_ins_code   ? 
_struct_ref_seq.pdbx_db_accession             1UUD 
_struct_ref_seq.db_align_beg                  17 
_struct_ref_seq.pdbx_db_align_beg_ins_code    ? 
_struct_ref_seq.db_align_end                  45 
_struct_ref_seq.pdbx_db_align_end_ins_code    ? 
_struct_ref_seq.pdbx_auth_seq_align_beg       17 
_struct_ref_seq.pdbx_auth_seq_align_end       45 
# 
_pdbx_struct_assembly.id                   1 
_pdbx_struct_assembly.details              author_defined_assembly 
_pdbx_struct_assembly.method_details       ? 
_pdbx_struct_assembly.oligomeric_details   monomeric 
_pdbx_struct_assembly.oligomeric_count     1 
# 
_pdbx_struct_assembly_gen.assembly_id       1 
_pdbx_struct_assembly_gen.oper_expression   1 
_pdbx_struct_assembly_gen.asym_id_list      A,B 
# 
_pdbx_struct_oper_list.id                   1 
_pdbx_struct_oper_list.type                 'identity operation' 
_pdbx_struct_oper_list.name                 1_555 
_pdbx_struct_oper_list.symmetry_operation   x,y,z 
_pdbx_struct_oper_list.matrix[1][1]         1.0000000000 
_pdbx_struct_oper_list.matrix[1][2]         0.0000000000 
_pdbx_struct_oper_list.matrix[1][3]         0.0000000000 
_pdbx_struct_oper_list.vector[1]            0.0000000000 
_pdbx_struct_oper_list.matrix[2][1]         0.0000000000 
_pdbx_struct_oper_list.matrix[2][2]         1.0000000000 
_pdbx_struct_oper_list.matrix[2][3]         0.0000000000 
_pdbx_struct_oper_list.vector[2]            0.0000000000 
_pdbx_struct_oper_list.matrix[3][1]         0.0000000000 
_pdbx_struct_oper_list.matrix[3][2]         0.0000000000 
_pdbx_struct_oper_list.matrix[3][3]         1.0000000000 
_pdbx_struct_oper_list.vector[3]            0.0000000000 
# 
_struct_biol.id   1 
# 
loop_
_struct_conn.id 
_struct_conn.conn_type_id 
_struct_conn.pdbx_leaving_atom_flag 
_struct_conn.pdbx_PDB_id 
_struct_conn.ptnr1_label_asym_id 
_struct_conn.ptnr1_label_comp_id 
_struct_conn.ptnr1_label_seq_id 
_struct_conn.ptnr1_label_atom_id 
_struct_conn.pdbx_ptnr1_label_alt_id 
_struct_conn.pdbx_ptnr1_PDB_ins_code 
_struct_conn.pdbx_ptnr1_standard_comp_id 
_struct_conn.ptnr1_symmetry 
_struct_conn.ptnr2_label_asym_id 
_struct_conn.ptnr2_label_comp_id 
_struct_conn.ptnr2_label_seq_id 
_struct_conn.ptnr2_label_atom_id 
_struct_conn.pdbx_ptnr2_label_alt_id 
_struct_conn.pdbx_ptnr2_PDB_ins_code 
_struct_conn.ptnr1_auth_asym_id 
_struct_conn.ptnr1_auth_comp_id 
_struct_conn.ptnr1_auth_seq_id 
_struct_conn.ptnr2_auth_asym_id 
_struct_conn.ptnr2_auth_comp_id 
_struct_conn.ptnr2_auth_seq_id 
_struct_conn.ptnr2_symmetry 
_struct_conn.pdbx_ptnr3_label_atom_id 
_struct_conn.pdbx_ptnr3_label_seq_id 
_struct_conn.pdbx_ptnr3_label_comp_id 
_struct_conn.pdbx_ptnr3_label_asym_id 
_struct_conn.pdbx_ptnr3_label_alt_id 
_struct_conn.pdbx_ptnr3_PDB_ins_code 
_struct_conn.details 
_struct_conn.pdbx_dist_value 
_struct_conn.pdbx_value_order 
_struct_conn.pdbx_role 
hydrog1  hydrog ? ? A G 1  N1 ? ? ? 1_555 A C 29 N3 ? ? B G 17 B C 45 1_555 ? ? ? ? ? ? WATSON-CRICK ? ? ? 
hydrog2  hydrog ? ? A G 1  N2 ? ? ? 1_555 A C 29 O2 ? ? B G 17 B C 45 1_555 ? ? ? ? ? ? WATSON-CRICK ? ? ? 
hydrog3  hydrog ? ? A G 1  O6 ? ? ? 1_555 A C 29 N4 ? ? B G 17 B C 45 1_555 ? ? ? ? ? ? WATSON-CRICK ? ? ? 
hydrog4  hydrog ? ? A G 2  N1 ? ? ? 1_555 A C 28 N3 ? ? B G 18 B C 44 1_555 ? ? ? ? ? ? WATSON-CRICK ? ? ? 
hydrog5  hydrog ? ? A G 2  N2 ? ? ? 1_555 A C 28 O2 ? ? B G 18 B C 44 1_555 ? ? ? ? ? ? WATSON-CRICK ? ? ? 
hydrog6  hydrog ? ? A G 2  O6 ? ? ? 1_555 A C 28 N4 ? ? B G 18 B C 44 1_555 ? ? ? ? ? ? WATSON-CRICK ? ? ? 
hydrog7  hydrog ? ? A C 3  N3 ? ? ? 1_555 A G 27 N1 ? ? B C 19 B G 43 1_555 ? ? ? ? ? ? WATSON-CRICK ? ? ? 
hydrog8  hydrog ? ? A C 3  N4 ? ? ? 1_555 A G 27 O6 ? ? B C 19 B G 43 1_555 ? ? ? ? ? ? WATSON-CRICK ? ? ? 
hydrog9  hydrog ? ? A C 3  O2 ? ? ? 1_555 A G 27 N2 ? ? B C 19 B G 43 1_555 ? ? ? ? ? ? WATSON-CRICK ? ? ? 
hydrog10 hydrog ? ? A A 4  N1 ? ? ? 1_555 A U 26 N3 ? ? B A 20 B U 42 1_555 ? ? ? ? ? ? WATSON-CRICK ? ? ? 
hydrog11 hydrog ? ? A A 4  N6 ? ? ? 1_555 A U 26 O4 ? ? B A 20 B U 42 1_555 ? ? ? ? ? ? WATSON-CRICK ? ? ? 
hydrog12 hydrog ? ? A G 5  N1 ? ? ? 1_555 A C 25 N3 ? ? B G 21 B C 41 1_555 ? ? ? ? ? ? WATSON-CRICK ? ? ? 
hydrog13 hydrog ? ? A G 5  N2 ? ? ? 1_555 A C 25 O2 ? ? B G 21 B C 41 1_555 ? ? ? ? ? ? WATSON-CRICK ? ? ? 
hydrog14 hydrog ? ? A G 5  O6 ? ? ? 1_555 A C 25 N4 ? ? B G 21 B C 41 1_555 ? ? ? ? ? ? WATSON-CRICK ? ? ? 
hydrog15 hydrog ? ? A A 6  N1 ? ? ? 1_555 A U 24 N3 ? ? B A 22 B U 40 1_555 ? ? ? ? ? ? WATSON-CRICK ? ? ? 
hydrog16 hydrog ? ? A A 6  N6 ? ? ? 1_555 A U 24 O4 ? ? B A 22 B U 40 1_555 ? ? ? ? ? ? WATSON-CRICK ? ? ? 
hydrog17 hydrog ? ? A U 7  N3 ? ? ? 1_555 A A 11 N7 ? ? B U 23 B A 27 1_555 ? ? ? ? ? ? HOOGSTEEN    ? ? ? 
hydrog18 hydrog ? ? A U 7  O4 ? ? ? 1_555 A A 11 N6 ? ? B U 23 B A 27 1_555 ? ? ? ? ? ? HOOGSTEEN    ? ? ? 
hydrog19 hydrog ? ? A G 10 N1 ? ? ? 1_555 A C 23 N3 ? ? B G 26 B C 39 1_555 ? ? ? ? ? ? WATSON-CRICK ? ? ? 
hydrog20 hydrog ? ? A G 10 N2 ? ? ? 1_555 A C 23 O2 ? ? B G 26 B C 39 1_555 ? ? ? ? ? ? WATSON-CRICK ? ? ? 
hydrog21 hydrog ? ? A G 10 O6 ? ? ? 1_555 A C 23 N4 ? ? B G 26 B C 39 1_555 ? ? ? ? ? ? WATSON-CRICK ? ? ? 
hydrog22 hydrog ? ? A A 11 N1 ? ? ? 1_555 A U 22 N3 ? ? B A 27 B U 38 1_555 ? ? ? ? ? ? WATSON-CRICK ? ? ? 
hydrog23 hydrog ? ? A A 11 N6 ? ? ? 1_555 A U 22 O4 ? ? B A 27 B U 38 1_555 ? ? ? ? ? ? WATSON-CRICK ? ? ? 
hydrog24 hydrog ? ? A G 12 N1 ? ? ? 1_555 A C 21 N3 ? ? B G 28 B C 37 1_555 ? ? ? ? ? ? WATSON-CRICK ? ? ? 
hydrog25 hydrog ? ? A G 12 N2 ? ? ? 1_555 A C 21 O2 ? ? B G 28 B C 37 1_555 ? ? ? ? ? ? WATSON-CRICK ? ? ? 
hydrog26 hydrog ? ? A G 12 O6 ? ? ? 1_555 A C 21 N4 ? ? B G 28 B C 37 1_555 ? ? ? ? ? ? WATSON-CRICK ? ? ? 
hydrog27 hydrog ? ? A C 13 N3 ? ? ? 1_555 A G 20 N1 ? ? B C 29 B G 36 1_555 ? ? ? ? ? ? WATSON-CRICK ? ? ? 
hydrog28 hydrog ? ? A C 13 N4 ? ? ? 1_555 A G 20 O6 ? ? B C 29 B G 36 1_555 ? ? ? ? ? ? WATSON-CRICK ? ? ? 
hydrog29 hydrog ? ? A C 13 O2 ? ? ? 1_555 A G 20 N2 ? ? B C 29 B G 36 1_555 ? ? ? ? ? ? WATSON-CRICK ? ? ? 
# 
_struct_conn_type.id          hydrog 
_struct_conn_type.criteria    ? 
_struct_conn_type.reference   ? 
# 
_struct_site.id                   AC1 
_struct_site.pdbx_evidence_code   Software 
_struct_site.pdbx_auth_asym_id    ? 
_struct_site.pdbx_auth_comp_id    ? 
_struct_site.pdbx_auth_seq_id     ? 
_struct_site.pdbx_auth_ins_code   ? 
_struct_site.pdbx_num_residues    9 
_struct_site.details              'BINDING SITE FOR RESIDUE P14 B1046' 
# 
loop_
_struct_site_gen.id 
_struct_site_gen.site_id 
_struct_site_gen.pdbx_num_res 
_struct_site_gen.label_comp_id 
_struct_site_gen.label_asym_id 
_struct_site_gen.label_seq_id 
_struct_site_gen.pdbx_auth_ins_code 
_struct_site_gen.auth_comp_id 
_struct_site_gen.auth_asym_id 
_struct_site_gen.auth_seq_id 
_struct_site_gen.label_atom_id 
_struct_site_gen.label_alt_id 
_struct_site_gen.symmetry 
_struct_site_gen.details 
1 AC1 9 A A 6  ? A B 22 . ? 1_555 ? 
2 AC1 9 U A 7  ? U B 23 . ? 1_555 ? 
3 AC1 9 G A 10 ? G B 26 . ? 1_555 ? 
4 AC1 9 A A 11 ? A B 27 . ? 1_555 ? 
5 AC1 9 G A 12 ? G B 28 . ? 1_555 ? 
6 AC1 9 A A 19 ? A B 35 . ? 1_555 ? 
7 AC1 9 G A 20 ? G B 36 . ? 1_555 ? 
8 AC1 9 C A 21 ? C B 37 . ? 1_555 ? 
9 AC1 9 U A 22 ? U B 38 . ? 1_555 ? 
# 
loop_
_pdbx_validate_rmsd_angle.id 
_pdbx_validate_rmsd_angle.PDB_model_num 
_pdbx_validate_rmsd_angle.auth_atom_id_1 
_pdbx_validate_rmsd_angle.auth_asym_id_1 
_pdbx_validate_rmsd_angle.auth_comp_id_1 
_pdbx_validate_rmsd_angle.auth_seq_id_1 
_pdbx_validate_rmsd_angle.PDB_ins_code_1 
_pdbx_validate_rmsd_angle.label_alt_id_1 
_pdbx_validate_rmsd_angle.auth_atom_id_2 
_pdbx_validate_rmsd_angle.auth_asym_id_2 
_pdbx_validate_rmsd_angle.auth_comp_id_2 
_pdbx_validate_rmsd_angle.auth_seq_id_2 
_pdbx_validate_rmsd_angle.PDB_ins_code_2 
_pdbx_validate_rmsd_angle.label_alt_id_2 
_pdbx_validate_rmsd_angle.auth_atom_id_3 
_pdbx_validate_rmsd_angle.auth_asym_id_3 
_pdbx_validate_rmsd_angle.auth_comp_id_3 
_pdbx_validate_rmsd_angle.auth_seq_id_3 
_pdbx_validate_rmsd_angle.PDB_ins_code_3 
_pdbx_validate_rmsd_angle.label_alt_id_3 
_pdbx_validate_rmsd_angle.angle_value 
_pdbx_validate_rmsd_angle.angle_target_value 
_pdbx_validate_rmsd_angle.angle_deviation 
_pdbx_validate_rmsd_angle.angle_standard_deviation 
_pdbx_validate_rmsd_angle.linker_flag 
1  1 N7 B G 17 ? ? C8 B G 17 ? ? N9 B G 17 ? ? 117.65 113.10 4.55  0.50 N 
2  1 C8 B G 17 ? ? N9 B G 17 ? ? C4 B G 17 ? ? 103.71 106.40 -2.69 0.40 N 
3  1 N7 B G 18 ? ? C8 B G 18 ? ? N9 B G 18 ? ? 117.70 113.10 4.60  0.50 N 
4  1 C8 B G 18 ? ? N9 B G 18 ? ? C4 B G 18 ? ? 103.75 106.40 -2.65 0.40 N 
5  1 N7 B A 20 ? ? C8 B A 20 ? ? N9 B A 20 ? ? 117.55 113.80 3.75  0.50 N 
6  1 N7 B G 21 ? ? C8 B G 21 ? ? N9 B G 21 ? ? 117.65 113.10 4.55  0.50 N 
7  1 C8 B G 21 ? ? N9 B G 21 ? ? C4 B G 21 ? ? 103.71 106.40 -2.69 0.40 N 
8  1 N7 B A 22 ? ? C8 B A 22 ? ? N9 B A 22 ? ? 117.52 113.80 3.72  0.50 N 
9  1 N7 B G 26 ? ? C8 B G 26 ? ? N9 B G 26 ? ? 117.57 113.10 4.47  0.50 N 
10 1 C8 B G 26 ? ? N9 B G 26 ? ? C4 B G 26 ? ? 103.74 106.40 -2.66 0.40 N 
11 1 N7 B A 27 ? ? C8 B A 27 ? ? N9 B A 27 ? ? 117.48 113.80 3.68  0.50 N 
12 1 N7 B G 28 ? ? C8 B G 28 ? ? N9 B G 28 ? ? 117.59 113.10 4.49  0.50 N 
13 1 C8 B G 28 ? ? N9 B G 28 ? ? C4 B G 28 ? ? 103.79 106.40 -2.61 0.40 N 
14 1 N7 B G 32 ? ? C8 B G 32 ? ? N9 B G 32 ? ? 117.65 113.10 4.55  0.50 N 
15 1 C8 B G 32 ? ? N9 B G 32 ? ? C4 B G 32 ? ? 103.80 106.40 -2.60 0.40 N 
16 1 N7 B G 33 ? ? C8 B G 33 ? ? N9 B G 33 ? ? 117.69 113.10 4.59  0.50 N 
17 1 C8 B G 33 ? ? N9 B G 33 ? ? C4 B G 33 ? ? 103.68 106.40 -2.72 0.40 N 
18 1 N7 B G 34 ? ? C8 B G 34 ? ? N9 B G 34 ? ? 117.65 113.10 4.55  0.50 N 
19 1 C8 B G 34 ? ? N9 B G 34 ? ? C4 B G 34 ? ? 103.74 106.40 -2.66 0.40 N 
20 1 N7 B A 35 ? ? C8 B A 35 ? ? N9 B A 35 ? ? 117.59 113.80 3.79  0.50 N 
21 1 N7 B G 36 ? ? C8 B G 36 ? ? N9 B G 36 ? ? 117.80 113.10 4.70  0.50 N 
22 1 C8 B G 36 ? ? N9 B G 36 ? ? C4 B G 36 ? ? 103.77 106.40 -2.63 0.40 N 
23 1 N7 B G 43 ? ? C8 B G 43 ? ? N9 B G 43 ? ? 117.64 113.10 4.54  0.50 N 
24 1 C8 B G 43 ? ? N9 B G 43 ? ? C4 B G 43 ? ? 103.76 106.40 -2.64 0.40 N 
# 
_pdbx_nmr_ensemble.entry_id                             1UUD 
_pdbx_nmr_ensemble.conformers_calculated_total_number   50 
_pdbx_nmr_ensemble.conformers_submitted_total_number    1 
_pdbx_nmr_ensemble.conformer_selection_criteria         'LEAST RESTRRAINT VIOLATION ENERGY' 
# 
_pdbx_nmr_representative.entry_id             1UUD 
_pdbx_nmr_representative.conformer_id         1 
_pdbx_nmr_representative.selection_criteria   ? 
# 
_pdbx_nmr_exptl_sample_conditions.conditions_id          1 
_pdbx_nmr_exptl_sample_conditions.temperature            298 
_pdbx_nmr_exptl_sample_conditions.pressure_units         atm 
_pdbx_nmr_exptl_sample_conditions.pressure               1 
_pdbx_nmr_exptl_sample_conditions.pH                     6.1 
_pdbx_nmr_exptl_sample_conditions.ionic_strength         20 
_pdbx_nmr_exptl_sample_conditions.ionic_strength_units   mM 
_pdbx_nmr_exptl_sample_conditions.pH_units               pH 
_pdbx_nmr_exptl_sample_conditions.temperature_units      K 
# 
loop_
_pdbx_nmr_exptl.experiment_id 
_pdbx_nmr_exptl.conditions_id 
_pdbx_nmr_exptl.type 
_pdbx_nmr_exptl.solution_id 
1 1 NOESY 1 
2 1 TOCSY 1 
3 1 COSY  1 
4 1 ROESY 1 
# 
_pdbx_nmr_details.entry_id   1UUD 
_pdbx_nmr_details.text       
;THE STRUCTURE WAS DETERMINED USING HOMONUCLEAR NMR SPECTROSCOPY, DETECTING INTERMOLECULAR NOES. RNA INTRAMOLECULAR RESTRAINTS WERE AS IN ABOUL-ELA ET AL, JMB 1995, AS THE NMR SPECTRA FOR THE RNA AS ABOUND BY THE LIGAND RBT203 SHOWED SIMILAR NOE AND CHEMICAL SHIFT PATTERNS TO THE LATTER
;
# 
_pdbx_nmr_refine.entry_id           1UUD 
_pdbx_nmr_refine.method             'NOE-RESTRAINED DYNAMICS' 
_pdbx_nmr_refine.details            
;REFINEMENT INCLUDED A NUMBER OF MODELLING CONSTRAINTS BASED UPON PREVIOUSLY PUBLISHED DATA, AS WELL AS FINAL GENTLE REFINEMENT STEP USING CHARMM. DETAILS CAN BE FOUND IN THE JOURNAL CITATION ABOVE
;
_pdbx_nmr_refine.software_ordinal   1 
# 
loop_
_pdbx_nmr_software.classification 
_pdbx_nmr_software.name 
_pdbx_nmr_software.version 
_pdbx_nmr_software.authors 
_pdbx_nmr_software.ordinal 
refinement           X-PLOR       ? BRUNGER 1 
'structure solution' XPLOR/CHARMM ? ?       2 
# 
loop_
_chem_comp_atom.comp_id 
_chem_comp_atom.atom_id 
_chem_comp_atom.type_symbol 
_chem_comp_atom.pdbx_aromatic_flag 
_chem_comp_atom.pdbx_stereo_config 
_chem_comp_atom.pdbx_ordinal 
A   OP3    O N N 1   
A   P      P N N 2   
A   OP1    O N N 3   
A   OP2    O N N 4   
A   "O5'"  O N N 5   
A   "C5'"  C N N 6   
A   "C4'"  C N R 7   
A   "O4'"  O N N 8   
A   "C3'"  C N S 9   
A   "O3'"  O N N 10  
A   "C2'"  C N R 11  
A   "O2'"  O N N 12  
A   "C1'"  C N R 13  
A   N9     N Y N 14  
A   C8     C Y N 15  
A   N7     N Y N 16  
A   C5     C Y N 17  
A   C6     C Y N 18  
A   N6     N N N 19  
A   N1     N Y N 20  
A   C2     C Y N 21  
A   N3     N Y N 22  
A   C4     C Y N 23  
A   HOP3   H N N 24  
A   HOP2   H N N 25  
A   "H5'"  H N N 26  
A   "H5''" H N N 27  
A   "H4'"  H N N 28  
A   "H3'"  H N N 29  
A   "HO3'" H N N 30  
A   "H2'"  H N N 31  
A   "HO2'" H N N 32  
A   "H1'"  H N N 33  
A   H8     H N N 34  
A   H61    H N N 35  
A   H62    H N N 36  
A   H2     H N N 37  
C   OP3    O N N 38  
C   P      P N N 39  
C   OP1    O N N 40  
C   OP2    O N N 41  
C   "O5'"  O N N 42  
C   "C5'"  C N N 43  
C   "C4'"  C N R 44  
C   "O4'"  O N N 45  
C   "C3'"  C N S 46  
C   "O3'"  O N N 47  
C   "C2'"  C N R 48  
C   "O2'"  O N N 49  
C   "C1'"  C N R 50  
C   N1     N N N 51  
C   C2     C N N 52  
C   O2     O N N 53  
C   N3     N N N 54  
C   C4     C N N 55  
C   N4     N N N 56  
C   C5     C N N 57  
C   C6     C N N 58  
C   HOP3   H N N 59  
C   HOP2   H N N 60  
C   "H5'"  H N N 61  
C   "H5''" H N N 62  
C   "H4'"  H N N 63  
C   "H3'"  H N N 64  
C   "HO3'" H N N 65  
C   "H2'"  H N N 66  
C   "HO2'" H N N 67  
C   "H1'"  H N N 68  
C   H41    H N N 69  
C   H42    H N N 70  
C   H5     H N N 71  
C   H6     H N N 72  
G   OP3    O N N 73  
G   P      P N N 74  
G   OP1    O N N 75  
G   OP2    O N N 76  
G   "O5'"  O N N 77  
G   "C5'"  C N N 78  
G   "C4'"  C N R 79  
G   "O4'"  O N N 80  
G   "C3'"  C N S 81  
G   "O3'"  O N N 82  
G   "C2'"  C N R 83  
G   "O2'"  O N N 84  
G   "C1'"  C N R 85  
G   N9     N Y N 86  
G   C8     C Y N 87  
G   N7     N Y N 88  
G   C5     C Y N 89  
G   C6     C N N 90  
G   O6     O N N 91  
G   N1     N N N 92  
G   C2     C N N 93  
G   N2     N N N 94  
G   N3     N N N 95  
G   C4     C Y N 96  
G   HOP3   H N N 97  
G   HOP2   H N N 98  
G   "H5'"  H N N 99  
G   "H5''" H N N 100 
G   "H4'"  H N N 101 
G   "H3'"  H N N 102 
G   "HO3'" H N N 103 
G   "H2'"  H N N 104 
G   "HO2'" H N N 105 
G   "H1'"  H N N 106 
G   H8     H N N 107 
G   H1     H N N 108 
G   H21    H N N 109 
G   H22    H N N 110 
P14 C1     C Y N 111 
P14 C2     C Y N 112 
P14 C3     C Y N 113 
P14 C4     C Y N 114 
P14 C5     C Y N 115 
P14 C6     C Y N 116 
P14 OA     O N N 117 
P14 CB     C N N 118 
P14 CG     C N N 119 
P14 ND     N N N 120 
P14 CE     C N N 121 
P14 NZ1    N N N 122 
P14 NZ2    N N N 123 
P14 CA     C N N 124 
P14 NB     N N N 125 
P14 CG1    C N N 126 
P14 CD     C N N 127 
P14 CE1    C N N 128 
P14 CZ     C N N 129 
P14 NH     N N N 130 
P14 CI     C N N 131 
P14 NJ1    N N N 132 
P14 NJ2    N N N 133 
P14 O1     O N N 134 
P14 C11    C N N 135 
P14 H3     H N N 136 
P14 H5     H N N 137 
P14 H6     H N N 138 
P14 HB1    H N N 139 
P14 HB2    H N N 140 
P14 HG1    H N N 141 
P14 HG2    H N N 142 
P14 HD     H N N 143 
P14 HZ11   H N N 144 
P14 HZ12   H N N 145 
P14 HZ21   H N N 146 
P14 HZ22   H N N 147 
P14 HA1    H N N 148 
P14 HA2    H N N 149 
P14 HB11   H N N 150 
P14 HG11   H N N 151 
P14 HG12   H N N 152 
P14 HD1    H N N 153 
P14 HD2    H N N 154 
P14 HE1    H N N 155 
P14 HE2    H N N 156 
P14 HZ1    H N N 157 
P14 HZ2    H N N 158 
P14 HH     H N N 159 
P14 HJ11   H N N 160 
P14 HJ12   H N N 161 
P14 HJ21   H N N 162 
P14 HJ22   H N N 163 
P14 H11    H N N 164 
P14 H12    H N N 165 
P14 H13    H N N 166 
U   OP3    O N N 167 
U   P      P N N 168 
U   OP1    O N N 169 
U   OP2    O N N 170 
U   "O5'"  O N N 171 
U   "C5'"  C N N 172 
U   "C4'"  C N R 173 
U   "O4'"  O N N 174 
U   "C3'"  C N S 175 
U   "O3'"  O N N 176 
U   "C2'"  C N R 177 
U   "O2'"  O N N 178 
U   "C1'"  C N R 179 
U   N1     N N N 180 
U   C2     C N N 181 
U   O2     O N N 182 
U   N3     N N N 183 
U   C4     C N N 184 
U   O4     O N N 185 
U   C5     C N N 186 
U   C6     C N N 187 
U   HOP3   H N N 188 
U   HOP2   H N N 189 
U   "H5'"  H N N 190 
U   "H5''" H N N 191 
U   "H4'"  H N N 192 
U   "H3'"  H N N 193 
U   "HO3'" H N N 194 
U   "H2'"  H N N 195 
U   "HO2'" H N N 196 
U   "H1'"  H N N 197 
U   H3     H N N 198 
U   H5     H N N 199 
U   H6     H N N 200 
# 
loop_
_chem_comp_bond.comp_id 
_chem_comp_bond.atom_id_1 
_chem_comp_bond.atom_id_2 
_chem_comp_bond.value_order 
_chem_comp_bond.pdbx_aromatic_flag 
_chem_comp_bond.pdbx_stereo_config 
_chem_comp_bond.pdbx_ordinal 
A   OP3   P      sing N N 1   
A   OP3   HOP3   sing N N 2   
A   P     OP1    doub N N 3   
A   P     OP2    sing N N 4   
A   P     "O5'"  sing N N 5   
A   OP2   HOP2   sing N N 6   
A   "O5'" "C5'"  sing N N 7   
A   "C5'" "C4'"  sing N N 8   
A   "C5'" "H5'"  sing N N 9   
A   "C5'" "H5''" sing N N 10  
A   "C4'" "O4'"  sing N N 11  
A   "C4'" "C3'"  sing N N 12  
A   "C4'" "H4'"  sing N N 13  
A   "O4'" "C1'"  sing N N 14  
A   "C3'" "O3'"  sing N N 15  
A   "C3'" "C2'"  sing N N 16  
A   "C3'" "H3'"  sing N N 17  
A   "O3'" "HO3'" sing N N 18  
A   "C2'" "O2'"  sing N N 19  
A   "C2'" "C1'"  sing N N 20  
A   "C2'" "H2'"  sing N N 21  
A   "O2'" "HO2'" sing N N 22  
A   "C1'" N9     sing N N 23  
A   "C1'" "H1'"  sing N N 24  
A   N9    C8     sing Y N 25  
A   N9    C4     sing Y N 26  
A   C8    N7     doub Y N 27  
A   C8    H8     sing N N 28  
A   N7    C5     sing Y N 29  
A   C5    C6     sing Y N 30  
A   C5    C4     doub Y N 31  
A   C6    N6     sing N N 32  
A   C6    N1     doub Y N 33  
A   N6    H61    sing N N 34  
A   N6    H62    sing N N 35  
A   N1    C2     sing Y N 36  
A   C2    N3     doub Y N 37  
A   C2    H2     sing N N 38  
A   N3    C4     sing Y N 39  
C   OP3   P      sing N N 40  
C   OP3   HOP3   sing N N 41  
C   P     OP1    doub N N 42  
C   P     OP2    sing N N 43  
C   P     "O5'"  sing N N 44  
C   OP2   HOP2   sing N N 45  
C   "O5'" "C5'"  sing N N 46  
C   "C5'" "C4'"  sing N N 47  
C   "C5'" "H5'"  sing N N 48  
C   "C5'" "H5''" sing N N 49  
C   "C4'" "O4'"  sing N N 50  
C   "C4'" "C3'"  sing N N 51  
C   "C4'" "H4'"  sing N N 52  
C   "O4'" "C1'"  sing N N 53  
C   "C3'" "O3'"  sing N N 54  
C   "C3'" "C2'"  sing N N 55  
C   "C3'" "H3'"  sing N N 56  
C   "O3'" "HO3'" sing N N 57  
C   "C2'" "O2'"  sing N N 58  
C   "C2'" "C1'"  sing N N 59  
C   "C2'" "H2'"  sing N N 60  
C   "O2'" "HO2'" sing N N 61  
C   "C1'" N1     sing N N 62  
C   "C1'" "H1'"  sing N N 63  
C   N1    C2     sing N N 64  
C   N1    C6     sing N N 65  
C   C2    O2     doub N N 66  
C   C2    N3     sing N N 67  
C   N3    C4     doub N N 68  
C   C4    N4     sing N N 69  
C   C4    C5     sing N N 70  
C   N4    H41    sing N N 71  
C   N4    H42    sing N N 72  
C   C5    C6     doub N N 73  
C   C5    H5     sing N N 74  
C   C6    H6     sing N N 75  
G   OP3   P      sing N N 76  
G   OP3   HOP3   sing N N 77  
G   P     OP1    doub N N 78  
G   P     OP2    sing N N 79  
G   P     "O5'"  sing N N 80  
G   OP2   HOP2   sing N N 81  
G   "O5'" "C5'"  sing N N 82  
G   "C5'" "C4'"  sing N N 83  
G   "C5'" "H5'"  sing N N 84  
G   "C5'" "H5''" sing N N 85  
G   "C4'" "O4'"  sing N N 86  
G   "C4'" "C3'"  sing N N 87  
G   "C4'" "H4'"  sing N N 88  
G   "O4'" "C1'"  sing N N 89  
G   "C3'" "O3'"  sing N N 90  
G   "C3'" "C2'"  sing N N 91  
G   "C3'" "H3'"  sing N N 92  
G   "O3'" "HO3'" sing N N 93  
G   "C2'" "O2'"  sing N N 94  
G   "C2'" "C1'"  sing N N 95  
G   "C2'" "H2'"  sing N N 96  
G   "O2'" "HO2'" sing N N 97  
G   "C1'" N9     sing N N 98  
G   "C1'" "H1'"  sing N N 99  
G   N9    C8     sing Y N 100 
G   N9    C4     sing Y N 101 
G   C8    N7     doub Y N 102 
G   C8    H8     sing N N 103 
G   N7    C5     sing Y N 104 
G   C5    C6     sing N N 105 
G   C5    C4     doub Y N 106 
G   C6    O6     doub N N 107 
G   C6    N1     sing N N 108 
G   N1    C2     sing N N 109 
G   N1    H1     sing N N 110 
G   C2    N2     sing N N 111 
G   C2    N3     doub N N 112 
G   N2    H21    sing N N 113 
G   N2    H22    sing N N 114 
G   N3    C4     sing N N 115 
P14 C1    C2     doub Y N 116 
P14 C1    C6     sing Y N 117 
P14 C1    OA     sing N N 118 
P14 C2    C3     sing Y N 119 
P14 C2    CA     sing N N 120 
P14 C3    C4     doub Y N 121 
P14 C3    H3     sing N N 122 
P14 C4    C5     sing Y N 123 
P14 C4    O1     sing N N 124 
P14 C5    C6     doub Y N 125 
P14 C5    H5     sing N N 126 
P14 C6    H6     sing N N 127 
P14 OA    CB     sing N N 128 
P14 CB    CG     sing N N 129 
P14 CB    HB1    sing N N 130 
P14 CB    HB2    sing N N 131 
P14 CG    ND     sing N N 132 
P14 CG    HG1    sing N N 133 
P14 CG    HG2    sing N N 134 
P14 ND    CE     sing N N 135 
P14 ND    HD     sing N N 136 
P14 CE    NZ1    doub N N 137 
P14 CE    NZ2    sing N N 138 
P14 NZ1   HZ11   sing N N 139 
P14 NZ1   HZ12   sing N N 140 
P14 NZ2   HZ21   sing N N 141 
P14 NZ2   HZ22   sing N N 142 
P14 CA    NB     sing N N 143 
P14 CA    HA1    sing N N 144 
P14 CA    HA2    sing N N 145 
P14 NB    CG1    sing N N 146 
P14 NB    HB11   sing N N 147 
P14 CG1   CD     sing N N 148 
P14 CG1   HG11   sing N N 149 
P14 CG1   HG12   sing N N 150 
P14 CD    CE1    sing N N 151 
P14 CD    HD1    sing N N 152 
P14 CD    HD2    sing N N 153 
P14 CE1   CZ     sing N N 154 
P14 CE1   HE1    sing N N 155 
P14 CE1   HE2    sing N N 156 
P14 CZ    NH     sing N N 157 
P14 CZ    HZ1    sing N N 158 
P14 CZ    HZ2    sing N N 159 
P14 NH    CI     sing N N 160 
P14 NH    HH     sing N N 161 
P14 CI    NJ1    doub N N 162 
P14 CI    NJ2    sing N N 163 
P14 NJ1   HJ11   sing N N 164 
P14 NJ1   HJ12   sing N N 165 
P14 NJ2   HJ21   sing N N 166 
P14 NJ2   HJ22   sing N N 167 
P14 O1    C11    sing N N 168 
P14 C11   H11    sing N N 169 
P14 C11   H12    sing N N 170 
P14 C11   H13    sing N N 171 
U   OP3   P      sing N N 172 
U   OP3   HOP3   sing N N 173 
U   P     OP1    doub N N 174 
U   P     OP2    sing N N 175 
U   P     "O5'"  sing N N 176 
U   OP2   HOP2   sing N N 177 
U   "O5'" "C5'"  sing N N 178 
U   "C5'" "C4'"  sing N N 179 
U   "C5'" "H5'"  sing N N 180 
U   "C5'" "H5''" sing N N 181 
U   "C4'" "O4'"  sing N N 182 
U   "C4'" "C3'"  sing N N 183 
U   "C4'" "H4'"  sing N N 184 
U   "O4'" "C1'"  sing N N 185 
U   "C3'" "O3'"  sing N N 186 
U   "C3'" "C2'"  sing N N 187 
U   "C3'" "H3'"  sing N N 188 
U   "O3'" "HO3'" sing N N 189 
U   "C2'" "O2'"  sing N N 190 
U   "C2'" "C1'"  sing N N 191 
U   "C2'" "H2'"  sing N N 192 
U   "O2'" "HO2'" sing N N 193 
U   "C1'" N1     sing N N 194 
U   "C1'" "H1'"  sing N N 195 
U   N1    C2     sing N N 196 
U   N1    C6     sing N N 197 
U   C2    O2     doub N N 198 
U   C2    N3     sing N N 199 
U   N3    C4     sing N N 200 
U   N3    H3     sing N N 201 
U   C4    O4     doub N N 202 
U   C4    C5     sing N N 203 
U   C5    C6     doub N N 204 
U   C5    H5     sing N N 205 
U   C6    H6     sing N N 206 
# 
loop_
_ndb_struct_conf_na.entry_id 
_ndb_struct_conf_na.feature 
1UUD 'double helix'        
1UUD 'a-form double helix' 
1UUD 'hairpin loop'        
1UUD 'bulge loop'          
# 
loop_
_ndb_struct_na_base_pair.model_number 
_ndb_struct_na_base_pair.i_label_asym_id 
_ndb_struct_na_base_pair.i_label_comp_id 
_ndb_struct_na_base_pair.i_label_seq_id 
_ndb_struct_na_base_pair.i_symmetry 
_ndb_struct_na_base_pair.j_label_asym_id 
_ndb_struct_na_base_pair.j_label_comp_id 
_ndb_struct_na_base_pair.j_label_seq_id 
_ndb_struct_na_base_pair.j_symmetry 
_ndb_struct_na_base_pair.shear 
_ndb_struct_na_base_pair.stretch 
_ndb_struct_na_base_pair.stagger 
_ndb_struct_na_base_pair.buckle 
_ndb_struct_na_base_pair.propeller 
_ndb_struct_na_base_pair.opening 
_ndb_struct_na_base_pair.pair_number 
_ndb_struct_na_base_pair.pair_name 
_ndb_struct_na_base_pair.i_auth_asym_id 
_ndb_struct_na_base_pair.i_auth_seq_id 
_ndb_struct_na_base_pair.i_PDB_ins_code 
_ndb_struct_na_base_pair.j_auth_asym_id 
_ndb_struct_na_base_pair.j_auth_seq_id 
_ndb_struct_na_base_pair.j_PDB_ins_code 
_ndb_struct_na_base_pair.hbond_type_28 
_ndb_struct_na_base_pair.hbond_type_12 
1 A G 1  1_555 A C 29 1_555 -2.015 -0.548 0.129  -0.440  -3.530 -1.968  1  B_G17:C45_B B 17 ? B 45 ? 19 1 
1 A G 2  1_555 A C 28 1_555 -0.992 -0.458 -0.197 -3.510  -2.042 -7.224  2  B_G18:C44_B B 18 ? B 44 ? 19 1 
1 A C 3  1_555 A G 27 1_555 0.764  -0.386 -0.015 -4.468  -2.513 -4.291  3  B_C19:G43_B B 19 ? B 43 ? 19 1 
1 A A 4  1_555 A U 26 1_555 -0.628 -0.302 0.374  -3.618  -4.694 7.958   4  B_A20:U42_B B 20 ? B 42 ? 20 1 
1 A G 5  1_555 A C 25 1_555 0.208  -0.114 -0.899 -18.940 -3.276 -8.710  5  B_G21:C41_B B 21 ? B 41 ? 19 1 
1 A A 6  1_555 A U 24 1_555 1.072  0.161  -0.508 -12.122 15.850 -23.036 6  B_A22:U40_B B 22 ? B 40 ? 20 1 
1 A G 10 1_555 A C 23 1_555 -0.557 -0.125 -0.948 -35.292 -3.507 -3.222  7  B_G26:C39_B B 26 ? B 39 ? 19 1 
1 A A 11 1_555 A U 22 1_555 0.319  0.106  0.311  -8.287  -2.046 -10.465 8  B_A27:U38_B B 27 ? B 38 ? 20 1 
1 A G 12 1_555 A C 21 1_555 -0.289 -0.246 -0.469 -6.827  5.164  -2.394  9  B_G28:C37_B B 28 ? B 37 ? 19 1 
1 A C 13 1_555 A G 20 1_555 1.266  -0.480 -0.044 -11.437 -0.109 -5.385  10 B_C29:G36_B B 29 ? B 36 ? 19 1 
# 
loop_
_ndb_struct_na_base_pair_step.model_number 
_ndb_struct_na_base_pair_step.i_label_asym_id_1 
_ndb_struct_na_base_pair_step.i_label_comp_id_1 
_ndb_struct_na_base_pair_step.i_label_seq_id_1 
_ndb_struct_na_base_pair_step.i_symmetry_1 
_ndb_struct_na_base_pair_step.j_label_asym_id_1 
_ndb_struct_na_base_pair_step.j_label_comp_id_1 
_ndb_struct_na_base_pair_step.j_label_seq_id_1 
_ndb_struct_na_base_pair_step.j_symmetry_1 
_ndb_struct_na_base_pair_step.i_label_asym_id_2 
_ndb_struct_na_base_pair_step.i_label_comp_id_2 
_ndb_struct_na_base_pair_step.i_label_seq_id_2 
_ndb_struct_na_base_pair_step.i_symmetry_2 
_ndb_struct_na_base_pair_step.j_label_asym_id_2 
_ndb_struct_na_base_pair_step.j_label_comp_id_2 
_ndb_struct_na_base_pair_step.j_label_seq_id_2 
_ndb_struct_na_base_pair_step.j_symmetry_2 
_ndb_struct_na_base_pair_step.shift 
_ndb_struct_na_base_pair_step.slide 
_ndb_struct_na_base_pair_step.rise 
_ndb_struct_na_base_pair_step.tilt 
_ndb_struct_na_base_pair_step.roll 
_ndb_struct_na_base_pair_step.twist 
_ndb_struct_na_base_pair_step.x_displacement 
_ndb_struct_na_base_pair_step.y_displacement 
_ndb_struct_na_base_pair_step.helical_rise 
_ndb_struct_na_base_pair_step.inclination 
_ndb_struct_na_base_pair_step.tip 
_ndb_struct_na_base_pair_step.helical_twist 
_ndb_struct_na_base_pair_step.step_number 
_ndb_struct_na_base_pair_step.step_name 
_ndb_struct_na_base_pair_step.i_auth_asym_id_1 
_ndb_struct_na_base_pair_step.i_auth_seq_id_1 
_ndb_struct_na_base_pair_step.i_PDB_ins_code_1 
_ndb_struct_na_base_pair_step.j_auth_asym_id_1 
_ndb_struct_na_base_pair_step.j_auth_seq_id_1 
_ndb_struct_na_base_pair_step.j_PDB_ins_code_1 
_ndb_struct_na_base_pair_step.i_auth_asym_id_2 
_ndb_struct_na_base_pair_step.i_auth_seq_id_2 
_ndb_struct_na_base_pair_step.i_PDB_ins_code_2 
_ndb_struct_na_base_pair_step.j_auth_asym_id_2 
_ndb_struct_na_base_pair_step.j_auth_seq_id_2 
_ndb_struct_na_base_pair_step.j_PDB_ins_code_2 
1 A G 1  1_555 A C 29 1_555 A G 2  1_555 A C 28 1_555 -1.003 -1.165 3.794 -1.732 -1.383  39.762 -1.522 1.238  3.869 -2.032  2.544  
39.822 1 BB_G17G18:C44C45_BB B 17 ? B 45 ? B 18 ? B 44 ? 
1 A G 2  1_555 A C 28 1_555 A C 3  1_555 A G 27 1_555 -0.198 -1.078 3.498 -1.428 17.427  41.598 -3.003 0.128  2.854 23.338  1.913  
44.973 2 BB_G18C19:G43C44_BB B 18 ? B 44 ? B 19 ? B 43 ? 
1 A C 3  1_555 A G 27 1_555 A A 4  1_555 A U 26 1_555 1.270  -1.930 2.794 -4.203 13.517  24.470 -6.095 -3.269 1.332 28.996  9.017  
28.216 3 BB_C19A20:U42G43_BB B 19 ? B 43 ? B 20 ? B 42 ? 
1 A A 4  1_555 A U 26 1_555 A G 5  1_555 A C 25 1_555 0.260  -1.478 3.713 6.217  19.309  39.373 -3.874 0.267  2.746 26.624  -8.573 
44.106 4 BB_A20G21:C41U42_BB B 20 ? B 42 ? B 21 ? B 41 ? 
1 A G 5  1_555 A C 25 1_555 A A 6  1_555 A U 24 1_555 -1.033 -1.893 3.426 -1.261 -0.987  35.971 -2.914 1.482  3.508 -1.596  2.041  
36.005 5 BB_G21A22:U40C41_BB B 21 ? B 41 ? B 22 ? B 40 ? 
1 A A 6  1_555 A U 24 1_555 A G 10 1_555 A C 23 1_555 -0.872 -1.577 5.279 7.098  24.701  41.382 -4.777 1.884  3.657 31.569  -9.072 
48.414 6 BB_A22G26:C39U40_BB B 22 ? B 40 ? B 26 ? B 39 ? 
1 A G 10 1_555 A C 23 1_555 A A 11 1_555 A U 22 1_555 -0.048 -0.952 2.800 -5.108 -1.921  39.323 -1.208 -0.444 2.826 -2.839  7.546  
39.685 7 BB_G26A27:U38C39_BB B 26 ? B 39 ? B 27 ? B 38 ? 
1 A A 11 1_555 A U 22 1_555 A G 12 1_555 A C 21 1_555 -0.137 -2.407 3.972 -1.837 -14.597 18.975 1.160  -0.547 4.616 -37.770 4.754  
23.969 8 BB_A27G28:C37U38_BB B 27 ? B 38 ? B 28 ? B 37 ? 
1 A G 12 1_555 A C 21 1_555 A C 13 1_555 A G 20 1_555 -0.173 -1.564 3.304 0.834  29.363  42.489 -3.598 0.250  1.911 35.866  -1.019 
51.265 9 BB_G28C29:G36C37_BB B 28 ? B 37 ? B 29 ? B 36 ? 
# 
loop_
_pdbx_nmr_spectrometer.spectrometer_id 
_pdbx_nmr_spectrometer.model 
_pdbx_nmr_spectrometer.manufacturer 
_pdbx_nmr_spectrometer.field_strength 
1 DRX Bruker 800 
2 DRX Bruker 600 
3 DMX Bruker 600 
4 AMX Bruker 500 
# 
_atom_sites.entry_id                    1UUD 
_atom_sites.fract_transf_matrix[1][1]   1.000000 
_atom_sites.fract_transf_matrix[1][2]   0.000000 
_atom_sites.fract_transf_matrix[1][3]   0.000000 
_atom_sites.fract_transf_matrix[2][1]   0.000000 
_atom_sites.fract_transf_matrix[2][2]   1.000000 
_atom_sites.fract_transf_matrix[2][3]   0.000000 
_atom_sites.fract_transf_matrix[3][1]   0.000000 
_atom_sites.fract_transf_matrix[3][2]   0.000000 
_atom_sites.fract_transf_matrix[3][3]   1.000000 
_atom_sites.fract_transf_vector[1]      0.00000 
_atom_sites.fract_transf_vector[2]      0.00000 
_atom_sites.fract_transf_vector[3]      0.00000 
# 
loop_
_atom_type.symbol 
C 
H 
N 
O 
P 
# 
loop_
_atom_site.group_PDB 
_atom_site.id 
_atom_site.type_symbol 
_atom_site.label_atom_id 
_atom_site.label_alt_id 
_atom_site.label_comp_id 
_atom_site.label_asym_id 
_atom_site.label_entity_id 
_atom_site.label_seq_id 
_atom_site.pdbx_PDB_ins_code 
_atom_site.Cartn_x 
_atom_site.Cartn_y 
_atom_site.Cartn_z 
_atom_site.occupancy 
_atom_site.B_iso_or_equiv 
_atom_site.pdbx_formal_charge 
_atom_site.auth_seq_id 
_atom_site.auth_comp_id 
_atom_site.auth_asym_id 
_atom_site.auth_atom_id 
_atom_site.pdbx_PDB_model_num 
ATOM   1   O "O5'"  . G   A 1 1  ? 15.202  -0.562  2.772   1.00 0.00 ? 17   G   B "O5'"  1 
ATOM   2   C "C5'"  . G   A 1 1  ? 15.151  0.704   3.444   1.00 0.00 ? 17   G   B "C5'"  1 
ATOM   3   C "C4'"  . G   A 1 1  ? 15.719  1.832   2.598   1.00 0.00 ? 17   G   B "C4'"  1 
ATOM   4   O "O4'"  . G   A 1 1  ? 17.108  1.625   2.310   1.00 0.00 ? 17   G   B "O4'"  1 
ATOM   5   C "C3'"  . G   A 1 1  ? 15.019  1.913   1.249   1.00 0.00 ? 17   G   B "C3'"  1 
ATOM   6   O "O3'"  . G   A 1 1  ? 13.959  2.871   1.356   1.00 0.00 ? 17   G   B "O3'"  1 
ATOM   7   C "C2'"  . G   A 1 1  ? 16.097  2.466   0.338   1.00 0.00 ? 17   G   B "C2'"  1 
ATOM   8   O "O2'"  . G   A 1 1  ? 16.153  3.896   0.396   1.00 0.00 ? 17   G   B "O2'"  1 
ATOM   9   C "C1'"  . G   A 1 1  ? 17.358  1.832   0.911   1.00 0.00 ? 17   G   B "C1'"  1 
ATOM   10  N N9     . G   A 1 1  ? 17.668  0.553   0.241   1.00 0.00 ? 17   G   B N9     1 
ATOM   11  C C8     . G   A 1 1  ? 17.705  -0.702  0.754   1.00 0.00 ? 17   G   B C8     1 
ATOM   12  N N7     . G   A 1 1  ? 18.025  -1.666  -0.043  1.00 0.00 ? 17   G   B N7     1 
ATOM   13  C C5     . G   A 1 1  ? 18.232  -0.985  -1.246  1.00 0.00 ? 17   G   B C5     1 
ATOM   14  C C6     . G   A 1 1  ? 18.611  -1.487  -2.521  1.00 0.00 ? 17   G   B C6     1 
ATOM   15  O O6     . G   A 1 1  ? 18.845  -2.636  -2.841  1.00 0.00 ? 17   G   B O6     1 
ATOM   16  N N1     . G   A 1 1  ? 18.708  -0.468  -3.461  1.00 0.00 ? 17   G   B N1     1 
ATOM   17  C C2     . G   A 1 1  ? 18.472  0.869   -3.211  1.00 0.00 ? 17   G   B C2     1 
ATOM   18  N N2     . G   A 1 1  ? 18.610  1.695   -4.249  1.00 0.00 ? 17   G   B N2     1 
ATOM   19  N N3     . G   A 1 1  ? 18.116  1.350   -2.014  1.00 0.00 ? 17   G   B N3     1 
ATOM   20  C C4     . G   A 1 1  ? 18.014  0.375   -1.082  1.00 0.00 ? 17   G   B C4     1 
ATOM   21  H "H5'"  . G   A 1 1  ? 15.745  0.656   4.345   1.00 0.00 ? 17   G   B "H5'"  1 
ATOM   22  H "H5''" . G   A 1 1  ? 14.104  0.918   3.702   1.00 0.00 ? 17   G   B "H5''" 1 
ATOM   23  H "H4'"  . G   A 1 1  ? 15.601  2.777   3.127   1.00 0.00 ? 17   G   B "H4'"  1 
ATOM   24  H "H3'"  . G   A 1 1  ? 14.662  0.939   0.917   1.00 0.00 ? 17   G   B "H3'"  1 
ATOM   25  H "HO2'" . G   A 1 1  ? 15.258  4.212   0.532   1.00 0.00 ? 17   G   B "HO2'" 1 
ATOM   26  H "H1'"  . G   A 1 1  ? 18.197  2.517   0.790   1.00 0.00 ? 17   G   B "H1'"  1 
ATOM   27  H H8     . G   A 1 1  ? 17.472  -0.890  1.801   1.00 0.00 ? 17   G   B H8     1 
ATOM   28  H H1     . G   A 1 1  ? 18.975  -0.749  -4.393  1.00 0.00 ? 17   G   B H1     1 
ATOM   29  H H21    . G   A 1 1  ? 18.877  1.330   -5.152  1.00 0.00 ? 17   G   B H21    1 
ATOM   30  H H22    . G   A 1 1  ? 18.446  2.684   -4.132  1.00 0.00 ? 17   G   B H22    1 
ATOM   31  H "HO5'" . G   A 1 1  ? 14.397  -1.036  2.994   1.00 0.00 ? 17   G   B "HO5'" 1 
ATOM   32  P P      . G   A 1 2  ? 12.624  2.730   0.465   1.00 0.00 ? 18   G   B P      1 
ATOM   33  O OP1    . G   A 1 2  ? 11.656  3.755   0.915   1.00 0.00 ? 18   G   B OP1    1 
ATOM   34  O OP2    . G   A 1 2  ? 12.230  1.303   0.444   1.00 0.00 ? 18   G   B OP2    1 
ATOM   35  O "O5'"  . G   A 1 2  ? 13.133  3.131   -1.010  1.00 0.00 ? 18   G   B "O5'"  1 
ATOM   36  C "C5'"  . G   A 1 2  ? 13.245  4.514   -1.379  1.00 0.00 ? 18   G   B "C5'"  1 
ATOM   37  C "C4'"  . G   A 1 2  ? 13.677  4.702   -2.827  1.00 0.00 ? 18   G   B "C4'"  1 
ATOM   38  O "O4'"  . G   A 1 2  ? 14.951  4.100   -3.070  1.00 0.00 ? 18   G   B "O4'"  1 
ATOM   39  C "C3'"  . G   A 1 2  ? 12.717  4.023   -3.791  1.00 0.00 ? 18   G   B "C3'"  1 
ATOM   40  O "O3'"  . G   A 1 2  ? 11.721  4.969   -4.188  1.00 0.00 ? 18   G   B "O3'"  1 
ATOM   41  C "C2'"  . G   A 1 2  ? 13.604  3.729   -4.984  1.00 0.00 ? 18   G   B "C2'"  1 
ATOM   42  O "O2'"  . G   A 1 2  ? 13.737  4.873   -5.836  1.00 0.00 ? 18   G   B "O2'"  1 
ATOM   43  C "C1'"  . G   A 1 2  ? 14.925  3.374   -4.313  1.00 0.00 ? 18   G   B "C1'"  1 
ATOM   44  N N9     . G   A 1 2  ? 15.011  1.922   -4.079  1.00 0.00 ? 18   G   B N9     1 
ATOM   45  C C8     . G   A 1 2  ? 14.821  1.217   -2.938  1.00 0.00 ? 18   G   B C8     1 
ATOM   46  N N7     . G   A 1 2  ? 14.949  -0.065  -2.997  1.00 0.00 ? 18   G   B N7     1 
ATOM   47  C C5     . G   A 1 2  ? 15.265  -0.257  -4.345  1.00 0.00 ? 18   G   B C5     1 
ATOM   48  C C6     . G   A 1 2  ? 15.528  -1.459  -5.054  1.00 0.00 ? 18   G   B C6     1 
ATOM   49  O O6     . G   A 1 2  ? 15.537  -2.598  -4.631  1.00 0.00 ? 18   G   B O6     1 
ATOM   50  N N1     . G   A 1 2  ? 15.799  -1.210  -6.394  1.00 0.00 ? 18   G   B N1     1 
ATOM   51  C C2     . G   A 1 2  ? 15.816  0.039   -6.984  1.00 0.00 ? 18   G   B C2     1 
ATOM   52  N N2     . G   A 1 2  ? 16.100  0.072   -8.286  1.00 0.00 ? 18   G   B N2     1 
ATOM   53  N N3     . G   A 1 2  ? 15.570  1.173   -6.322  1.00 0.00 ? 18   G   B N3     1 
ATOM   54  C C4     . G   A 1 2  ? 15.303  0.956   -5.015  1.00 0.00 ? 18   G   B C4     1 
ATOM   55  H "H5'"  . G   A 1 2  ? 13.997  4.989   -0.764  1.00 0.00 ? 18   G   B "H5'"  1 
ATOM   56  H "H5''" . G   A 1 2  ? 12.272  4.998   -1.212  1.00 0.00 ? 18   G   B "H5''" 1 
ATOM   57  H "H4'"  . G   A 1 2  ? 13.734  5.765   -3.054  1.00 0.00 ? 18   G   B "H4'"  1 
ATOM   58  H "H3'"  . G   A 1 2  ? 12.284  3.116   -3.367  1.00 0.00 ? 18   G   B "H3'"  1 
ATOM   59  H "H2'"  . G   A 1 2  ? 13.221  2.868   -5.536  1.00 0.00 ? 18   G   B "H2'"  1 
ATOM   60  H "HO2'" . G   A 1 2  ? 14.224  4.594   -6.615  1.00 0.00 ? 18   G   B "HO2'" 1 
ATOM   61  H "H1'"  . G   A 1 2  ? 15.756  3.695   -4.941  1.00 0.00 ? 18   G   B "H1'"  1 
ATOM   62  H H8     . G   A 1 2  ? 14.552  1.714   -2.007  1.00 0.00 ? 18   G   B H8     1 
ATOM   63  H H1     . G   A 1 2  ? 15.993  -2.019  -6.963  1.00 0.00 ? 18   G   B H1     1 
ATOM   64  H H21    . G   A 1 2  ? 16.285  -0.787  -8.784  1.00 0.00 ? 18   G   B H21    1 
ATOM   65  H H22    . G   A 1 2  ? 16.129  0.955   -8.774  1.00 0.00 ? 18   G   B H22    1 
ATOM   66  P P      . C   A 1 3  ? 10.228  4.482   -4.545  1.00 0.00 ? 19   C   B P      1 
ATOM   67  O OP1    . C   A 1 3  ? 9.397   5.680   -4.797  1.00 0.00 ? 19   C   B OP1    1 
ATOM   68  O OP2    . C   A 1 3  ? 9.808   3.493   -3.527  1.00 0.00 ? 19   C   B OP2    1 
ATOM   69  O "O5'"  . C   A 1 3  ? 10.433  3.708   -5.943  1.00 0.00 ? 19   C   B "O5'"  1 
ATOM   70  C "C5'"  . C   A 1 3  ? 10.446  4.433   -7.176  1.00 0.00 ? 19   C   B "C5'"  1 
ATOM   71  C "C4'"  . C   A 1 3  ? 10.564  3.501   -8.379  1.00 0.00 ? 19   C   B "C4'"  1 
ATOM   72  O "O4'"  . C   A 1 3  ? 11.771  2.731   -8.326  1.00 0.00 ? 19   C   B "O4'"  1 
ATOM   73  C "C3'"  . C   A 1 3  ? 9.433   2.485   -8.404  1.00 0.00 ? 19   C   B "C3'"  1 
ATOM   74  O "O3'"  . C   A 1 3  ? 8.371   3.004   -9.209  1.00 0.00 ? 19   C   B "O3'"  1 
ATOM   75  C "C2'"  . C   A 1 3  ? 10.052  1.307   -9.132  1.00 0.00 ? 19   C   B "C2'"  1 
ATOM   76  O "O2'"  . C   A 1 3  ? 9.962   1.462   -10.553 1.00 0.00 ? 19   C   B "O2'"  1 
ATOM   77  C "C1'"  . C   A 1 3  ? 11.499  1.358   -8.655  1.00 0.00 ? 19   C   B "C1'"  1 
ATOM   78  N N1     . C   A 1 3  ? 11.697  0.482   -7.484  1.00 0.00 ? 19   C   B N1     1 
ATOM   79  C C2     . C   A 1 3  ? 11.914  -0.869  -7.719  1.00 0.00 ? 19   C   B C2     1 
ATOM   80  O O2     . C   A 1 3  ? 11.922  -1.301  -8.856  1.00 0.00 ? 19   C   B O2     1 
ATOM   81  N N3     . C   A 1 3  ? 12.106  -1.686  -6.648  1.00 0.00 ? 19   C   B N3     1 
ATOM   82  C C4     . C   A 1 3  ? 12.087  -1.201  -5.399  1.00 0.00 ? 19   C   B C4     1 
ATOM   83  N N4     . C   A 1 3  ? 12.283  -2.031  -4.373  1.00 0.00 ? 19   C   B N4     1 
ATOM   84  C C5     . C   A 1 3  ? 11.861  0.189   -5.152  1.00 0.00 ? 19   C   B C5     1 
ATOM   85  C C6     . C   A 1 3  ? 11.672  0.991   -6.218  1.00 0.00 ? 19   C   B C6     1 
ATOM   86  H "H5'"  . C   A 1 3  ? 11.292  5.120   -7.174  1.00 0.00 ? 19   C   B "H5'"  1 
ATOM   87  H "H5''" . C   A 1 3  ? 9.523   5.006   -7.260  1.00 0.00 ? 19   C   B "H5''" 1 
ATOM   88  H "H4'"  . C   A 1 3  ? 10.551  4.086   -9.297  1.00 0.00 ? 19   C   B "H4'"  1 
ATOM   89  H "H3'"  . C   A 1 3  ? 9.100   2.217   -7.401  1.00 0.00 ? 19   C   B "H3'"  1 
ATOM   90  H "H2'"  . C   A 1 3  ? 9.582   0.376   -8.809  1.00 0.00 ? 19   C   B "H2'"  1 
ATOM   91  H "HO2'" . C   A 1 3  ? 10.852  1.388   -10.905 1.00 0.00 ? 19   C   B "HO2'" 1 
ATOM   92  H "H1'"  . C   A 1 3  ? 12.158  1.040   -9.462  1.00 0.00 ? 19   C   B "H1'"  1 
ATOM   93  H H41    . C   A 1 3  ? 12.443  -3.013  -4.542  1.00 0.00 ? 19   C   B H41    1 
ATOM   94  H H42    . C   A 1 3  ? 12.274  -1.677  -3.427  1.00 0.00 ? 19   C   B H42    1 
ATOM   95  H H5     . C   A 1 3  ? 11.843  0.587   -4.137  1.00 0.00 ? 19   C   B H5     1 
ATOM   96  H H6     . C   A 1 3  ? 11.492  2.055   -6.068  1.00 0.00 ? 19   C   B H6     1 
ATOM   97  P P      . A   A 1 4  ? 6.886   2.395   -9.088  1.00 0.00 ? 20   A   B P      1 
ATOM   98  O OP1    . A   A 1 4  ? 6.064   2.956   -10.183 1.00 0.00 ? 20   A   B OP1    1 
ATOM   99  O OP2    . A   A 1 4  ? 6.441   2.536   -7.684  1.00 0.00 ? 20   A   B OP2    1 
ATOM   100 O "O5'"  . A   A 1 4  ? 7.122   0.830   -9.388  1.00 0.00 ? 20   A   B "O5'"  1 
ATOM   101 C "C5'"  . A   A 1 4  ? 7.456   0.388   -10.705 1.00 0.00 ? 20   A   B "C5'"  1 
ATOM   102 C "C4'"  . A   A 1 4  ? 7.738   -1.112  -10.745 1.00 0.00 ? 20   A   B "C4'"  1 
ATOM   103 O "O4'"  . A   A 1 4  ? 8.848   -1.457  -9.927  1.00 0.00 ? 20   A   B "O4'"  1 
ATOM   104 C "C3'"  . A   A 1 4  ? 6.576   -1.908  -10.181 1.00 0.00 ? 20   A   B "C3'"  1 
ATOM   105 O "O3'"  . A   A 1 4  ? 5.689   -2.232  -11.254 1.00 0.00 ? 20   A   B "O3'"  1 
ATOM   106 C "C2'"  . A   A 1 4  ? 7.228   -3.197  -9.692  1.00 0.00 ? 20   A   B "C2'"  1 
ATOM   107 O "O2'"  . A   A 1 4  ? 7.130   -4.233  -10.676 1.00 0.00 ? 20   A   B "O2'"  1 
ATOM   108 C "C1'"  . A   A 1 4  ? 8.688   -2.799  -9.447  1.00 0.00 ? 20   A   B "C1'"  1 
ATOM   109 N N9     . A   A 1 4  ? 9.025   -2.890  -8.013  1.00 0.00 ? 20   A   B N9     1 
ATOM   110 C C8     . A   A 1 4  ? 9.174   -1.904  -7.094  1.00 0.00 ? 20   A   B C8     1 
ATOM   111 N N7     . A   A 1 4  ? 9.485   -2.252  -5.890  1.00 0.00 ? 20   A   B N7     1 
ATOM   112 C C5     . A   A 1 4  ? 9.553   -3.643  -6.009  1.00 0.00 ? 20   A   B C5     1 
ATOM   113 C C6     . A   A 1 4  ? 9.842   -4.658  -5.091  1.00 0.00 ? 20   A   B C6     1 
ATOM   114 N N6     . A   A 1 4  ? 10.131  -4.423  -3.811  1.00 0.00 ? 20   A   B N6     1 
ATOM   115 N N1     . A   A 1 4  ? 9.821   -5.925  -5.541  1.00 0.00 ? 20   A   B N1     1 
ATOM   116 C C2     . A   A 1 4  ? 9.534   -6.183  -6.818  1.00 0.00 ? 20   A   B C2     1 
ATOM   117 N N3     . A   A 1 4  ? 9.247   -5.301  -7.771  1.00 0.00 ? 20   A   B N3     1 
ATOM   118 C C4     . A   A 1 4  ? 9.274   -4.040  -7.296  1.00 0.00 ? 20   A   B C4     1 
ATOM   119 H "H5'"  . A   A 1 4  ? 8.342   0.924   -11.046 1.00 0.00 ? 20   A   B "H5'"  1 
ATOM   120 H "H5''" . A   A 1 4  ? 6.625   0.611   -11.375 1.00 0.00 ? 20   A   B "H5''" 1 
ATOM   121 H "H4'"  . A   A 1 4  ? 7.933   -1.424  -11.770 1.00 0.00 ? 20   A   B "H4'"  1 
ATOM   122 H "H3'"  . A   A 1 4  ? 6.069   -1.376  -9.375  1.00 0.00 ? 20   A   B "H3'"  1 
ATOM   123 H "H2'"  . A   A 1 4  ? 6.767   -3.512  -8.753  1.00 0.00 ? 20   A   B "H2'"  1 
ATOM   124 H "HO2'" . A   A 1 4  ? 6.376   -4.026  -11.234 1.00 0.00 ? 20   A   B "HO2'" 1 
ATOM   125 H "H1'"  . A   A 1 4  ? 9.342   -3.464  -10.012 1.00 0.00 ? 20   A   B "H1'"  1 
ATOM   126 H H8     . A   A 1 4  ? 9.033   -0.857  -7.360  1.00 0.00 ? 20   A   B H8     1 
ATOM   127 H H61    . A   A 1 4  ? 10.149  -3.475  -3.464  1.00 0.00 ? 20   A   B H61    1 
ATOM   128 H H62    . A   A 1 4  ? 10.333  -5.192  -3.189  1.00 0.00 ? 20   A   B H62    1 
ATOM   129 H H2     . A   A 1 4  ? 9.533   -7.232  -7.112  1.00 0.00 ? 20   A   B H2     1 
ATOM   130 P P      . G   A 1 5  ? 4.107   -2.376  -10.992 1.00 0.00 ? 21   G   B P      1 
ATOM   131 O OP1    . G   A 1 5  ? 3.491   -2.980  -12.194 1.00 0.00 ? 21   G   B OP1    1 
ATOM   132 O OP2    . G   A 1 5  ? 3.604   -1.084  -10.475 1.00 0.00 ? 21   G   B OP2    1 
ATOM   133 O "O5'"  . G   A 1 5  ? 4.047   -3.456  -9.799  1.00 0.00 ? 21   G   B "O5'"  1 
ATOM   134 C "C5'"  . G   A 1 5  ? 3.353   -4.698  -9.979  1.00 0.00 ? 21   G   B "C5'"  1 
ATOM   135 C "C4'"  . G   A 1 5  ? 4.020   -5.850  -9.241  1.00 0.00 ? 21   G   B "C4'"  1 
ATOM   136 O "O4'"  . G   A 1 5  ? 5.165   -5.416  -8.525  1.00 0.00 ? 21   G   B "O4'"  1 
ATOM   137 C "C3'"  . G   A 1 5  ? 3.092   -6.442  -8.191  1.00 0.00 ? 21   G   B "C3'"  1 
ATOM   138 O "O3'"  . G   A 1 5  ? 2.482   -7.610  -8.746  1.00 0.00 ? 21   G   B "O3'"  1 
ATOM   139 C "C2'"  . G   A 1 5  ? 4.019   -6.883  -7.055  1.00 0.00 ? 21   G   B "C2'"  1 
ATOM   140 O "O2'"  . G   A 1 5  ? 4.063   -8.310  -6.947  1.00 0.00 ? 21   G   B "O2'"  1 
ATOM   141 C "C1'"  . G   A 1 5  ? 5.388   -6.315  -7.439  1.00 0.00 ? 21   G   B "C1'"  1 
ATOM   142 N N9     . G   A 1 5  ? 6.012   -5.624  -6.296  1.00 0.00 ? 21   G   B N9     1 
ATOM   143 C C8     . G   A 1 5  ? 6.287   -4.307  -6.127  1.00 0.00 ? 21   G   B C8     1 
ATOM   144 N N7     . G   A 1 5  ? 6.847   -3.949  -5.020  1.00 0.00 ? 21   G   B N7     1 
ATOM   145 C C5     . G   A 1 5  ? 6.966   -5.172  -4.353  1.00 0.00 ? 21   G   B C5     1 
ATOM   146 C C6     . G   A 1 5  ? 7.508   -5.460  -3.072  1.00 0.00 ? 21   G   B C6     1 
ATOM   147 O O6     . G   A 1 5  ? 7.992   -4.688  -2.269  1.00 0.00 ? 21   G   B O6     1 
ATOM   148 N N1     . G   A 1 5  ? 7.436   -6.816  -2.781  1.00 0.00 ? 21   G   B N1     1 
ATOM   149 C C2     . G   A 1 5  ? 6.909   -7.782  -3.614  1.00 0.00 ? 21   G   B C2     1 
ATOM   150 N N2     . G   A 1 5  ? 6.928   -9.033  -3.154  1.00 0.00 ? 21   G   B N2     1 
ATOM   151 N N3     . G   A 1 5  ? 6.398   -7.520  -4.823  1.00 0.00 ? 21   G   B N3     1 
ATOM   152 C C4     . G   A 1 5  ? 6.457   -6.203  -5.128  1.00 0.00 ? 21   G   B C4     1 
ATOM   153 H "H5'"  . G   A 1 5  ? 3.350   -4.958  -11.029 1.00 0.00 ? 21   G   B "H5'"  1 
ATOM   154 H "H5''" . G   A 1 5  ? 2.319   -4.573  -9.625  1.00 0.00 ? 21   G   B "H5''" 1 
ATOM   155 H "H4'"  . G   A 1 5  ? 4.310   -6.622  -9.953  1.00 0.00 ? 21   G   B "H4'"  1 
ATOM   156 H "H3'"  . G   A 1 5  ? 2.351   -5.718  -7.852  1.00 0.00 ? 21   G   B "H3'"  1 
ATOM   157 H "H2'"  . G   A 1 5  ? 3.686   -6.437  -6.114  1.00 0.00 ? 21   G   B "H2'"  1 
ATOM   158 H "HO2'" . G   A 1 5  ? 4.163   -8.660  -7.835  1.00 0.00 ? 21   G   B "HO2'" 1 
ATOM   159 H "H1'"  . G   A 1 5  ? 6.037   -7.127  -7.769  1.00 0.00 ? 21   G   B "H1'"  1 
ATOM   160 H H8     . G   A 1 5  ? 6.042   -3.576  -6.897  1.00 0.00 ? 21   G   B H8     1 
ATOM   161 H H1     . G   A 1 5  ? 7.803   -7.097  -1.883  1.00 0.00 ? 21   G   B H1     1 
ATOM   162 H H21    . G   A 1 5  ? 7.315   -9.229  -2.241  1.00 0.00 ? 21   G   B H21    1 
ATOM   163 H H22    . G   A 1 5  ? 6.555   -9.785  -3.716  1.00 0.00 ? 21   G   B H22    1 
ATOM   164 P P      . A   A 1 6  ? 0.898   -7.856  -8.587  1.00 0.00 ? 22   A   B P      1 
ATOM   165 O OP1    . A   A 1 6  ? 0.425   -8.606  -9.772  1.00 0.00 ? 22   A   B OP1    1 
ATOM   166 O OP2    . A   A 1 6  ? 0.264   -6.569  -8.226  1.00 0.00 ? 22   A   B OP2    1 
ATOM   167 O "O5'"  . A   A 1 6  ? 0.822   -8.832  -7.310  1.00 0.00 ? 22   A   B "O5'"  1 
ATOM   168 C "C5'"  . A   A 1 6  ? 1.053   -8.323  -5.993  1.00 0.00 ? 22   A   B "C5'"  1 
ATOM   169 C "C4'"  . A   A 1 6  ? 1.381   -9.441  -5.009  1.00 0.00 ? 22   A   B "C4'"  1 
ATOM   170 O "O4'"  . A   A 1 6  ? 2.769   -9.437  -4.660  1.00 0.00 ? 22   A   B "O4'"  1 
ATOM   171 C "C3'"  . A   A 1 6  ? 0.628   -9.258  -3.702  1.00 0.00 ? 22   A   B "C3'"  1 
ATOM   172 O "O3'"  . A   A 1 6  ? -0.586  -10.010 -3.767  1.00 0.00 ? 22   A   B "O3'"  1 
ATOM   173 C "C2'"  . A   A 1 6  ? 1.542   -9.911  -2.684  1.00 0.00 ? 22   A   B "C2'"  1 
ATOM   174 O "O2'"  . A   A 1 6  ? 1.315   -11.324 -2.605  1.00 0.00 ? 22   A   B "O2'"  1 
ATOM   175 C "C1'"  . A   A 1 6  ? 2.925   -9.598  -3.240  1.00 0.00 ? 22   A   B "C1'"  1 
ATOM   176 N N9     . A   A 1 6  ? 3.474   -8.375  -2.625  1.00 0.00 ? 22   A   B N9     1 
ATOM   177 C C8     . A   A 1 6  ? 3.524   -7.109  -3.107  1.00 0.00 ? 22   A   B C8     1 
ATOM   178 N N7     . A   A 1 6  ? 4.065   -6.206  -2.359  1.00 0.00 ? 22   A   B N7     1 
ATOM   179 C C5     . A   A 1 6  ? 4.425   -6.953  -1.232  1.00 0.00 ? 22   A   B C5     1 
ATOM   180 C C6     . A   A 1 6  ? 5.055   -6.612  -0.031  1.00 0.00 ? 22   A   B C6     1 
ATOM   181 N N6     . A   A 1 6  ? 5.458   -5.374  0.254   1.00 0.00 ? 22   A   B N6     1 
ATOM   182 N N1     . A   A 1 6  ? 5.255   -7.596  0.865   1.00 0.00 ? 22   A   B N1     1 
ATOM   183 C C2     . A   A 1 6  ? 4.860   -8.843  0.598   1.00 0.00 ? 22   A   B C2     1 
ATOM   184 N N3     . A   A 1 6  ? 4.258   -9.276  -0.505  1.00 0.00 ? 22   A   B N3     1 
ATOM   185 C C4     . A   A 1 6  ? 4.068   -8.273  -1.387  1.00 0.00 ? 22   A   B C4     1 
ATOM   186 H "H5'"  . A   A 1 6  ? 0.159   -7.799  -5.652  1.00 0.00 ? 22   A   B "H5'"  1 
ATOM   187 H "H5''" . A   A 1 6  ? 1.886   -7.620  -6.024  1.00 0.00 ? 22   A   B "H5''" 1 
ATOM   188 H "H4'"  . A   A 1 6  ? 1.122   -10.403 -5.448  1.00 0.00 ? 22   A   B "H4'"  1 
ATOM   189 H "H3'"  . A   A 1 6  ? 0.450   -8.206  -3.476  1.00 0.00 ? 22   A   B "H3'"  1 
ATOM   190 H "H2'"  . A   A 1 6  ? 1.415   -9.439  -1.707  1.00 0.00 ? 22   A   B "H2'"  1 
ATOM   191 H "HO2'" . A   A 1 6  ? 2.107   -11.719 -2.232  1.00 0.00 ? 22   A   B "HO2'" 1 
ATOM   192 H "H1'"  . A   A 1 6  ? 3.595   -10.435 -3.042  1.00 0.00 ? 22   A   B "H1'"  1 
ATOM   193 H H8     . A   A 1 6  ? 3.116   -6.861  -4.087  1.00 0.00 ? 22   A   B H8     1 
ATOM   194 H H61    . A   A 1 6  ? 5.909   -5.180  1.138   1.00 0.00 ? 22   A   B H61    1 
ATOM   195 H H62    . A   A 1 6  ? 5.314   -4.630  -0.412  1.00 0.00 ? 22   A   B H62    1 
ATOM   196 H H2     . A   A 1 6  ? 5.049   -9.588  1.371   1.00 0.00 ? 22   A   B H2     1 
ATOM   197 P P      . U   A 1 7  ? -1.806  -9.671  -2.773  1.00 0.00 ? 23   U   B P      1 
ATOM   198 O OP1    . U   A 1 7  ? -2.977  -10.478 -3.183  1.00 0.00 ? 23   U   B OP1    1 
ATOM   199 O OP2    . U   A 1 7  ? -1.924  -8.199  -2.670  1.00 0.00 ? 23   U   B OP2    1 
ATOM   200 O "O5'"  . U   A 1 7  ? -1.275  -10.233 -1.360  1.00 0.00 ? 23   U   B "O5'"  1 
ATOM   201 C "C5'"  . U   A 1 7  ? -1.307  -11.635 -1.078  1.00 0.00 ? 23   U   B "C5'"  1 
ATOM   202 C "C4'"  . U   A 1 7  ? -2.166  -11.938 0.146   1.00 0.00 ? 23   U   B "C4'"  1 
ATOM   203 O "O4'"  . U   A 1 7  ? -1.621  -11.331 1.321   1.00 0.00 ? 23   U   B "O4'"  1 
ATOM   204 C "C3'"  . U   A 1 7  ? -3.565  -11.365 -0.016  1.00 0.00 ? 23   U   B "C3'"  1 
ATOM   205 O "O3'"  . U   A 1 7  ? -4.422  -12.407 -0.492  1.00 0.00 ? 23   U   B "O3'"  1 
ATOM   206 C "C2'"  . U   A 1 7  ? -3.981  -11.019 1.404   1.00 0.00 ? 23   U   B "C2'"  1 
ATOM   207 O "O2'"  . U   A 1 7  ? -4.634  -12.124 2.042   1.00 0.00 ? 23   U   B "O2'"  1 
ATOM   208 C "C1'"  . U   A 1 7  ? -2.654  -10.690 2.084   1.00 0.00 ? 23   U   B "C1'"  1 
ATOM   209 N N1     . U   A 1 7  ? -2.436  -9.230  2.145   1.00 0.00 ? 23   U   B N1     1 
ATOM   210 C C2     . U   A 1 7  ? -2.269  -8.660  3.393   1.00 0.00 ? 23   U   B C2     1 
ATOM   211 O O2     . U   A 1 7  ? -2.301  -9.319  4.413   1.00 0.00 ? 23   U   B O2     1 
ATOM   212 N N3     . U   A 1 7  ? -2.063  -7.293  3.415   1.00 0.00 ? 23   U   B N3     1 
ATOM   213 C C4     . U   A 1 7  ? -2.009  -6.457  2.313   1.00 0.00 ? 23   U   B C4     1 
ATOM   214 O O4     . U   A 1 7  ? -1.818  -5.265  2.448   1.00 0.00 ? 23   U   B O4     1 
ATOM   215 C C5     . U   A 1 7  ? -2.194  -7.137  1.050   1.00 0.00 ? 23   U   B C5     1 
ATOM   216 C C6     . U   A 1 7  ? -2.398  -8.475  1.003   1.00 0.00 ? 23   U   B C6     1 
ATOM   217 H "H5'"  . U   A 1 7  ? -0.292  -11.985 -0.895  1.00 0.00 ? 23   U   B "H5'"  1 
ATOM   218 H "H5''" . U   A 1 7  ? -1.717  -12.162 -1.939  1.00 0.00 ? 23   U   B "H5''" 1 
ATOM   219 H "H4'"  . U   A 1 7  ? -2.227  -13.015 0.293   1.00 0.00 ? 23   U   B "H4'"  1 
ATOM   220 H "H3'"  . U   A 1 7  ? -3.577  -10.493 -0.669  1.00 0.00 ? 23   U   B "H3'"  1 
ATOM   221 H "H2'"  . U   A 1 7  ? -4.627  -10.137 1.400   1.00 0.00 ? 23   U   B "H2'"  1 
ATOM   222 H "HO2'" . U   A 1 7  ? -5.247  -12.498 1.405   1.00 0.00 ? 23   U   B "HO2'" 1 
ATOM   223 H "H1'"  . U   A 1 7  ? -2.658  -11.095 3.096   1.00 0.00 ? 23   U   B "H1'"  1 
ATOM   224 H H3     . U   A 1 7  ? -1.937  -6.864  4.320   1.00 0.00 ? 23   U   B H3     1 
ATOM   225 H H5     . U   A 1 7  ? -2.171  -6.564  0.123   1.00 0.00 ? 23   U   B H5     1 
ATOM   226 H H6     . U   A 1 7  ? -2.533  -8.960  0.037   1.00 0.00 ? 23   U   B H6     1 
ATOM   227 P P      . C   A 1 8  ? -5.013  -12.360 -1.989  1.00 0.00 ? 24   C   B P      1 
ATOM   228 O OP1    . C   A 1 8  ? -5.359  -10.956 -2.306  1.00 0.00 ? 24   C   B OP1    1 
ATOM   229 O OP2    . C   A 1 8  ? -6.038  -13.420 -2.116  1.00 0.00 ? 24   C   B OP2    1 
ATOM   230 O "O5'"  . C   A 1 8  ? -3.740  -12.779 -2.882  1.00 0.00 ? 24   C   B "O5'"  1 
ATOM   231 C "C5'"  . C   A 1 8  ? -3.465  -14.155 -3.154  1.00 0.00 ? 24   C   B "C5'"  1 
ATOM   232 C "C4'"  . C   A 1 8  ? -3.091  -14.914 -1.885  1.00 0.00 ? 24   C   B "C4'"  1 
ATOM   233 O "O4'"  . C   A 1 8  ? -4.227  -15.107 -1.045  1.00 0.00 ? 24   C   B "O4'"  1 
ATOM   234 C "C3'"  . C   A 1 8  ? -2.583  -16.306 -2.213  1.00 0.00 ? 24   C   B "C3'"  1 
ATOM   235 O "O3'"  . C   A 1 8  ? -1.157  -16.251 -2.316  1.00 0.00 ? 24   C   B "O3'"  1 
ATOM   236 C "C2'"  . C   A 1 8  ? -2.940  -17.120 -0.977  1.00 0.00 ? 24   C   B "C2'"  1 
ATOM   237 O "O2'"  . C   A 1 8  ? -1.864  -17.133 -0.033  1.00 0.00 ? 24   C   B "O2'"  1 
ATOM   238 C "C1'"  . C   A 1 8  ? -4.166  -16.397 -0.416  1.00 0.00 ? 24   C   B "C1'"  1 
ATOM   239 N N1     . C   A 1 8  ? -5.398  -17.168 -0.677  1.00 0.00 ? 24   C   B N1     1 
ATOM   240 C C2     . C   A 1 8  ? -6.064  -17.710 0.416   1.00 0.00 ? 24   C   B C2     1 
ATOM   241 O O2     . C   A 1 8  ? -5.631  -17.545 1.540   1.00 0.00 ? 24   C   B O2     1 
ATOM   242 N N3     . C   A 1 8  ? -7.201  -18.423 0.189   1.00 0.00 ? 24   C   B N3     1 
ATOM   243 C C4     . C   A 1 8  ? -7.668  -18.598 -1.055  1.00 0.00 ? 24   C   B C4     1 
ATOM   244 N N4     . C   A 1 8  ? -8.784  -19.301 -1.241  1.00 0.00 ? 24   C   B N4     1 
ATOM   245 C C5     . C   A 1 8  ? -6.985  -18.042 -2.182  1.00 0.00 ? 24   C   B C5     1 
ATOM   246 C C6     . C   A 1 8  ? -5.860  -17.338 -1.949  1.00 0.00 ? 24   C   B C6     1 
ATOM   247 H "H5'"  . C   A 1 8  ? -2.638  -14.218 -3.864  1.00 0.00 ? 24   C   B "H5'"  1 
ATOM   248 H "H5''" . C   A 1 8  ? -4.349  -14.614 -3.597  1.00 0.00 ? 24   C   B "H5''" 1 
ATOM   249 H "H4'"  . C   A 1 8  ? -2.326  -14.362 -1.339  1.00 0.00 ? 24   C   B "H4'"  1 
ATOM   250 H "H3'"  . C   A 1 8  ? -3.045  -16.708 -3.115  1.00 0.00 ? 24   C   B "H3'"  1 
ATOM   251 H "H2'"  . C   A 1 8  ? -3.211  -18.137 -1.269  1.00 0.00 ? 24   C   B "H2'"  1 
ATOM   252 H "HO2'" . C   A 1 8  ? -2.246  -17.003 0.837   1.00 0.00 ? 24   C   B "HO2'" 1 
ATOM   253 H "H1'"  . C   A 1 8  ? -4.045  -16.266 0.659   1.00 0.00 ? 24   C   B "H1'"  1 
ATOM   254 H H41    . C   A 1 8  ? -9.270  -19.697 -0.448  1.00 0.00 ? 24   C   B H41    1 
ATOM   255 H H42    . C   A 1 8  ? -9.145  -19.439 -2.175  1.00 0.00 ? 24   C   B H42    1 
ATOM   256 H H5     . C   A 1 8  ? -7.362  -18.182 -3.195  1.00 0.00 ? 24   C   B H5     1 
ATOM   257 H H6     . C   A 1 8  ? -5.315  -16.899 -2.784  1.00 0.00 ? 24   C   B H6     1 
ATOM   258 P P      . U   A 1 9  ? -0.330  -17.504 -2.899  1.00 0.00 ? 25   U   B P      1 
ATOM   259 O OP1    . U   A 1 9  ? 0.108   -17.169 -4.273  1.00 0.00 ? 25   U   B OP1    1 
ATOM   260 O OP2    . U   A 1 9  ? -1.116  -18.733 -2.654  1.00 0.00 ? 25   U   B OP2    1 
ATOM   261 O "O5'"  . U   A 1 9  ? 0.969   -17.539 -1.950  1.00 0.00 ? 25   U   B "O5'"  1 
ATOM   262 C "C5'"  . U   A 1 9  ? 1.856   -16.419 -1.891  1.00 0.00 ? 25   U   B "C5'"  1 
ATOM   263 C "C4'"  . U   A 1 9  ? 2.095   -15.969 -0.452  1.00 0.00 ? 25   U   B "C4'"  1 
ATOM   264 O "O4'"  . U   A 1 9  ? 3.485   -15.709 -0.219  1.00 0.00 ? 25   U   B "O4'"  1 
ATOM   265 C "C3'"  . U   A 1 9  ? 1.351   -14.669 -0.156  1.00 0.00 ? 25   U   B "C3'"  1 
ATOM   266 O "O3'"  . U   A 1 9  ? 0.882   -14.720 1.193   1.00 0.00 ? 25   U   B "O3'"  1 
ATOM   267 C "C2'"  . U   A 1 9  ? 2.428   -13.601 -0.244  1.00 0.00 ? 25   U   B "C2'"  1 
ATOM   268 O "O2'"  . U   A 1 9  ? 2.144   -12.496 0.622   1.00 0.00 ? 25   U   B "O2'"  1 
ATOM   269 C "C1'"  . U   A 1 9  ? 3.671   -14.353 0.200   1.00 0.00 ? 25   U   B "C1'"  1 
ATOM   270 N N1     . U   A 1 9  ? 4.885   -13.774 -0.406  1.00 0.00 ? 25   U   B N1     1 
ATOM   271 C C2     . U   A 1 9  ? 5.801   -13.179 0.441   1.00 0.00 ? 25   U   B C2     1 
ATOM   272 O O2     . U   A 1 9  ? 5.630   -13.128 1.643   1.00 0.00 ? 25   U   B O2     1 
ATOM   273 N N3     . U   A 1 9  ? 6.927   -12.645 -0.158  1.00 0.00 ? 25   U   B N3     1 
ATOM   274 C C4     . U   A 1 9  ? 7.212   -12.654 -1.514  1.00 0.00 ? 25   U   B C4     1 
ATOM   275 O O4     . U   A 1 9  ? 8.236   -12.152 -1.934  1.00 0.00 ? 25   U   B O4     1 
ATOM   276 C C5     . U   A 1 9  ? 6.202   -13.295 -2.324  1.00 0.00 ? 25   U   B C5     1 
ATOM   277 C C6     . U   A 1 9  ? 5.090   -13.825 -1.758  1.00 0.00 ? 25   U   B C6     1 
ATOM   278 H "H5'"  . U   A 1 9  ? 1.422   -15.592 -2.454  1.00 0.00 ? 25   U   B "H5'"  1 
ATOM   279 H "H5''" . U   A 1 9  ? 2.809   -16.694 -2.340  1.00 0.00 ? 25   U   B "H5''" 1 
ATOM   280 H "H4'"  . U   A 1 9  ? 1.755   -16.746 0.232   1.00 0.00 ? 25   U   B "H4'"  1 
ATOM   281 H "H3'"  . U   A 1 9  ? 0.543   -14.492 -0.865  1.00 0.00 ? 25   U   B "H3'"  1 
ATOM   282 H "H2'"  . U   A 1 9  ? 2.541   -13.267 -1.279  1.00 0.00 ? 25   U   B "H2'"  1 
ATOM   283 H "HO2'" . U   A 1 9  ? 1.462   -11.970 0.200   1.00 0.00 ? 25   U   B "HO2'" 1 
ATOM   284 H "H1'"  . U   A 1 9  ? 3.752   -14.315 1.286   1.00 0.00 ? 25   U   B "H1'"  1 
ATOM   285 H H3     . U   A 1 9  ? 7.604   -12.207 0.448   1.00 0.00 ? 25   U   B H3     1 
ATOM   286 H H5     . U   A 1 9  ? 6.334   -13.353 -3.404  1.00 0.00 ? 25   U   B H5     1 
ATOM   287 H H6     . U   A 1 9  ? 4.344   -14.304 -2.393  1.00 0.00 ? 25   U   B H6     1 
ATOM   288 P P      . G   A 1 10 ? -0.691  -14.862 1.503   1.00 0.00 ? 26   G   B P      1 
ATOM   289 O OP1    . G   A 1 10 ? -0.892  -16.065 2.341   1.00 0.00 ? 26   G   B OP1    1 
ATOM   290 O OP2    . G   A 1 10 ? -1.427  -14.718 0.228   1.00 0.00 ? 26   G   B OP2    1 
ATOM   291 O "O5'"  . G   A 1 10 ? -0.991  -13.562 2.404   1.00 0.00 ? 26   G   B "O5'"  1 
ATOM   292 C "C5'"  . G   A 1 10 ? -1.664  -13.690 3.663   1.00 0.00 ? 26   G   B "C5'"  1 
ATOM   293 C "C4'"  . G   A 1 10 ? -0.750  -13.386 4.839   1.00 0.00 ? 26   G   B "C4'"  1 
ATOM   294 O "O4'"  . G   A 1 10 ? 0.461   -12.767 4.407   1.00 0.00 ? 26   G   B "O4'"  1 
ATOM   295 C "C3'"  . G   A 1 10 ? -1.394  -12.396 5.791   1.00 0.00 ? 26   G   B "C3'"  1 
ATOM   296 O "O3'"  . G   A 1 10 ? -2.106  -13.129 6.791   1.00 0.00 ? 26   G   B "O3'"  1 
ATOM   297 C "C2'"  . G   A 1 10 ? -0.202  -11.721 6.448   1.00 0.00 ? 26   G   B "C2'"  1 
ATOM   298 O "O2'"  . G   A 1 10 ? 0.217   -12.429 7.621   1.00 0.00 ? 26   G   B "O2'"  1 
ATOM   299 C "C1'"  . G   A 1 10 ? 0.867   -11.768 5.356   1.00 0.00 ? 26   G   B "C1'"  1 
ATOM   300 N N9     . G   A 1 10 ? 1.012   -10.450 4.709   1.00 0.00 ? 26   G   B N9     1 
ATOM   301 C C8     . G   A 1 10 ? 0.746   -10.074 3.433   1.00 0.00 ? 26   G   B C8     1 
ATOM   302 N N7     . G   A 1 10 ? 0.958   -8.839  3.117   1.00 0.00 ? 26   G   B N7     1 
ATOM   303 C C5     . G   A 1 10 ? 1.425   -8.311  4.326   1.00 0.00 ? 26   G   B C5     1 
ATOM   304 C C6     . G   A 1 10 ? 1.838   -6.989  4.646   1.00 0.00 ? 26   G   B C6     1 
ATOM   305 O O6     . G   A 1 10 ? 1.864   -6.013  3.924   1.00 0.00 ? 26   G   B O6     1 
ATOM   306 N N1     . G   A 1 10 ? 2.237   -6.885  5.972   1.00 0.00 ? 26   G   B N1     1 
ATOM   307 C C2     . G   A 1 10 ? 2.240   -7.920  6.885   1.00 0.00 ? 26   G   B C2     1 
ATOM   308 N N2     . G   A 1 10 ? 2.654   -7.621  8.116   1.00 0.00 ? 26   G   B N2     1 
ATOM   309 N N3     . G   A 1 10 ? 1.854   -9.167  6.594   1.00 0.00 ? 26   G   B N3     1 
ATOM   310 C C4     . G   A 1 10 ? 1.461   -9.294  5.305   1.00 0.00 ? 26   G   B C4     1 
ATOM   311 H "H5'"  . G   A 1 10 ? -2.007  -14.709 3.786   1.00 0.00 ? 26   G   B "H5'"  1 
ATOM   312 H "H5''" . G   A 1 10 ? -2.526  -13.006 3.669   1.00 0.00 ? 26   G   B "H5''" 1 
ATOM   313 H "H4'"  . G   A 1 10 ? -0.516  -14.308 5.369   1.00 0.00 ? 26   G   B "H4'"  1 
ATOM   314 H "H3'"  . G   A 1 10 ? -2.032  -11.682 5.268   1.00 0.00 ? 26   G   B "H3'"  1 
ATOM   315 H "H2'"  . G   A 1 10 ? -0.447  -10.684 6.687   1.00 0.00 ? 26   G   B "H2'"  1 
ATOM   316 H "HO2'" . G   A 1 10 ? 0.740   -13.179 7.330   1.00 0.00 ? 26   G   B "HO2'" 1 
ATOM   317 H "H1'"  . G   A 1 10 ? 1.821   -12.057 5.797   1.00 0.00 ? 26   G   B "H1'"  1 
ATOM   318 H H8     . G   A 1 10 ? 0.367   -10.787 2.699   1.00 0.00 ? 26   G   B H8     1 
ATOM   319 H H1     . G   A 1 10 ? 2.552   -5.973  6.269   1.00 0.00 ? 26   G   B H1     1 
ATOM   320 H H21    . G   A 1 10 ? 2.946   -6.679  8.335   1.00 0.00 ? 26   G   B H21    1 
ATOM   321 H H22    . G   A 1 10 ? 2.675   -8.335  8.830   1.00 0.00 ? 26   G   B H22    1 
ATOM   322 P P      . A   A 1 11 ? -3.495  -12.566 7.381   1.00 0.00 ? 27   A   B P      1 
ATOM   323 O OP1    . A   A 1 11 ? -4.430  -13.704 7.527   1.00 0.00 ? 27   A   B OP1    1 
ATOM   324 O OP2    . A   A 1 11 ? -3.892  -11.383 6.585   1.00 0.00 ? 27   A   B OP2    1 
ATOM   325 O "O5'"  . A   A 1 11 ? -3.076  -12.065 8.853   1.00 0.00 ? 27   A   B "O5'"  1 
ATOM   326 C "C5'"  . A   A 1 11 ? -3.362  -10.729 9.274   1.00 0.00 ? 27   A   B "C5'"  1 
ATOM   327 C "C4'"  . A   A 1 11 ? -2.285  -10.195 10.213  1.00 0.00 ? 27   A   B "C4'"  1 
ATOM   328 O "O4'"  . A   A 1 11 ? -1.046  -9.996  9.519   1.00 0.00 ? 27   A   B "O4'"  1 
ATOM   329 C "C3'"  . A   A 1 11 ? -2.681  -8.837  10.783  1.00 0.00 ? 27   A   B "C3'"  1 
ATOM   330 O "O3'"  . A   A 1 11 ? -3.179  -9.032  12.110  1.00 0.00 ? 27   A   B "O3'"  1 
ATOM   331 C "C2'"  . A   A 1 11 ? -1.362  -8.090  10.872  1.00 0.00 ? 27   A   B "C2'"  1 
ATOM   332 O "O2'"  . A   A 1 11 ? -0.680  -8.371  12.100  1.00 0.00 ? 27   A   B "O2'"  1 
ATOM   333 C "C1'"  . A   A 1 11 ? -0.604  -8.642  9.675   1.00 0.00 ? 27   A   B "C1'"  1 
ATOM   334 N N9     . A   A 1 11 ? -0.880  -7.850  8.462   1.00 0.00 ? 27   A   B N9     1 
ATOM   335 C C8     . A   A 1 11 ? -1.567  -8.192  7.345   1.00 0.00 ? 27   A   B C8     1 
ATOM   336 N N7     . A   A 1 11 ? -1.671  -7.302  6.414   1.00 0.00 ? 27   A   B N7     1 
ATOM   337 C C5     . A   A 1 11 ? -0.967  -6.230  6.969   1.00 0.00 ? 27   A   B C5     1 
ATOM   338 C C6     . A   A 1 11 ? -0.681  -4.942  6.505   1.00 0.00 ? 27   A   B C6     1 
ATOM   339 N N6     . A   A 1 11 ? -1.089  -4.487  5.320   1.00 0.00 ? 27   A   B N6     1 
ATOM   340 N N1     . A   A 1 11 ? 0.037   -4.138  7.309   1.00 0.00 ? 27   A   B N1     1 
ATOM   341 C C2     . A   A 1 11 ? 0.452   -4.571  8.501   1.00 0.00 ? 27   A   B C2     1 
ATOM   342 N N3     . A   A 1 11 ? 0.238   -5.769  9.039   1.00 0.00 ? 27   A   B N3     1 
ATOM   343 C C4     . A   A 1 11 ? -0.483  -6.555  8.216   1.00 0.00 ? 27   A   B C4     1 
ATOM   344 H "H5'"  . A   A 1 11 ? -4.322  -10.716 9.789   1.00 0.00 ? 27   A   B "H5'"  1 
ATOM   345 H "H5''" . A   A 1 11 ? -3.420  -10.084 8.397   1.00 0.00 ? 27   A   B "H5''" 1 
ATOM   346 H "H4'"  . A   A 1 11 ? -2.131  -10.901 11.028  1.00 0.00 ? 27   A   B "H4'"  1 
ATOM   347 H "H3'"  . A   A 1 11 ? -3.399  -8.322  10.146  1.00 0.00 ? 27   A   B "H3'"  1 
ATOM   348 H "H2'"  . A   A 1 11 ? -1.528  -7.017  10.750  1.00 0.00 ? 27   A   B "H2'"  1 
ATOM   349 H "HO2'" . A   A 1 11 ? -0.168  -9.172  11.966  1.00 0.00 ? 27   A   B "HO2'" 1 
ATOM   350 H "H1'"  . A   A 1 11 ? 0.466   -8.630  9.884   1.00 0.00 ? 27   A   B "H1'"  1 
ATOM   351 H H8     . A   A 1 11 ? -2.015  -9.179  7.237   1.00 0.00 ? 27   A   B H8     1 
ATOM   352 H H61    . A   A 1 11 ? -0.857  -3.547  5.032   1.00 0.00 ? 27   A   B H61    1 
ATOM   353 H H62    . A   A 1 11 ? -1.631  -5.082  4.710   1.00 0.00 ? 27   A   B H62    1 
ATOM   354 H H2     . A   A 1 11 ? 1.030   -3.867  9.099   1.00 0.00 ? 27   A   B H2     1 
ATOM   355 P P      . G   A 1 12 ? -4.198  -7.971  12.764  1.00 0.00 ? 28   G   B P      1 
ATOM   356 O OP1    . G   A 1 12 ? -4.533  -8.430  14.130  1.00 0.00 ? 28   G   B OP1    1 
ATOM   357 O OP2    . G   A 1 12 ? -5.279  -7.705  11.788  1.00 0.00 ? 28   G   B OP2    1 
ATOM   358 O "O5'"  . G   A 1 12 ? -3.292  -6.645  12.885  1.00 0.00 ? 28   G   B "O5'"  1 
ATOM   359 C "C5'"  . G   A 1 12 ? -2.093  -6.658  13.670  1.00 0.00 ? 28   G   B "C5'"  1 
ATOM   360 C "C4'"  . G   A 1 12 ? -1.254  -5.405  13.467  1.00 0.00 ? 28   G   B "C4'"  1 
ATOM   361 O "O4'"  . G   A 1 12 ? -0.878  -5.241  12.106  1.00 0.00 ? 28   G   B "O4'"  1 
ATOM   362 C "C3'"  . G   A 1 12 ? -2.035  -4.150  13.797  1.00 0.00 ? 28   G   B "C3'"  1 
ATOM   363 O "O3'"  . G   A 1 12 ? -1.919  -3.890  15.198  1.00 0.00 ? 28   G   B "O3'"  1 
ATOM   364 C "C2'"  . G   A 1 12 ? -1.262  -3.080  13.044  1.00 0.00 ? 28   G   B "C2'"  1 
ATOM   365 O "O2'"  . G   A 1 12 ? -0.203  -2.540  13.843  1.00 0.00 ? 28   G   B "O2'"  1 
ATOM   366 C "C1'"  . G   A 1 12 ? -0.716  -3.841  11.832  1.00 0.00 ? 28   G   B "C1'"  1 
ATOM   367 N N9     . G   A 1 12 ? -1.441  -3.448  10.610  1.00 0.00 ? 28   G   B N9     1 
ATOM   368 C C8     . G   A 1 12 ? -2.364  -4.133  9.892   1.00 0.00 ? 28   G   B C8     1 
ATOM   369 N N7     . G   A 1 12 ? -2.898  -3.536  8.879   1.00 0.00 ? 28   G   B N7     1 
ATOM   370 C C5     . G   A 1 12 ? -2.257  -2.294  8.911   1.00 0.00 ? 28   G   B C5     1 
ATOM   371 C C6     . G   A 1 12 ? -2.405  -1.169  8.055   1.00 0.00 ? 28   G   B C6     1 
ATOM   372 O O6     . G   A 1 12 ? -3.141  -1.043  7.097   1.00 0.00 ? 28   G   B O6     1 
ATOM   373 N N1     . G   A 1 12 ? -1.572  -0.124  8.438   1.00 0.00 ? 28   G   B N1     1 
ATOM   374 C C2     . G   A 1 12 ? -0.703  -0.151  9.510   1.00 0.00 ? 28   G   B C2     1 
ATOM   375 N N2     . G   A 1 12 ? 0.023   0.948   9.709   1.00 0.00 ? 28   G   B N2     1 
ATOM   376 N N3     . G   A 1 12 ? -0.561  -1.204  10.322  1.00 0.00 ? 28   G   B N3     1 
ATOM   377 C C4     . G   A 1 12 ? -1.361  -2.234  9.969   1.00 0.00 ? 28   G   B C4     1 
ATOM   378 H "H5'"  . G   A 1 12 ? -1.479  -7.497  13.374  1.00 0.00 ? 28   G   B "H5'"  1 
ATOM   379 H "H5''" . G   A 1 12 ? -2.371  -6.757  14.729  1.00 0.00 ? 28   G   B "H5''" 1 
ATOM   380 H "H4'"  . G   A 1 12 ? -0.358  -5.452  14.081  1.00 0.00 ? 28   G   B "H4'"  1 
ATOM   381 H "H3'"  . G   A 1 12 ? -3.072  -4.214  13.469  1.00 0.00 ? 28   G   B "H3'"  1 
ATOM   382 H "H2'"  . G   A 1 12 ? -1.941  -2.292  12.713  1.00 0.00 ? 28   G   B "H2'"  1 
ATOM   383 H "HO2'" . G   A 1 12 ? -0.468  -2.621  14.762  1.00 0.00 ? 28   G   B "HO2'" 1 
ATOM   384 H "H1'"  . G   A 1 12 ? 0.343   -3.619  11.714  1.00 0.00 ? 28   G   B "H1'"  1 
ATOM   385 H H8     . G   A 1 12 ? -2.644  -5.153  10.158  1.00 0.00 ? 28   G   B H8     1 
ATOM   386 H H1     . G   A 1 12 ? -1.627  0.715   7.879   1.00 0.00 ? 28   G   B H1     1 
ATOM   387 H H21    . G   A 1 12 ? -0.083  1.741   9.094   1.00 0.00 ? 28   G   B H21    1 
ATOM   388 H H22    . G   A 1 12 ? 0.682   0.986   10.473  1.00 0.00 ? 28   G   B H22    1 
ATOM   389 P P      . C   A 1 13 ? -3.120  -3.171  15.994  1.00 0.00 ? 29   C   B P      1 
ATOM   390 O OP1    . C   A 1 13 ? -2.758  -3.115  17.428  1.00 0.00 ? 29   C   B OP1    1 
ATOM   391 O OP2    . C   A 1 13 ? -4.394  -3.802  15.580  1.00 0.00 ? 29   C   B OP2    1 
ATOM   392 O "O5'"  . C   A 1 13 ? -3.088  -1.670  15.408  1.00 0.00 ? 29   C   B "O5'"  1 
ATOM   393 C "C5'"  . C   A 1 13 ? -2.363  -0.643  16.089  1.00 0.00 ? 29   C   B "C5'"  1 
ATOM   394 C "C4'"  . C   A 1 13 ? -2.599  0.730   15.464  1.00 0.00 ? 29   C   B "C4'"  1 
ATOM   395 O "O4'"  . C   A 1 13 ? -2.197  0.760   14.097  1.00 0.00 ? 29   C   B "O4'"  1 
ATOM   396 C "C3'"  . C   A 1 13 ? -4.073  1.089   15.450  1.00 0.00 ? 29   C   B "C3'"  1 
ATOM   397 O "O3'"  . C   A 1 13 ? -4.383  1.771   16.668  1.00 0.00 ? 29   C   B "O3'"  1 
ATOM   398 C "C2'"  . C   A 1 13 ? -4.174  2.084   14.303  1.00 0.00 ? 29   C   B "C2'"  1 
ATOM   399 O "O2'"  . C   A 1 13 ? -3.966  3.425   14.759  1.00 0.00 ? 29   C   B "O2'"  1 
ATOM   400 C "C1'"  . C   A 1 13 ? -3.059  1.638   13.354  1.00 0.00 ? 29   C   B "C1'"  1 
ATOM   401 N N1     . C   A 1 13 ? -3.619  0.953   12.172  1.00 0.00 ? 29   C   B N1     1 
ATOM   402 C C2     . C   A 1 13 ? -4.029  1.741   11.105  1.00 0.00 ? 29   C   B C2     1 
ATOM   403 O O2     . C   A 1 13 ? -3.933  2.953   11.163  1.00 0.00 ? 29   C   B O2     1 
ATOM   404 N N3     . C   A 1 13 ? -4.538  1.121   10.005  1.00 0.00 ? 29   C   B N3     1 
ATOM   405 C C4     . C   A 1 13 ? -4.644  -0.214  9.954   1.00 0.00 ? 29   C   B C4     1 
ATOM   406 N N4     . C   A 1 13 ? -5.144  -0.788  8.859   1.00 0.00 ? 29   C   B N4     1 
ATOM   407 C C5     . C   A 1 13 ? -4.225  -1.029  11.053  1.00 0.00 ? 29   C   B C5     1 
ATOM   408 C C6     . C   A 1 13 ? -3.721  -0.406  12.137  1.00 0.00 ? 29   C   B C6     1 
ATOM   409 H "H5'"  . C   A 1 13 ? -1.298  -0.873  16.047  1.00 0.00 ? 29   C   B "H5'"  1 
ATOM   410 H "H5''" . C   A 1 13 ? -2.679  -0.618  17.132  1.00 0.00 ? 29   C   B "H5''" 1 
ATOM   411 H "H4'"  . C   A 1 13 ? -2.044  1.485   16.018  1.00 0.00 ? 29   C   B "H4'"  1 
ATOM   412 H "H3'"  . C   A 1 13 ? -4.705  0.214   15.291  1.00 0.00 ? 29   C   B "H3'"  1 
ATOM   413 H "H2'"  . C   A 1 13 ? -5.145  1.986   13.811  1.00 0.00 ? 29   C   B "H2'"  1 
ATOM   414 H "HO2'" . C   A 1 13 ? -3.973  3.994   13.984  1.00 0.00 ? 29   C   B "HO2'" 1 
ATOM   415 H "H1'"  . C   A 1 13 ? -2.491  2.510   13.028  1.00 0.00 ? 29   C   B "H1'"  1 
ATOM   416 H H41    . C   A 1 13 ? -5.441  -0.217  8.079   1.00 0.00 ? 29   C   B H41    1 
ATOM   417 H H42    . C   A 1 13 ? -5.225  -1.793  8.808   1.00 0.00 ? 29   C   B H42    1 
ATOM   418 H H5     . C   A 1 13 ? -4.307  -2.114  11.015  1.00 0.00 ? 29   C   B H5     1 
ATOM   419 H H6     . C   A 1 13 ? -3.400  -0.993  12.996  1.00 0.00 ? 29   C   B H6     1 
ATOM   420 P P      . C   A 1 14 ? -5.903  2.174   17.015  1.00 0.00 ? 30   C   B P      1 
ATOM   421 O OP1    . C   A 1 14 ? -5.883  3.445   17.772  1.00 0.00 ? 30   C   B OP1    1 
ATOM   422 O OP2    . C   A 1 14 ? -6.579  0.988   17.585  1.00 0.00 ? 30   C   B OP2    1 
ATOM   423 O "O5'"  . C   A 1 14 ? -6.533  2.464   15.562  1.00 0.00 ? 30   C   B "O5'"  1 
ATOM   424 C "C5'"  . C   A 1 14 ? -6.730  3.807   15.111  1.00 0.00 ? 30   C   B "C5'"  1 
ATOM   425 C "C4'"  . C   A 1 14 ? -7.011  3.861   13.612  1.00 0.00 ? 30   C   B "C4'"  1 
ATOM   426 O "O4'"  . C   A 1 14 ? -6.417  2.747   12.933  1.00 0.00 ? 30   C   B "O4'"  1 
ATOM   427 C "C3'"  . C   A 1 14 ? -8.506  3.780   13.334  1.00 0.00 ? 30   C   B "C3'"  1 
ATOM   428 O "O3'"  . C   A 1 14 ? -8.999  5.106   13.125  1.00 0.00 ? 30   C   B "O3'"  1 
ATOM   429 C "C2'"  . C   A 1 14 ? -8.580  3.031   12.016  1.00 0.00 ? 30   C   B "C2'"  1 
ATOM   430 O "O2'"  . C   A 1 14 ? -8.454  3.919   10.899  1.00 0.00 ? 30   C   B "O2'"  1 
ATOM   431 C "C1'"  . C   A 1 14 ? -7.391  2.085   12.114  1.00 0.00 ? 30   C   B "C1'"  1 
ATOM   432 N N1     . C   A 1 14 ? -7.793  0.793   12.707  1.00 0.00 ? 30   C   B N1     1 
ATOM   433 C C2     . C   A 1 14 ? -8.564  -0.061  11.930  1.00 0.00 ? 30   C   B C2     1 
ATOM   434 O O2     . C   A 1 14 ? -8.883  0.258   10.800  1.00 0.00 ? 30   C   B O2     1 
ATOM   435 N N3     . C   A 1 14 ? -8.946  -1.251  12.468  1.00 0.00 ? 30   C   B N3     1 
ATOM   436 C C4     . C   A 1 14 ? -8.588  -1.592  13.712  1.00 0.00 ? 30   C   B C4     1 
ATOM   437 N N4     . C   A 1 14 ? -8.983  -2.764  14.207  1.00 0.00 ? 30   C   B N4     1 
ATOM   438 C C5     . C   A 1 14 ? -7.791  -0.716  14.515  1.00 0.00 ? 30   C   B C5     1 
ATOM   439 C C6     . C   A 1 14 ? -7.418  0.460   13.975  1.00 0.00 ? 30   C   B C6     1 
ATOM   440 H "H5'"  . C   A 1 14 ? -5.835  4.389   15.326  1.00 0.00 ? 30   C   B "H5'"  1 
ATOM   441 H "H5''" . C   A 1 14 ? -7.574  4.241   15.647  1.00 0.00 ? 30   C   B "H5''" 1 
ATOM   442 H "H4'"  . C   A 1 14 ? -6.613  4.787   13.200  1.00 0.00 ? 30   C   B "H4'"  1 
ATOM   443 H "H3'"  . C   A 1 14 ? -9.042  3.261   14.128  1.00 0.00 ? 30   C   B "H3'"  1 
ATOM   444 H "H2'"  . C   A 1 14 ? -9.511  2.460   11.959  1.00 0.00 ? 30   C   B "H2'"  1 
ATOM   445 H "HO2'" . C   A 1 14 ? -8.895  3.504   10.154  1.00 0.00 ? 30   C   B "HO2'" 1 
ATOM   446 H "H1'"  . C   A 1 14 ? -6.978  1.916   11.120  1.00 0.00 ? 30   C   B "H1'"  1 
ATOM   447 H H41    . C   A 1 14 ? -9.545  -3.387  13.645  1.00 0.00 ? 30   C   B H41    1 
ATOM   448 H H42    . C   A 1 14 ? -8.720  -3.031  15.146  1.00 0.00 ? 30   C   B H42    1 
ATOM   449 H H5     . C   A 1 14 ? -7.496  -0.991  15.528  1.00 0.00 ? 30   C   B H5     1 
ATOM   450 H H6     . C   A 1 14 ? -6.810  1.153   14.559  1.00 0.00 ? 30   C   B H6     1 
ATOM   451 P P      . U   A 1 15 ? -10.490 5.502   13.585  1.00 0.00 ? 31   U   B P      1 
ATOM   452 O OP1    . U   A 1 15 ? -10.389 6.491   14.681  1.00 0.00 ? 31   U   B OP1    1 
ATOM   453 O OP2    . U   A 1 15 ? -11.260 4.255   13.785  1.00 0.00 ? 31   U   B OP2    1 
ATOM   454 O "O5'"  . U   A 1 15 ? -11.073 6.251   12.283  1.00 0.00 ? 31   U   B "O5'"  1 
ATOM   455 C "C5'"  . U   A 1 15 ? -12.032 7.303   12.418  1.00 0.00 ? 31   U   B "C5'"  1 
ATOM   456 C "C4'"  . U   A 1 15 ? -13.433 6.837   12.030  1.00 0.00 ? 31   U   B "C4'"  1 
ATOM   457 O "O4'"  . U   A 1 15 ? -13.415 5.494   11.572  1.00 0.00 ? 31   U   B "O4'"  1 
ATOM   458 C "C3'"  . U   A 1 15 ? -14.370 6.850   13.232  1.00 0.00 ? 31   U   B "C3'"  1 
ATOM   459 O "O3'"  . U   A 1 15 ? -15.193 8.016   13.138  1.00 0.00 ? 31   U   B "O3'"  1 
ATOM   460 C "C2'"  . U   A 1 15 ? -15.265 5.620   13.054  1.00 0.00 ? 31   U   B "C2'"  1 
ATOM   461 O "O2'"  . U   A 1 15 ? -16.625 6.001   12.817  1.00 0.00 ? 31   U   B "O2'"  1 
ATOM   462 C "C1'"  . U   A 1 15 ? -14.677 4.890   11.846  1.00 0.00 ? 31   U   B "C1'"  1 
ATOM   463 N N1     . U   A 1 15 ? -14.517 3.451   12.125  1.00 0.00 ? 31   U   B N1     1 
ATOM   464 C C2     . U   A 1 15 ? -15.631 2.645   11.989  1.00 0.00 ? 31   U   B C2     1 
ATOM   465 O O2     . U   A 1 15 ? -16.711 3.088   11.652  1.00 0.00 ? 31   U   B O2     1 
ATOM   466 N N3     . U   A 1 15 ? -15.445 1.301   12.257  1.00 0.00 ? 31   U   B N3     1 
ATOM   467 C C4     . U   A 1 15 ? -14.258 0.703   12.645  1.00 0.00 ? 31   U   B C4     1 
ATOM   468 O O4     . U   A 1 15 ? -14.207 -0.493  12.855  1.00 0.00 ? 31   U   B O4     1 
ATOM   469 C C5     . U   A 1 15 ? -13.147 1.620   12.763  1.00 0.00 ? 31   U   B C5     1 
ATOM   470 C C6     . U   A 1 15 ? -13.306 2.941   12.505  1.00 0.00 ? 31   U   B C6     1 
ATOM   471 H "H5'"  . U   A 1 15 ? -11.742 8.132   11.774  1.00 0.00 ? 31   U   B "H5'"  1 
ATOM   472 H "H5''" . U   A 1 15 ? -12.042 7.644   13.454  1.00 0.00 ? 31   U   B "H5''" 1 
ATOM   473 H "H4'"  . U   A 1 15 ? -13.830 7.482   11.248  1.00 0.00 ? 31   U   B "H4'"  1 
ATOM   474 H "H3'"  . U   A 1 15 ? -13.820 6.818   14.172  1.00 0.00 ? 31   U   B "H3'"  1 
ATOM   475 H "H2'"  . U   A 1 15 ? -15.196 4.984   13.940  1.00 0.00 ? 31   U   B "H2'"  1 
ATOM   476 H "HO2'" . U   A 1 15 ? -16.642 6.506   12.000  1.00 0.00 ? 31   U   B "HO2'" 1 
ATOM   477 H "H1'"  . U   A 1 15 ? -15.336 5.019   10.987  1.00 0.00 ? 31   U   B "H1'"  1 
ATOM   478 H H3     . U   A 1 15 ? -16.250 0.699   12.161  1.00 0.00 ? 31   U   B H3     1 
ATOM   479 H H5     . U   A 1 15 ? -12.169 1.246   13.062  1.00 0.00 ? 31   U   B H5     1 
ATOM   480 H H6     . U   A 1 15 ? -12.451 3.610   12.602  1.00 0.00 ? 31   U   B H6     1 
ATOM   481 P P      . G   A 1 16 ? -14.661 9.438   13.673  1.00 0.00 ? 32   G   B P      1 
ATOM   482 O OP1    . G   A 1 16 ? -13.231 9.564   13.311  1.00 0.00 ? 32   G   B OP1    1 
ATOM   483 O OP2    . G   A 1 16 ? -15.080 9.588   15.084  1.00 0.00 ? 32   G   B OP2    1 
ATOM   484 O "O5'"  . G   A 1 16 ? -15.500 10.487  12.784  1.00 0.00 ? 32   G   B "O5'"  1 
ATOM   485 C "C5'"  . G   A 1 16 ? -15.483 10.405  11.352  1.00 0.00 ? 32   G   B "C5'"  1 
ATOM   486 C "C4'"  . G   A 1 16 ? -16.426 9.337   10.822  1.00 0.00 ? 32   G   B "C4'"  1 
ATOM   487 O "O4'"  . G   A 1 16 ? -17.174 8.738   11.887  1.00 0.00 ? 32   G   B "O4'"  1 
ATOM   488 C "C3'"  . G   A 1 16 ? -17.445 9.939   9.853   1.00 0.00 ? 32   G   B "C3'"  1 
ATOM   489 O "O3'"  . G   A 1 16 ? -17.141 9.470   8.537   1.00 0.00 ? 32   G   B "O3'"  1 
ATOM   490 C "C2'"  . G   A 1 16 ? -18.776 9.332   10.276  1.00 0.00 ? 32   G   B "C2'"  1 
ATOM   491 O "O2'"  . G   A 1 16 ? -19.052 8.122   9.562   1.00 0.00 ? 32   G   B "O2'"  1 
ATOM   492 C "C1'"  . G   A 1 16 ? -18.557 9.067   11.755  1.00 0.00 ? 32   G   B "C1'"  1 
ATOM   493 N N9     . G   A 1 16 ? -18.902 10.252  12.564  1.00 0.00 ? 32   G   B N9     1 
ATOM   494 C C8     . G   A 1 16 ? -18.142 10.950  13.442  1.00 0.00 ? 32   G   B C8     1 
ATOM   495 N N7     . G   A 1 16 ? -18.684 11.963  14.030  1.00 0.00 ? 32   G   B N7     1 
ATOM   496 C C5     . G   A 1 16 ? -19.972 11.954  13.485  1.00 0.00 ? 32   G   B C5     1 
ATOM   497 C C6     . G   A 1 16 ? -21.069 12.824  13.725  1.00 0.00 ? 32   G   B C6     1 
ATOM   498 O O6     . G   A 1 16 ? -21.123 13.782  14.472  1.00 0.00 ? 32   G   B O6     1 
ATOM   499 N N1     . G   A 1 16 ? -22.180 12.464  12.973  1.00 0.00 ? 32   G   B N1     1 
ATOM   500 C C2     . G   A 1 16 ? -22.235 11.400  12.095  1.00 0.00 ? 32   G   B C2     1 
ATOM   501 N N2     . G   A 1 16 ? -23.394 11.215  11.464  1.00 0.00 ? 32   G   B N2     1 
ATOM   502 N N3     . G   A 1 16 ? -21.207 10.576  11.863  1.00 0.00 ? 32   G   B N3     1 
ATOM   503 C C4     . G   A 1 16 ? -20.114 10.907  12.585  1.00 0.00 ? 32   G   B C4     1 
ATOM   504 H "H5'"  . G   A 1 16 ? -14.489 10.140  11.019  1.00 0.00 ? 32   G   B "H5'"  1 
ATOM   505 H "H5''" . G   A 1 16 ? -15.760 11.388  10.944  1.00 0.00 ? 32   G   B "H5''" 1 
ATOM   506 H "H4'"  . G   A 1 16 ? -15.851 8.566   10.310  1.00 0.00 ? 32   G   B "H4'"  1 
ATOM   507 H "H3'"  . G   A 1 16 ? -17.461 11.027  9.905   1.00 0.00 ? 32   G   B "H3'"  1 
ATOM   508 H "H2'"  . G   A 1 16 ? -19.580 10.060  10.140  1.00 0.00 ? 32   G   B "H2'"  1 
ATOM   509 H "HO2'" . G   A 1 16 ? -18.208 7.730   9.327   1.00 0.00 ? 32   G   B "HO2'" 1 
ATOM   510 H "H1'"  . G   A 1 16 ? -19.167 8.220   12.069  1.00 0.00 ? 32   G   B "H1'"  1 
ATOM   511 H H8     . G   A 1 16 ? -17.109 10.665  13.645  1.00 0.00 ? 32   G   B H8     1 
ATOM   512 H H1     . G   A 1 16 ? -23.001 13.040  13.091  1.00 0.00 ? 32   G   B H1     1 
ATOM   513 H H21    . G   A 1 16 ? -24.170 11.837  11.640  1.00 0.00 ? 32   G   B H21    1 
ATOM   514 H H22    . G   A 1 16 ? -23.497 10.452  10.810  1.00 0.00 ? 32   G   B H22    1 
ATOM   515 P P      . G   A 1 17 ? -16.089 10.260  7.609   1.00 0.00 ? 33   G   B P      1 
ATOM   516 O OP1    . G   A 1 17 ? -15.197 11.048  8.489   1.00 0.00 ? 33   G   B OP1    1 
ATOM   517 O OP2    . G   A 1 17 ? -16.840 10.934  6.527   1.00 0.00 ? 33   G   B OP2    1 
ATOM   518 O "O5'"  . G   A 1 17 ? -15.228 9.066   6.958   1.00 0.00 ? 33   G   B "O5'"  1 
ATOM   519 C "C5'"  . G   A 1 17 ? -15.539 8.574   5.647   1.00 0.00 ? 33   G   B "C5'"  1 
ATOM   520 C "C4'"  . G   A 1 17 ? -14.865 7.241   5.355   1.00 0.00 ? 33   G   B "C4'"  1 
ATOM   521 O "O4'"  . G   A 1 17 ? -14.651 6.495   6.560   1.00 0.00 ? 33   G   B "O4'"  1 
ATOM   522 C "C3'"  . G   A 1 17 ? -15.741 6.370   4.459   1.00 0.00 ? 33   G   B "C3'"  1 
ATOM   523 O "O3'"  . G   A 1 17 ? -15.247 6.457   3.121   1.00 0.00 ? 33   G   B "O3'"  1 
ATOM   524 C "C2'"  . G   A 1 17 ? -15.483 4.965   4.970   1.00 0.00 ? 33   G   B "C2'"  1 
ATOM   525 O "O2'"  . G   A 1 17 ? -14.327 4.386   4.353   1.00 0.00 ? 33   G   B "O2'"  1 
ATOM   526 C "C1'"  . G   A 1 17 ? -15.262 5.203   6.455   1.00 0.00 ? 33   G   B "C1'"  1 
ATOM   527 N N9     . G   A 1 17 ? -16.538 5.157   7.194   1.00 0.00 ? 33   G   B N9     1 
ATOM   528 C C8     . G   A 1 17 ? -16.984 5.952   8.198   1.00 0.00 ? 33   G   B C8     1 
ATOM   529 N N7     . G   A 1 17 ? -18.154 5.704   8.684   1.00 0.00 ? 33   G   B N7     1 
ATOM   530 C C5     . G   A 1 17 ? -18.555 4.606   7.916   1.00 0.00 ? 33   G   B C5     1 
ATOM   531 C C6     . G   A 1 17 ? -19.760 3.855   7.960   1.00 0.00 ? 33   G   B C6     1 
ATOM   532 O O6     . G   A 1 17 ? -20.719 4.013   8.689   1.00 0.00 ? 33   G   B O6     1 
ATOM   533 N N1     . G   A 1 17 ? -19.759 2.834   7.018   1.00 0.00 ? 33   G   B N1     1 
ATOM   534 C C2     . G   A 1 17 ? -18.729 2.562   6.141   1.00 0.00 ? 33   G   B C2     1 
ATOM   535 N N2     . G   A 1 17 ? -18.918 1.536   5.311   1.00 0.00 ? 33   G   B N2     1 
ATOM   536 N N3     . G   A 1 17 ? -17.592 3.263   6.093   1.00 0.00 ? 33   G   B N3     1 
ATOM   537 C C4     . G   A 1 17 ? -17.569 4.265   7.002   1.00 0.00 ? 33   G   B C4     1 
ATOM   538 H "H5'"  . G   A 1 17 ? -15.182 9.276   4.905   1.00 0.00 ? 33   G   B "H5'"  1 
ATOM   539 H "H5''" . G   A 1 17 ? -16.630 8.469   5.564   1.00 0.00 ? 33   G   B "H5''" 1 
ATOM   540 H "H4'"  . G   A 1 17 ? -13.907 7.418   4.867   1.00 0.00 ? 33   G   B "H4'"  1 
ATOM   541 H "H3'"  . G   A 1 17 ? -16.794 6.642   4.529   1.00 0.00 ? 33   G   B "H3'"  1 
ATOM   542 H "H2'"  . G   A 1 17 ? -16.365 4.340   4.815   1.00 0.00 ? 33   G   B "H2'"  1 
ATOM   543 H "HO2'" . G   A 1 17 ? -14.103 3.596   4.851   1.00 0.00 ? 33   G   B "HO2'" 1 
ATOM   544 H "H1'"  . G   A 1 17 ? -14.585 4.446   6.849   1.00 0.00 ? 33   G   B "H1'"  1 
ATOM   545 H H8     . G   A 1 17 ? -16.375 6.771   8.583   1.00 0.00 ? 33   G   B H8     1 
ATOM   546 H H1     . G   A 1 17 ? -20.587 2.256   6.992   1.00 0.00 ? 33   G   B H1     1 
ATOM   547 H H21    . G   A 1 17 ? -19.778 1.007   5.347   1.00 0.00 ? 33   G   B H21    1 
ATOM   548 H H22    . G   A 1 17 ? -18.200 1.288   4.644   1.00 0.00 ? 33   G   B H22    1 
ATOM   549 P P      . G   A 1 18 ? -16.187 6.059   1.874   1.00 0.00 ? 34   G   B P      1 
ATOM   550 O OP1    . G   A 1 18 ? -15.751 6.843   0.697   1.00 0.00 ? 34   G   B OP1    1 
ATOM   551 O OP2    . G   A 1 18 ? -17.597 6.118   2.321   1.00 0.00 ? 34   G   B OP2    1 
ATOM   552 O "O5'"  . G   A 1 18 ? -15.804 4.514   1.621   1.00 0.00 ? 34   G   B "O5'"  1 
ATOM   553 C "C5'"  . G   A 1 18 ? -14.434 4.080   1.647   1.00 0.00 ? 34   G   B "C5'"  1 
ATOM   554 C "C4'"  . G   A 1 18 ? -13.490 5.092   1.018   1.00 0.00 ? 34   G   B "C4'"  1 
ATOM   555 O "O4'"  . G   A 1 18 ? -13.133 6.109   1.957   1.00 0.00 ? 34   G   B "O4'"  1 
ATOM   556 C "C3'"  . G   A 1 18 ? -12.187 4.426   0.572   1.00 0.00 ? 34   G   B "C3'"  1 
ATOM   557 O "O3'"  . G   A 1 18 ? -12.068 4.598   -0.844  1.00 0.00 ? 34   G   B "O3'"  1 
ATOM   558 C "C2'"  . G   A 1 18 ? -11.085 5.239   1.242   1.00 0.00 ? 34   G   B "C2'"  1 
ATOM   559 O "O2'"  . G   A 1 18 ? -10.546 6.224   0.353   1.00 0.00 ? 34   G   B "O2'"  1 
ATOM   560 C "C1'"  . G   A 1 18 ? -11.804 5.882   2.413   1.00 0.00 ? 34   G   B "C1'"  1 
ATOM   561 N N9     . G   A 1 18 ? -11.786 5.003   3.596   1.00 0.00 ? 34   G   B N9     1 
ATOM   562 C C8     . G   A 1 18 ? -11.717 3.651   3.668   1.00 0.00 ? 34   G   B C8     1 
ATOM   563 N N7     . G   A 1 18 ? -11.714 3.113   4.841   1.00 0.00 ? 34   G   B N7     1 
ATOM   564 C C5     . G   A 1 18 ? -11.788 4.237   5.670   1.00 0.00 ? 34   G   B C5     1 
ATOM   565 C C6     . G   A 1 18 ? -11.822 4.320   7.088   1.00 0.00 ? 34   G   B C6     1 
ATOM   566 O O6     . G   A 1 18 ? -11.790 3.415   7.897   1.00 0.00 ? 34   G   B O6     1 
ATOM   567 N N1     . G   A 1 18 ? -11.898 5.639   7.518   1.00 0.00 ? 34   G   B N1     1 
ATOM   568 C C2     . G   A 1 18 ? -11.939 6.744   6.691   1.00 0.00 ? 34   G   B C2     1 
ATOM   569 N N2     . G   A 1 18 ? -12.010 7.930   7.296   1.00 0.00 ? 34   G   B N2     1 
ATOM   570 N N3     . G   A 1 18 ? -11.908 6.674   5.357   1.00 0.00 ? 34   G   B N3     1 
ATOM   571 C C4     . G   A 1 18 ? -11.833 5.398   4.914   1.00 0.00 ? 34   G   B C4     1 
ATOM   572 H "H5'"  . G   A 1 18 ? -14.337 3.165   1.080   1.00 0.00 ? 34   G   B "H5'"  1 
ATOM   573 H "H5''" . G   A 1 18 ? -14.148 3.899   2.693   1.00 0.00 ? 34   G   B "H5''" 1 
ATOM   574 H "H4'"  . G   A 1 18 ? -13.972 5.551   0.157   1.00 0.00 ? 34   G   B "H4'"  1 
ATOM   575 H "H3'"  . G   A 1 18 ? -12.150 3.376   0.859   1.00 0.00 ? 34   G   B "H3'"  1 
ATOM   576 H "H2'"  . G   A 1 18 ? -10.298 4.573   1.606   1.00 0.00 ? 34   G   B "H2'"  1 
ATOM   577 H "HO2'" . G   A 1 18 ? -10.081 6.869   0.890   1.00 0.00 ? 34   G   B "HO2'" 1 
ATOM   578 H "H1'"  . G   A 1 18 ? -11.331 6.833   2.655   1.00 0.00 ? 34   G   B "H1'"  1 
ATOM   579 H H8     . G   A 1 18 ? -11.662 3.040   2.766   1.00 0.00 ? 34   G   B H8     1 
ATOM   580 H H1     . G   A 1 18 ? -11.926 5.777   8.518   1.00 0.00 ? 34   G   B H1     1 
ATOM   581 H H21    . G   A 1 18 ? -12.033 7.983   8.304   1.00 0.00 ? 34   G   B H21    1 
ATOM   582 H H22    . G   A 1 18 ? -12.041 8.776   6.745   1.00 0.00 ? 34   G   B H22    1 
ATOM   583 P P      . A   A 1 19 ? -10.840 3.938   -1.651  1.00 0.00 ? 35   A   B P      1 
ATOM   584 O OP1    . A   A 1 19 ? -11.314 3.588   -3.009  1.00 0.00 ? 35   A   B OP1    1 
ATOM   585 O OP2    . A   A 1 19 ? -10.226 2.901   -0.795  1.00 0.00 ? 35   A   B OP2    1 
ATOM   586 O "O5'"  . A   A 1 19 ? -9.804  5.165   -1.781  1.00 0.00 ? 35   A   B "O5'"  1 
ATOM   587 C "C5'"  . A   A 1 19 ? -8.400  4.920   -1.907  1.00 0.00 ? 35   A   B "C5'"  1 
ATOM   588 C "C4'"  . A   A 1 19 ? -7.724  4.815   -0.548  1.00 0.00 ? 35   A   B "C4'"  1 
ATOM   589 O "O4'"  . A   A 1 19 ? -8.649  4.462   0.465   1.00 0.00 ? 35   A   B "O4'"  1 
ATOM   590 C "C3'"  . A   A 1 19 ? -6.702  3.689   -0.522  1.00 0.00 ? 35   A   B "C3'"  1 
ATOM   591 O "O3'"  . A   A 1 19 ? -5.408  4.140   -0.993  1.00 0.00 ? 35   A   B "O3'"  1 
ATOM   592 C "C2'"  . A   A 1 19 ? -6.592  3.363   0.962   1.00 0.00 ? 35   A   B "C2'"  1 
ATOM   593 O "O2'"  . A   A 1 19 ? -5.488  4.038   1.567   1.00 0.00 ? 35   A   B "O2'"  1 
ATOM   594 C "C1'"  . A   A 1 19 ? -7.935  3.840   1.539   1.00 0.00 ? 35   A   B "C1'"  1 
ATOM   595 N N9     . A   A 1 19 ? -8.697  2.709   2.094   1.00 0.00 ? 35   A   B N9     1 
ATOM   596 C C8     . A   A 1 19 ? -9.333  1.703   1.451   1.00 0.00 ? 35   A   B C8     1 
ATOM   597 N N7     . A   A 1 19 ? -9.934  0.817   2.174   1.00 0.00 ? 35   A   B N7     1 
ATOM   598 C C5     . A   A 1 19 ? -9.671  1.285   3.465   1.00 0.00 ? 35   A   B C5     1 
ATOM   599 C C6     . A   A 1 19 ? -10.020 0.811   4.735   1.00 0.00 ? 35   A   B C6     1 
ATOM   600 N N6     . A   A 1 19 ? -10.742 -0.293  4.927   1.00 0.00 ? 35   A   B N6     1 
ATOM   601 N N1     . A   A 1 19 ? -9.595  1.516   5.798   1.00 0.00 ? 35   A   B N1     1 
ATOM   602 C C2     . A   A 1 19 ? -8.868  2.623   5.628   1.00 0.00 ? 35   A   B C2     1 
ATOM   603 N N3     . A   A 1 19 ? -8.481  3.160   4.474   1.00 0.00 ? 35   A   B N3     1 
ATOM   604 C C4     . A   A 1 19 ? -8.918  2.437   3.425   1.00 0.00 ? 35   A   B C4     1 
ATOM   605 H "H5'"  . A   A 1 19 ? -7.945  5.737   -2.465  1.00 0.00 ? 35   A   B "H5'"  1 
ATOM   606 H "H5''" . A   A 1 19 ? -8.248  3.989   -2.451  1.00 0.00 ? 35   A   B "H5''" 1 
ATOM   607 H "H4'"  . A   A 1 19 ? -7.259  5.762   -0.289  1.00 0.00 ? 35   A   B "H4'"  1 
ATOM   608 H "H3'"  . A   A 1 19 ? -7.055  2.825   -1.087  1.00 0.00 ? 35   A   B "H3'"  1 
ATOM   609 H "H2'"  . A   A 1 19 ? -6.498  2.285   1.093   1.00 0.00 ? 35   A   B "H2'"  1 
ATOM   610 H "HO2'" . A   A 1 19 ? -4.916  3.367   1.946   1.00 0.00 ? 35   A   B "HO2'" 1 
ATOM   611 H "H1'"  . A   A 1 19 ? -7.757  4.575   2.322   1.00 0.00 ? 35   A   B "H1'"  1 
ATOM   612 H H8     . A   A 1 19 ? -9.338  1.646   0.364   1.00 0.00 ? 35   A   B H8     1 
ATOM   613 H H61    . A   A 1 19 ? -11.063 -0.831  4.134   1.00 0.00 ? 35   A   B H61    1 
ATOM   614 H H62    . A   A 1 19 ? -10.967 -0.593  5.865   1.00 0.00 ? 35   A   B H62    1 
ATOM   615 H H2     . A   A 1 19 ? -8.557  3.143   6.534   1.00 0.00 ? 35   A   B H2     1 
ATOM   616 P P      . G   A 1 20 ? -4.958  5.694   -1.050  1.00 0.00 ? 36   G   B P      1 
ATOM   617 O OP1    . G   A 1 20 ? -5.994  6.455   -1.782  1.00 0.00 ? 36   G   B OP1    1 
ATOM   618 O OP2    . G   A 1 20 ? -3.550  5.746   -1.506  1.00 0.00 ? 36   G   B OP2    1 
ATOM   619 O "O5'"  . G   A 1 20 ? -4.998  6.142   0.496   1.00 0.00 ? 36   G   B "O5'"  1 
ATOM   620 C "C5'"  . G   A 1 20 ? -5.570  7.399   0.868   1.00 0.00 ? 36   G   B "C5'"  1 
ATOM   621 C "C4'"  . G   A 1 20 ? -5.296  7.768   2.320   1.00 0.00 ? 36   G   B "C4'"  1 
ATOM   622 O "O4'"  . G   A 1 20 ? -6.164  7.098   3.224   1.00 0.00 ? 36   G   B "O4'"  1 
ATOM   623 C "C3'"  . G   A 1 20 ? -3.916  7.337   2.753   1.00 0.00 ? 36   G   B "C3'"  1 
ATOM   624 O "O3'"  . G   A 1 20 ? -2.974  8.330   2.338   1.00 0.00 ? 36   G   B "O3'"  1 
ATOM   625 C "C2'"  . G   A 1 20 ? -4.039  7.373   4.268   1.00 0.00 ? 36   G   B "C2'"  1 
ATOM   626 O "O2'"  . G   A 1 20 ? -3.803  8.689   4.782   1.00 0.00 ? 36   G   B "O2'"  1 
ATOM   627 C "C1'"  . G   A 1 20 ? -5.492  6.935   4.490   1.00 0.00 ? 36   G   B "C1'"  1 
ATOM   628 N N9     . G   A 1 20 ? -5.547  5.530   4.925   1.00 0.00 ? 36   G   B N9     1 
ATOM   629 C C8     . G   A 1 20 ? -5.851  4.428   4.205   1.00 0.00 ? 36   G   B C8     1 
ATOM   630 N N7     . G   A 1 20 ? -5.874  3.294   4.819   1.00 0.00 ? 36   G   B N7     1 
ATOM   631 C C5     . G   A 1 20 ? -5.535  3.671   6.121   1.00 0.00 ? 36   G   B C5     1 
ATOM   632 C C6     . G   A 1 20 ? -5.386  2.874   7.287   1.00 0.00 ? 36   G   B C6     1 
ATOM   633 O O6     . G   A 1 20 ? -5.534  1.673   7.403   1.00 0.00 ? 36   G   B O6     1 
ATOM   634 N N1     . G   A 1 20 ? -5.031  3.642   8.385   1.00 0.00 ? 36   G   B N1     1 
ATOM   635 C C2     . G   A 1 20 ? -4.840  5.009   8.374   1.00 0.00 ? 36   G   B C2     1 
ATOM   636 N N2     . G   A 1 20 ? -4.499  5.562   9.538   1.00 0.00 ? 36   G   B N2     1 
ATOM   637 N N3     . G   A 1 20 ? -4.983  5.769   7.282   1.00 0.00 ? 36   G   B N3     1 
ATOM   638 C C4     . G   A 1 20 ? -5.329  5.041   6.196   1.00 0.00 ? 36   G   B C4     1 
ATOM   639 H "H5'"  . G   A 1 20 ? -6.645  7.351   0.755   1.00 0.00 ? 36   G   B "H5'"  1 
ATOM   640 H "H5''" . G   A 1 20 ? -5.166  8.169   0.202   1.00 0.00 ? 36   G   B "H5''" 1 
ATOM   641 H "H4'"  . G   A 1 20 ? -5.402  8.843   2.452   1.00 0.00 ? 36   G   B "H4'"  1 
ATOM   642 H "H3'"  . G   A 1 20 ? -3.667  6.339   2.387   1.00 0.00 ? 36   G   B "H3'"  1 
ATOM   643 H "H2'"  . G   A 1 20 ? -3.356  6.648   4.718   1.00 0.00 ? 36   G   B "H2'"  1 
ATOM   644 H "HO2'" . G   A 1 20 ? -2.852  8.803   4.852   1.00 0.00 ? 36   G   B "HO2'" 1 
ATOM   645 H "H1'"  . G   A 1 20 ? -5.961  7.572   5.241   1.00 0.00 ? 36   G   B "H1'"  1 
ATOM   646 H H8     . G   A 1 20 ? -6.026  4.493   3.130   1.00 0.00 ? 36   G   B H8     1 
ATOM   647 H H1     . G   A 1 20 ? -4.901  3.141   9.250   1.00 0.00 ? 36   G   B H1     1 
ATOM   648 H H21    . G   A 1 20 ? -4.392  4.983   10.360  1.00 0.00 ? 36   G   B H21    1 
ATOM   649 H H22    . G   A 1 20 ? -4.349  6.560   9.599   1.00 0.00 ? 36   G   B H22    1 
ATOM   650 P P      . C   A 1 21 ? -1.526  7.898   1.783   1.00 0.00 ? 37   C   B P      1 
ATOM   651 O OP1    . C   A 1 21 ? -0.765  9.128   1.469   1.00 0.00 ? 37   C   B OP1    1 
ATOM   652 O OP2    . C   A 1 21 ? -1.719  6.865   0.741   1.00 0.00 ? 37   C   B OP2    1 
ATOM   653 O "O5'"  . C   A 1 21 ? -0.849  7.200   3.065   1.00 0.00 ? 37   C   B "O5'"  1 
ATOM   654 C "C5'"  . C   A 1 21 ? 0.063   7.932   3.885   1.00 0.00 ? 37   C   B "C5'"  1 
ATOM   655 C "C4'"  . C   A 1 21 ? 0.629   7.073   5.011   1.00 0.00 ? 37   C   B "C4'"  1 
ATOM   656 O "O4'"  . C   A 1 21 ? -0.399  6.566   5.855   1.00 0.00 ? 37   C   B "O4'"  1 
ATOM   657 C "C3'"  . C   A 1 21 ? 1.324   5.837   4.478   1.00 0.00 ? 37   C   B "C3'"  1 
ATOM   658 O "O3'"  . C   A 1 21 ? 2.682   6.173   4.181   1.00 0.00 ? 37   C   B "O3'"  1 
ATOM   659 C "C2'"  . C   A 1 21 ? 1.306   4.907   5.680   1.00 0.00 ? 37   C   B "C2'"  1 
ATOM   660 O "O2'"  . C   A 1 21 ? 2.450   5.110   6.517   1.00 0.00 ? 37   C   B "O2'"  1 
ATOM   661 C "C1'"  . C   A 1 21 ? 0.009   5.299   6.399   1.00 0.00 ? 37   C   B "C1'"  1 
ATOM   662 N N1     . C   A 1 21 ? -1.027  4.269   6.187   1.00 0.00 ? 37   C   B N1     1 
ATOM   663 C C2     . C   A 1 21 ? -1.046  3.189   7.058   1.00 0.00 ? 37   C   B C2     1 
ATOM   664 O O2     . C   A 1 21 ? -0.259  3.135   7.984   1.00 0.00 ? 37   C   B O2     1 
ATOM   665 N N3     . C   A 1 21 ? -1.969  2.211   6.853   1.00 0.00 ? 37   C   B N3     1 
ATOM   666 C C4     . C   A 1 21 ? -2.838  2.289   5.837   1.00 0.00 ? 37   C   B C4     1 
ATOM   667 N N4     . C   A 1 21 ? -3.728  1.314   5.665   1.00 0.00 ? 37   C   B N4     1 
ATOM   668 C C5     . C   A 1 21 ? -2.823  3.402   4.938   1.00 0.00 ? 37   C   B C5     1 
ATOM   669 C C6     . C   A 1 21 ? -1.906  4.365   5.149   1.00 0.00 ? 37   C   B C6     1 
ATOM   670 H "H5'"  . C   A 1 21 ? -0.456  8.787   4.317   1.00 0.00 ? 37   C   B "H5'"  1 
ATOM   671 H "H5''" . C   A 1 21 ? 0.886   8.292   3.266   1.00 0.00 ? 37   C   B "H5''" 1 
ATOM   672 H "H4'"  . C   A 1 21 ? 1.326   7.660   5.606   1.00 0.00 ? 37   C   B "H4'"  1 
ATOM   673 H "H3'"  . C   A 1 21 ? 0.802   5.408   3.620   1.00 0.00 ? 37   C   B "H3'"  1 
ATOM   674 H "H2'"  . C   A 1 21 ? 1.248   3.868   5.346   1.00 0.00 ? 37   C   B "H2'"  1 
ATOM   675 H "HO2'" . C   A 1 21 ? 2.904   4.268   6.590   1.00 0.00 ? 37   C   B "HO2'" 1 
ATOM   676 H "H1'"  . C   A 1 21 ? 0.203   5.405   7.466   1.00 0.00 ? 37   C   B "H1'"  1 
ATOM   677 H H41    . C   A 1 21 ? -3.744  0.525   6.297   1.00 0.00 ? 37   C   B H41    1 
ATOM   678 H H42    . C   A 1 21 ? -4.387  1.360   4.900   1.00 0.00 ? 37   C   B H42    1 
ATOM   679 H H5     . C   A 1 21 ? -3.531  3.468   4.111   1.00 0.00 ? 37   C   B H5     1 
ATOM   680 H H6     . C   A 1 21 ? -1.867  5.228   4.485   1.00 0.00 ? 37   C   B H6     1 
ATOM   681 P P      . U   A 1 22 ? 3.538   5.276   3.156   1.00 0.00 ? 38   U   B P      1 
ATOM   682 O OP1    . U   A 1 22 ? 4.858   5.919   2.967   1.00 0.00 ? 38   U   B OP1    1 
ATOM   683 O OP2    . U   A 1 22 ? 2.689   4.975   1.982   1.00 0.00 ? 38   U   B OP2    1 
ATOM   684 O "O5'"  . U   A 1 22 ? 3.756   3.912   3.984   1.00 0.00 ? 38   U   B "O5'"  1 
ATOM   685 C "C5'"  . U   A 1 22 ? 5.013   3.636   4.607   1.00 0.00 ? 38   U   B "C5'"  1 
ATOM   686 C "C4'"  . U   A 1 22 ? 4.828   3.000   5.982   1.00 0.00 ? 38   U   B "C4'"  1 
ATOM   687 O "O4'"  . U   A 1 22 ? 3.455   2.712   6.241   1.00 0.00 ? 38   U   B "O4'"  1 
ATOM   688 C "C3'"  . U   A 1 22 ? 5.547   1.666   6.072   1.00 0.00 ? 38   U   B "C3'"  1 
ATOM   689 O "O3'"  . U   A 1 22 ? 6.859   1.897   6.590   1.00 0.00 ? 38   U   B "O3'"  1 
ATOM   690 C "C2'"  . U   A 1 22 ? 4.747   0.907   7.118   1.00 0.00 ? 38   U   B "C2'"  1 
ATOM   691 O "O2'"  . U   A 1 22 ? 5.249   1.148   8.437   1.00 0.00 ? 38   U   B "O2'"  1 
ATOM   692 C "C1'"  . U   A 1 22 ? 3.334   1.467   6.949   1.00 0.00 ? 38   U   B "C1'"  1 
ATOM   693 N N1     . U   A 1 22 ? 2.478   0.520   6.208   1.00 0.00 ? 38   U   B N1     1 
ATOM   694 C C2     . U   A 1 22 ? 2.095   -0.636  6.861   1.00 0.00 ? 38   U   B C2     1 
ATOM   695 O O2     . U   A 1 22 ? 2.441   -0.880  7.999   1.00 0.00 ? 38   U   B O2     1 
ATOM   696 N N3     . U   A 1 22 ? 1.292   -1.501  6.141   1.00 0.00 ? 38   U   B N3     1 
ATOM   697 C C4     . U   A 1 22 ? 0.845   -1.315  4.843   1.00 0.00 ? 38   U   B C4     1 
ATOM   698 O O4     . U   A 1 22 ? 0.141   -2.144  4.306   1.00 0.00 ? 38   U   B O4     1 
ATOM   699 C C5     . U   A 1 22 ? 1.295   -0.080  4.240   1.00 0.00 ? 38   U   B C5     1 
ATOM   700 C C6     . U   A 1 22 ? 2.082   0.784   4.925   1.00 0.00 ? 38   U   B C6     1 
ATOM   701 H "H5'"  . U   A 1 22 ? 5.566   4.568   4.717   1.00 0.00 ? 38   U   B "H5'"  1 
ATOM   702 H "H5''" . U   A 1 22 ? 5.582   2.957   3.971   1.00 0.00 ? 38   U   B "H5''" 1 
ATOM   703 H "H4'"  . U   A 1 22 ? 5.207   3.672   6.749   1.00 0.00 ? 38   U   B "H4'"  1 
ATOM   704 H "H3'"  . U   A 1 22 ? 5.566   1.146   5.114   1.00 0.00 ? 38   U   B "H3'"  1 
ATOM   705 H "H2'"  . U   A 1 22 ? 4.754   -0.163  6.889   1.00 0.00 ? 38   U   B "H2'"  1 
ATOM   706 H "HO2'" . U   A 1 22 ? 5.386   2.094   8.521   1.00 0.00 ? 38   U   B "HO2'" 1 
ATOM   707 H "H1'"  . U   A 1 22 ? 2.899   1.651   7.930   1.00 0.00 ? 38   U   B "H1'"  1 
ATOM   708 H H3     . U   A 1 22 ? 1.003   -2.351  6.606   1.00 0.00 ? 38   U   B H3     1 
ATOM   709 H H5     . U   A 1 22 ? 0.996   0.159   3.218   1.00 0.00 ? 38   U   B H5     1 
ATOM   710 H H6     . U   A 1 22 ? 2.406   1.708   4.445   1.00 0.00 ? 38   U   B H6     1 
ATOM   711 P P      . C   A 1 23 ? 8.018   0.798   6.395   1.00 0.00 ? 39   C   B P      1 
ATOM   712 O OP1    . C   A 1 23 ? 9.323   1.450   6.647   1.00 0.00 ? 39   C   B OP1    1 
ATOM   713 O OP2    . C   A 1 23 ? 7.780   0.094   5.115   1.00 0.00 ? 39   C   B OP2    1 
ATOM   714 O "O5'"  . C   A 1 23 ? 7.730   -0.232  7.598   1.00 0.00 ? 39   C   B "O5'"  1 
ATOM   715 C "C5'"  . C   A 1 23 ? 8.739   -1.152  8.022   1.00 0.00 ? 39   C   B "C5'"  1 
ATOM   716 C "C4'"  . C   A 1 23 ? 8.146   -2.303  8.833   1.00 0.00 ? 39   C   B "C4'"  1 
ATOM   717 O "O4'"  . C   A 1 23 ? 6.725   -2.176  8.949   1.00 0.00 ? 39   C   B "O4'"  1 
ATOM   718 C "C3'"  . C   A 1 23 ? 8.389   -3.639  8.150   1.00 0.00 ? 39   C   B "C3'"  1 
ATOM   719 O "O3'"  . C   A 1 23 ? 9.575   -4.217  8.704   1.00 0.00 ? 39   C   B "O3'"  1 
ATOM   720 C "C2'"  . C   A 1 23 ? 7.201   -4.477  8.584   1.00 0.00 ? 39   C   B "C2'"  1 
ATOM   721 O "O2'"  . C   A 1 23 ? 7.449   -5.131  9.833   1.00 0.00 ? 39   C   B "O2'"  1 
ATOM   722 C "C1'"  . C   A 1 23 ? 6.089   -3.441  8.708   1.00 0.00 ? 39   C   B "C1'"  1 
ATOM   723 N N1     . C   A 1 23 ? 5.270   -3.396  7.480   1.00 0.00 ? 39   C   B N1     1 
ATOM   724 C C2     . C   A 1 23 ? 4.181   -4.253  7.400   1.00 0.00 ? 39   C   B C2     1 
ATOM   725 O O2     . C   A 1 23 ? 3.923   -5.006  8.321   1.00 0.00 ? 39   C   B O2     1 
ATOM   726 N N3     . C   A 1 23 ? 3.418   -4.224  6.273   1.00 0.00 ? 39   C   B N3     1 
ATOM   727 C C4     . C   A 1 23 ? 3.708   -3.389  5.266   1.00 0.00 ? 39   C   B C4     1 
ATOM   728 N N4     . C   A 1 23 ? 2.936   -3.383  4.180   1.00 0.00 ? 39   C   B N4     1 
ATOM   729 C C5     . C   A 1 23 ? 4.830   -2.504  5.345   1.00 0.00 ? 39   C   B C5     1 
ATOM   730 C C6     . C   A 1 23 ? 5.579   -2.539  6.463   1.00 0.00 ? 39   C   B C6     1 
ATOM   731 H "H5'"  . C   A 1 23 ? 9.467   -0.623  8.637   1.00 0.00 ? 39   C   B "H5'"  1 
ATOM   732 H "H5''" . C   A 1 23 ? 9.242   -1.557  7.143   1.00 0.00 ? 39   C   B "H5''" 1 
ATOM   733 H "H4'"  . C   A 1 23 ? 8.588   -2.314  9.828   1.00 0.00 ? 39   C   B "H4'"  1 
ATOM   734 H "H3'"  . C   A 1 23 ? 8.446   -3.541  7.067   1.00 0.00 ? 39   C   B "H3'"  1 
ATOM   735 H "H2'"  . C   A 1 23 ? 6.951   -5.204  7.806   1.00 0.00 ? 39   C   B "H2'"  1 
ATOM   736 H "HO2'" . C   A 1 23 ? 7.928   -4.512  10.389  1.00 0.00 ? 39   C   B "HO2'" 1 
ATOM   737 H "H1'"  . C   A 1 23 ? 5.453   -3.694  9.555   1.00 0.00 ? 39   C   B "H1'"  1 
ATOM   738 H H41    . C   A 1 23 ? 2.145   -4.007  4.119   1.00 0.00 ? 39   C   B H41    1 
ATOM   739 H H42    . C   A 1 23 ? 3.141   -2.751  3.419   1.00 0.00 ? 39   C   B H42    1 
ATOM   740 H H5     . C   A 1 23 ? 5.068   -1.823  4.527   1.00 0.00 ? 39   C   B H5     1 
ATOM   741 H H6     . C   A 1 23 ? 6.441   -1.879  6.557   1.00 0.00 ? 39   C   B H6     1 
ATOM   742 P P      . U   A 1 24 ? 11.003  -3.984  7.999   1.00 0.00 ? 40   U   B P      1 
ATOM   743 O OP1    . U   A 1 24 ? 11.681  -2.862  8.684   1.00 0.00 ? 40   U   B OP1    1 
ATOM   744 O OP2    . U   A 1 24 ? 10.794  -3.938  6.535   1.00 0.00 ? 40   U   B OP2    1 
ATOM   745 O "O5'"  . U   A 1 24 ? 11.793  -5.342  8.352   1.00 0.00 ? 40   U   B "O5'"  1 
ATOM   746 C "C5'"  . U   A 1 24 ? 12.191  -6.240  7.314   1.00 0.00 ? 40   U   B "C5'"  1 
ATOM   747 C "C4'"  . U   A 1 24 ? 11.273  -7.457  7.244   1.00 0.00 ? 40   U   B "C4'"  1 
ATOM   748 O "O4'"  . U   A 1 24 ? 9.901   -7.074  7.269   1.00 0.00 ? 40   U   B "O4'"  1 
ATOM   749 C "C3'"  . U   A 1 24 ? 11.461  -8.207  5.939   1.00 0.00 ? 40   U   B "C3'"  1 
ATOM   750 O "O3'"  . U   A 1 24 ? 12.439  -9.230  6.147   1.00 0.00 ? 40   U   B "O3'"  1 
ATOM   751 C "C2'"  . U   A 1 24 ? 10.112  -8.875  5.712   1.00 0.00 ? 40   U   B "C2'"  1 
ATOM   752 O "O2'"  . U   A 1 24 ? 10.091  -10.200 6.256   1.00 0.00 ? 40   U   B "O2'"  1 
ATOM   753 C "C1'"  . U   A 1 24 ? 9.127   -7.958  6.443   1.00 0.00 ? 40   U   B "C1'"  1 
ATOM   754 N N1     . U   A 1 24 ? 8.298   -7.195  5.487   1.00 0.00 ? 40   U   B N1     1 
ATOM   755 C C2     . U   A 1 24 ? 7.549   -7.915  4.574   1.00 0.00 ? 40   U   B C2     1 
ATOM   756 O O2     . U   A 1 24 ? 7.565   -9.129  4.540   1.00 0.00 ? 40   U   B O2     1 
ATOM   757 N N3     . U   A 1 24 ? 6.780   -7.171  3.698   1.00 0.00 ? 40   U   B N3     1 
ATOM   758 C C4     . U   A 1 24 ? 6.695   -5.790  3.656   1.00 0.00 ? 40   U   B C4     1 
ATOM   759 O O4     . U   A 1 24 ? 5.983   -5.238  2.841   1.00 0.00 ? 40   U   B O4     1 
ATOM   760 C C5     . U   A 1 24 ? 7.509   -5.121  4.646   1.00 0.00 ? 40   U   B C5     1 
ATOM   761 C C6     . U   A 1 24 ? 8.271   -5.827  5.514   1.00 0.00 ? 40   U   B C6     1 
ATOM   762 H "H5'"  . U   A 1 24 ? 13.211  -6.575  7.504   1.00 0.00 ? 40   U   B "H5'"  1 
ATOM   763 H "H5''" . U   A 1 24 ? 12.161  -5.716  6.359   1.00 0.00 ? 40   U   B "H5''" 1 
ATOM   764 H "H4'"  . U   A 1 24 ? 11.478  -8.121  8.082   1.00 0.00 ? 40   U   B "H4'"  1 
ATOM   765 H "H3'"  . U   A 1 24 ? 11.729  -7.541  5.119   1.00 0.00 ? 40   U   B "H3'"  1 
ATOM   766 H "H2'"  . U   A 1 24 ? 9.881   -8.893  4.644   1.00 0.00 ? 40   U   B "H2'"  1 
ATOM   767 H "HO2'" . U   A 1 24 ? 9.390   -10.681 5.809   1.00 0.00 ? 40   U   B "HO2'" 1 
ATOM   768 H "H1'"  . U   A 1 24 ? 8.478   -8.561  7.076   1.00 0.00 ? 40   U   B "H1'"  1 
ATOM   769 H H3     . U   A 1 24 ? 6.229   -7.684  3.025   1.00 0.00 ? 40   U   B H3     1 
ATOM   770 H H5     . U   A 1 24 ? 7.509   -4.031  4.693   1.00 0.00 ? 40   U   B H5     1 
ATOM   771 H H6     . U   A 1 24 ? 8.873   -5.297  6.250   1.00 0.00 ? 40   U   B H6     1 
ATOM   772 P P      . C   A 1 25 ? 13.634  -9.445  5.090   1.00 0.00 ? 41   C   B P      1 
ATOM   773 O OP1    . C   A 1 25 ? 14.518  -10.516 5.603   1.00 0.00 ? 41   C   B OP1    1 
ATOM   774 O OP2    . C   A 1 25 ? 14.200  -8.119  4.754   1.00 0.00 ? 41   C   B OP2    1 
ATOM   775 O "O5'"  . C   A 1 25 ? 12.861  -10.006 3.794   1.00 0.00 ? 41   C   B "O5'"  1 
ATOM   776 C "C5'"  . C   A 1 25 ? 12.714  -11.413 3.591   1.00 0.00 ? 41   C   B "C5'"  1 
ATOM   777 C "C4'"  . C   A 1 25 ? 11.542  -11.727 2.665   1.00 0.00 ? 41   C   B "C4'"  1 
ATOM   778 O "O4'"  . C   A 1 25 ? 10.482  -10.795 2.830   1.00 0.00 ? 41   C   B "O4'"  1 
ATOM   779 C "C3'"  . C   A 1 25 ? 11.943  -11.599 1.209   1.00 0.00 ? 41   C   B "C3'"  1 
ATOM   780 O "O3'"  . C   A 1 25 ? 12.439  -12.864 0.761   1.00 0.00 ? 41   C   B "O3'"  1 
ATOM   781 C "C2'"  . C   A 1 25 ? 10.620  -11.330 0.508   1.00 0.00 ? 41   C   B "C2'"  1 
ATOM   782 O "O2'"  . C   A 1 25 ? 10.024  -12.541 0.031   1.00 0.00 ? 41   C   B "O2'"  1 
ATOM   783 C "C1'"  . C   A 1 25 ? 9.762   -10.675 1.595   1.00 0.00 ? 41   C   B "C1'"  1 
ATOM   784 N N1     . C   A 1 25 ? 9.506   -9.262  1.262   1.00 0.00 ? 41   C   B N1     1 
ATOM   785 C C2     . C   A 1 25 ? 8.581   -8.994  0.261   1.00 0.00 ? 41   C   B C2     1 
ATOM   786 O O2     . C   A 1 25 ? 7.988   -9.903  -0.287  1.00 0.00 ? 41   C   B O2     1 
ATOM   787 N N3     . C   A 1 25 ? 8.364   -7.695  -0.082  1.00 0.00 ? 41   C   B N3     1 
ATOM   788 C C4     . C   A 1 25 ? 9.022   -6.703  0.529   1.00 0.00 ? 41   C   B C4     1 
ATOM   789 N N4     . C   A 1 25 ? 8.790   -5.443  0.163   1.00 0.00 ? 41   C   B N4     1 
ATOM   790 C C5     . C   A 1 25 ? 9.974   -6.977  1.562   1.00 0.00 ? 41   C   B C5     1 
ATOM   791 C C6     . C   A 1 25 ? 10.182  -8.263  1.896   1.00 0.00 ? 41   C   B C6     1 
ATOM   792 H "H5'"  . C   A 1 25 ? 12.545  -11.896 4.553   1.00 0.00 ? 41   C   B "H5'"  1 
ATOM   793 H "H5''" . C   A 1 25 ? 13.630  -11.807 3.151   1.00 0.00 ? 41   C   B "H5''" 1 
ATOM   794 H "H4'"  . C   A 1 25 ? 11.173  -12.732 2.860   1.00 0.00 ? 41   C   B "H4'"  1 
ATOM   795 H "H3'"  . C   A 1 25 ? 12.660  -10.794 1.051   1.00 0.00 ? 41   C   B "H3'"  1 
ATOM   796 H "H2'"  . C   A 1 25 ? 10.773  -10.623 -0.312  1.00 0.00 ? 41   C   B "H2'"  1 
ATOM   797 H "HO2'" . C   A 1 25 ? 9.570   -12.947 0.772   1.00 0.00 ? 41   C   B "HO2'" 1 
ATOM   798 H "H1'"  . C   A 1 25 ? 8.816   -11.207 1.678   1.00 0.00 ? 41   C   B "H1'"  1 
ATOM   799 H H41    . C   A 1 25 ? 8.119   -5.244  -0.565  1.00 0.00 ? 41   C   B H41    1 
ATOM   800 H H42    . C   A 1 25 ? 9.283   -4.686  0.615   1.00 0.00 ? 41   C   B H42    1 
ATOM   801 H H5     . C   A 1 25 ? 10.516  -6.173  2.056   1.00 0.00 ? 41   C   B H5     1 
ATOM   802 H H6     . C   A 1 25 ? 10.896  -8.508  2.683   1.00 0.00 ? 41   C   B H6     1 
ATOM   803 P P      . U   A 1 26 ? 13.638  -12.932 -0.314  1.00 0.00 ? 42   U   B P      1 
ATOM   804 O OP1    . U   A 1 26 ? 14.165  -14.315 -0.331  1.00 0.00 ? 42   U   B OP1    1 
ATOM   805 O OP2    . U   A 1 26 ? 14.553  -11.797 -0.059  1.00 0.00 ? 42   U   B OP2    1 
ATOM   806 O "O5'"  . U   A 1 26 ? 12.880  -12.665 -1.709  1.00 0.00 ? 42   U   B "O5'"  1 
ATOM   807 C "C5'"  . U   A 1 26 ? 12.318  -13.753 -2.447  1.00 0.00 ? 42   U   B "C5'"  1 
ATOM   808 C "C4'"  . U   A 1 26 ? 11.871  -13.322 -3.842  1.00 0.00 ? 42   U   B "C4'"  1 
ATOM   809 O "O4'"  . U   A 1 26 ? 10.726  -12.463 -3.785  1.00 0.00 ? 42   U   B "O4'"  1 
ATOM   810 C "C3'"  . U   A 1 26 ? 12.952  -12.517 -4.546  1.00 0.00 ? 42   U   B "C3'"  1 
ATOM   811 O "O3'"  . U   A 1 26 ? 13.750  -13.413 -5.323  1.00 0.00 ? 42   U   B "O3'"  1 
ATOM   812 C "C2'"  . U   A 1 26 ? 12.157  -11.632 -5.485  1.00 0.00 ? 42   U   B "C2'"  1 
ATOM   813 O "O2'"  . U   A 1 26 ? 11.845  -12.308 -6.708  1.00 0.00 ? 42   U   B "O2'"  1 
ATOM   814 C "C1'"  . U   A 1 26 ? 10.903  -11.342 -4.670  1.00 0.00 ? 42   U   B "C1'"  1 
ATOM   815 N N1     . U   A 1 26 ? 11.049  -10.086 -3.907  1.00 0.00 ? 42   U   B N1     1 
ATOM   816 C C2     . U   A 1 26 ? 10.720  -8.907  -4.548  1.00 0.00 ? 42   U   B C2     1 
ATOM   817 O O2     . U   A 1 26 ? 10.319  -8.885  -5.695  1.00 0.00 ? 42   U   B O2     1 
ATOM   818 N N3     . U   A 1 26 ? 10.874  -7.749  -3.807  1.00 0.00 ? 42   U   B N3     1 
ATOM   819 C C4     . U   A 1 26 ? 11.323  -7.669  -2.500  1.00 0.00 ? 42   U   B C4     1 
ATOM   820 O O4     . U   A 1 26 ? 11.421  -6.594  -1.942  1.00 0.00 ? 42   U   B O4     1 
ATOM   821 C C5     . U   A 1 26 ? 11.644  -8.950  -1.910  1.00 0.00 ? 42   U   B C5     1 
ATOM   822 C C6     . U   A 1 26 ? 11.501  -10.097 -2.616  1.00 0.00 ? 42   U   B C6     1 
ATOM   823 H "H5'"  . U   A 1 26 ? 11.456  -14.143 -1.904  1.00 0.00 ? 42   U   B "H5'"  1 
ATOM   824 H "H5''" . U   A 1 26 ? 13.064  -14.541 -2.542  1.00 0.00 ? 42   U   B "H5''" 1 
ATOM   825 H "H4'"  . U   A 1 26 ? 11.629  -14.203 -4.435  1.00 0.00 ? 42   U   B "H4'"  1 
ATOM   826 H "H3'"  . U   A 1 26 ? 13.549  -11.935 -3.843  1.00 0.00 ? 42   U   B "H3'"  1 
ATOM   827 H "H2'"  . U   A 1 26 ? 12.699  -10.705 -5.676  1.00 0.00 ? 42   U   B "H2'"  1 
ATOM   828 H "HO2'" . U   A 1 26 ? 12.539  -12.096 -7.337  1.00 0.00 ? 42   U   B "HO2'" 1 
ATOM   829 H "H1'"  . U   A 1 26 ? 10.045  -11.264 -5.338  1.00 0.00 ? 42   U   B "H1'"  1 
ATOM   830 H H3     . U   A 1 26 ? 10.633  -6.878  -4.259  1.00 0.00 ? 42   U   B H3     1 
ATOM   831 H H5     . U   A 1 26 ? 12.007  -8.992  -0.883  1.00 0.00 ? 42   U   B H5     1 
ATOM   832 H H6     . U   A 1 26 ? 11.750  -11.048 -2.145  1.00 0.00 ? 42   U   B H6     1 
ATOM   833 P P      . G   A 1 27 ? 15.212  -12.974 -5.838  1.00 0.00 ? 43   G   B P      1 
ATOM   834 O OP1    . G   A 1 27 ? 15.857  -14.152 -6.460  1.00 0.00 ? 43   G   B OP1    1 
ATOM   835 O OP2    . G   A 1 27 ? 15.893  -12.254 -4.740  1.00 0.00 ? 43   G   B OP2    1 
ATOM   836 O "O5'"  . G   A 1 27 ? 14.874  -11.912 -7.002  1.00 0.00 ? 43   G   B "O5'"  1 
ATOM   837 C "C5'"  . G   A 1 27 ? 14.624  -12.371 -8.338  1.00 0.00 ? 43   G   B "C5'"  1 
ATOM   838 C "C4'"  . G   A 1 27 ? 14.393  -11.233 -9.323  1.00 0.00 ? 43   G   B "C4'"  1 
ATOM   839 O "O4'"  . G   A 1 27 ? 13.274  -10.431 -8.950  1.00 0.00 ? 43   G   B "O4'"  1 
ATOM   840 C "C3'"  . G   A 1 27 ? 15.564  -10.270 -9.352  1.00 0.00 ? 43   G   B "C3'"  1 
ATOM   841 O "O3'"  . G   A 1 27 ? 16.529  -10.745 -10.295 1.00 0.00 ? 43   G   B "O3'"  1 
ATOM   842 C "C2'"  . G   A 1 27 ? 14.929  -9.008  -9.908  1.00 0.00 ? 43   G   B "C2'"  1 
ATOM   843 O "O2'"  . G   A 1 27 ? 14.908  -9.018  -11.340 1.00 0.00 ? 43   G   B "O2'"  1 
ATOM   844 C "C1'"  . G   A 1 27 ? 13.516  -9.063  -9.327  1.00 0.00 ? 43   G   B "C1'"  1 
ATOM   845 N N9     . G   A 1 27 ? 13.398  -8.161  -8.167  1.00 0.00 ? 43   G   B N9     1 
ATOM   846 C C8     . G   A 1 27 ? 13.592  -8.414  -6.851  1.00 0.00 ? 43   G   B C8     1 
ATOM   847 N N7     . G   A 1 27 ? 13.425  -7.439  -6.023  1.00 0.00 ? 43   G   B N7     1 
ATOM   848 C C5     . G   A 1 27 ? 13.078  -6.393  -6.881  1.00 0.00 ? 43   G   B C5     1 
ATOM   849 C C6     . G   A 1 27 ? 12.766  -5.038  -6.586  1.00 0.00 ? 43   G   B C6     1 
ATOM   850 O O6     . G   A 1 27 ? 12.726  -4.495  -5.501  1.00 0.00 ? 43   G   B O6     1 
ATOM   851 N N1     . G   A 1 27 ? 12.476  -4.319  -7.739  1.00 0.00 ? 43   G   B N1     1 
ATOM   852 C C2     . G   A 1 27 ? 12.482  -4.834  -9.020  1.00 0.00 ? 43   G   B C2     1 
ATOM   853 N N2     . G   A 1 27 ? 12.183  -3.981  -10.000 1.00 0.00 ? 43   G   B N2     1 
ATOM   854 N N3     . G   A 1 27 ? 12.772  -6.107  -9.306  1.00 0.00 ? 43   G   B N3     1 
ATOM   855 C C4     . G   A 1 27 ? 13.060  -6.828  -8.198  1.00 0.00 ? 43   G   B C4     1 
ATOM   856 H "H5'"  . G   A 1 27 ? 13.728  -12.978 -8.346  1.00 0.00 ? 43   G   B "H5'"  1 
ATOM   857 H "H5''" . G   A 1 27 ? 15.482  -12.978 -8.662  1.00 0.00 ? 43   G   B "H5''" 1 
ATOM   858 H "H4'"  . G   A 1 27 ? 14.228  -11.639 -10.319 1.00 0.00 ? 43   G   B "H4'"  1 
ATOM   859 H "H3'"  . G   A 1 27 ? 15.990  -10.113 -8.361  1.00 0.00 ? 43   G   B "H3'"  1 
ATOM   860 H "H2'"  . G   A 1 27 ? 15.453  -8.128  -9.532  1.00 0.00 ? 43   G   B "H2'"  1 
ATOM   861 H "HO2'" . G   A 1 27 ? 14.672  -9.908  -11.616 1.00 0.00 ? 43   G   B "HO2'" 1 
ATOM   862 H "H1'"  . G   A 1 27 ? 12.797  -8.766  -10.090 1.00 0.00 ? 43   G   B "H1'"  1 
ATOM   863 H H8     . G   A 1 27 ? 13.894  -9.402  -6.507  1.00 0.00 ? 43   G   B H8     1 
ATOM   864 H H1     . G   A 1 27 ? 12.251  -3.344  -7.608  1.00 0.00 ? 43   G   B H1     1 
ATOM   865 H H21    . G   A 1 27 ? 11.963  -3.019  -9.782  1.00 0.00 ? 43   G   B H21    1 
ATOM   866 H H22    . G   A 1 27 ? 12.177  -4.297  -10.959 1.00 0.00 ? 43   G   B H22    1 
ATOM   867 P P      . C   A 1 28 ? 18.094  -10.423 -10.090 1.00 0.00 ? 44   C   B P      1 
ATOM   868 O OP1    . C   A 1 28 ? 18.850  -11.104 -11.165 1.00 0.00 ? 44   C   B OP1    1 
ATOM   869 O OP2    . C   A 1 28 ? 18.438  -10.676 -8.673  1.00 0.00 ? 44   C   B OP2    1 
ATOM   870 O "O5'"  . C   A 1 28 ? 18.168  -8.835  -10.351 1.00 0.00 ? 44   C   B "O5'"  1 
ATOM   871 C "C5'"  . C   A 1 28 ? 18.237  -8.323  -11.685 1.00 0.00 ? 44   C   B "C5'"  1 
ATOM   872 C "C4'"  . C   A 1 28 ? 18.129  -6.801  -11.716 1.00 0.00 ? 44   C   B "C4'"  1 
ATOM   873 O "O4'"  . C   A 1 28 ? 16.903  -6.341  -11.149 1.00 0.00 ? 44   C   B "O4'"  1 
ATOM   874 C "C3'"  . C   A 1 28 ? 19.204  -6.142  -10.885 1.00 0.00 ? 44   C   B "C3'"  1 
ATOM   875 O "O3'"  . C   A 1 28 ? 20.388  -6.034  -11.685 1.00 0.00 ? 44   C   B "O3'"  1 
ATOM   876 C "C2'"  . C   A 1 28 ? 18.609  -4.761  -10.681 1.00 0.00 ? 44   C   B "C2'"  1 
ATOM   877 O "O2'"  . C   A 1 28 ? 18.823  -3.921  -11.822 1.00 0.00 ? 44   C   B "O2'"  1 
ATOM   878 C "C1'"  . C   A 1 28 ? 17.128  -5.082  -10.491 1.00 0.00 ? 44   C   B "C1'"  1 
ATOM   879 N N1     . C   A 1 28 ? 16.793  -5.170  -9.055  1.00 0.00 ? 44   C   B N1     1 
ATOM   880 C C2     . C   A 1 28 ? 16.449  -3.995  -8.402  1.00 0.00 ? 44   C   B C2     1 
ATOM   881 O O2     . C   A 1 28 ? 16.424  -2.940  -9.007  1.00 0.00 ? 44   C   B O2     1 
ATOM   882 N N3     . C   A 1 28 ? 16.146  -4.060  -7.076  1.00 0.00 ? 44   C   B N3     1 
ATOM   883 C C4     . C   A 1 28 ? 16.179  -5.226  -6.418  1.00 0.00 ? 44   C   B C4     1 
ATOM   884 N N4     . C   A 1 28 ? 15.875  -5.255  -5.121  1.00 0.00 ? 44   C   B N4     1 
ATOM   885 C C5     . C   A 1 28 ? 16.534  -6.440  -7.088  1.00 0.00 ? 44   C   B C5     1 
ATOM   886 C C6     . C   A 1 28 ? 16.832  -6.365  -8.400  1.00 0.00 ? 44   C   B C6     1 
ATOM   887 H "H5'"  . C   A 1 28 ? 17.420  -8.748  -12.269 1.00 0.00 ? 44   C   B "H5'"  1 
ATOM   888 H "H5''" . C   A 1 28 ? 19.185  -8.621  -12.130 1.00 0.00 ? 44   C   B "H5''" 1 
ATOM   889 H "H4'"  . C   A 1 28 ? 18.204  -6.441  -12.735 1.00 0.00 ? 44   C   B "H4'"  1 
ATOM   890 H "H3'"  . C   A 1 28 ? 19.377  -6.662  -9.943  1.00 0.00 ? 44   C   B "H3'"  1 
ATOM   891 H "H2'"  . C   A 1 28 ? 19.009  -4.307  -9.779  1.00 0.00 ? 44   C   B "H2'"  1 
ATOM   892 H "HO2'" . C   A 1 28 ? 19.016  -3.039  -11.494 1.00 0.00 ? 44   C   B "HO2'" 1 
ATOM   893 H "H1'"  . C   A 1 28 ? 16.520  -4.309  -10.961 1.00 0.00 ? 44   C   B "H1'"  1 
ATOM   894 H H41    . C   A 1 28 ? 15.625  -4.401  -4.642  1.00 0.00 ? 44   C   B H41    1 
ATOM   895 H H42    . C   A 1 28 ? 15.896  -6.129  -4.615  1.00 0.00 ? 44   C   B H42    1 
ATOM   896 H H5     . C   A 1 28 ? 16.561  -7.391  -6.557  1.00 0.00 ? 44   C   B H5     1 
ATOM   897 H H6     . C   A 1 28 ? 17.120  -7.267  -8.939  1.00 0.00 ? 44   C   B H6     1 
ATOM   898 P P      . C   A 1 29 ? 21.827  -5.819  -10.996 1.00 0.00 ? 45   C   B P      1 
ATOM   899 O OP1    . C   A 1 29 ? 22.864  -5.899  -12.049 1.00 0.00 ? 45   C   B OP1    1 
ATOM   900 O OP2    . C   A 1 29 ? 21.911  -6.696  -9.807  1.00 0.00 ? 45   C   B OP2    1 
ATOM   901 O "O5'"  . C   A 1 29 ? 21.731  -4.296  -10.497 1.00 0.00 ? 45   C   B "O5'"  1 
ATOM   902 C "C5'"  . C   A 1 29 ? 21.587  -3.241  -11.445 1.00 0.00 ? 45   C   B "C5'"  1 
ATOM   903 C "C4'"  . C   A 1 29 ? 21.254  -1.923  -10.762 1.00 0.00 ? 45   C   B "C4'"  1 
ATOM   904 O "O4'"  . C   A 1 29 ? 20.033  -2.038  -10.029 1.00 0.00 ? 45   C   B "O4'"  1 
ATOM   905 C "C3'"  . C   A 1 29 ? 22.317  -1.537  -9.745  1.00 0.00 ? 45   C   B "C3'"  1 
ATOM   906 O "O3'"  . C   A 1 29 ? 23.359  -0.757  -10.341 1.00 0.00 ? 45   C   B "O3'"  1 
ATOM   907 C "C2'"  . C   A 1 29 ? 21.516  -0.725  -8.742  1.00 0.00 ? 45   C   B "C2'"  1 
ATOM   908 O "O2'"  . C   A 1 29 ? 21.365  0.633   -9.168  1.00 0.00 ? 45   C   B "O2'"  1 
ATOM   909 C "C1'"  . C   A 1 29 ? 20.181  -1.458  -8.729  1.00 0.00 ? 45   C   B "C1'"  1 
ATOM   910 N N1     . C   A 1 29 ? 20.158  -2.493  -7.674  1.00 0.00 ? 45   C   B N1     1 
ATOM   911 C C2     . C   A 1 29 ? 19.772  -2.103  -6.398  1.00 0.00 ? 45   C   B C2     1 
ATOM   912 O O2     . C   A 1 29 ? 19.495  -0.941  -6.168  1.00 0.00 ? 45   C   B O2     1 
ATOM   913 N N3     . C   A 1 29 ? 19.720  -3.052  -5.423  1.00 0.00 ? 45   C   B N3     1 
ATOM   914 C C4     . C   A 1 29 ? 20.032  -4.328  -5.688  1.00 0.00 ? 45   C   B C4     1 
ATOM   915 N N4     . C   A 1 29 ? 19.958  -5.233  -4.711  1.00 0.00 ? 45   C   B N4     1 
ATOM   916 C C5     . C   A 1 29 ? 20.434  -4.731  -7.001  1.00 0.00 ? 45   C   B C5     1 
ATOM   917 C C6     . C   A 1 29 ? 20.485  -3.785  -7.955  1.00 0.00 ? 45   C   B C6     1 
ATOM   918 H "H5'"  . C   A 1 29 ? 20.786  -3.493  -12.141 1.00 0.00 ? 45   C   B "H5'"  1 
ATOM   919 H "H5''" . C   A 1 29 ? 22.518  -3.129  -12.000 1.00 0.00 ? 45   C   B "H5''" 1 
ATOM   920 H "H4'"  . C   A 1 29 ? 21.153  -1.136  -11.507 1.00 0.00 ? 45   C   B "H4'"  1 
ATOM   921 H "H3'"  . C   A 1 29 ? 22.722  -2.433  -9.265  1.00 0.00 ? 45   C   B "H3'"  1 
ATOM   922 H "HO3'" . C   A 1 29 ? 23.572  -0.048  -9.730  1.00 0.00 ? 45   C   B "HO3'" 1 
ATOM   923 H "H2'"  . C   A 1 29 ? 21.983  -0.778  -7.755  1.00 0.00 ? 45   C   B "H2'"  1 
ATOM   924 H "HO2'" . C   A 1 29 ? 21.162  1.156   -8.388  1.00 0.00 ? 45   C   B "HO2'" 1 
ATOM   925 H "H1'"  . C   A 1 29 ? 19.373  -0.753  -8.563  1.00 0.00 ? 45   C   B "H1'"  1 
ATOM   926 H H41    . C   A 1 29 ? 19.675  -4.953  -3.784  1.00 0.00 ? 45   C   B H41    1 
ATOM   927 H H42    . C   A 1 29 ? 20.183  -6.200  -4.902  1.00 0.00 ? 45   C   B H42    1 
ATOM   928 H H5     . C   A 1 29 ? 20.675  -5.771  -7.226  1.00 0.00 ? 45   C   B H5     1 
ATOM   929 H H6     . C   A 1 29 ? 20.798  -4.054  -8.963  1.00 0.00 ? 45   C   B H6     1 
HETATM 930 C C1     . P14 B 2 .  ? -2.345  0.894   0.586   1.00 0.00 ? 1046 P14 B C1     1 
HETATM 931 C C2     . P14 B 2 .  ? -1.029  1.145   0.102   1.00 0.00 ? 1046 P14 B C2     1 
HETATM 932 C C3     . P14 B 2 .  ? -0.653  2.462   -0.277  1.00 0.00 ? 1046 P14 B C3     1 
HETATM 933 C C4     . P14 B 2 .  ? -1.594  3.521   -0.194  1.00 0.00 ? 1046 P14 B C4     1 
HETATM 934 C C5     . P14 B 2 .  ? -2.913  3.268   0.269   1.00 0.00 ? 1046 P14 B C5     1 
HETATM 935 C C6     . P14 B 2 .  ? -3.292  1.953   0.653   1.00 0.00 ? 1046 P14 B C6     1 
HETATM 936 O OA     . P14 B 2 .  ? -2.727  -0.427  0.993   1.00 0.00 ? 1046 P14 B OA     1 
HETATM 937 C CB     . P14 B 2 .  ? -2.128  -0.745  2.258   1.00 0.00 ? 1046 P14 B CB     1 
HETATM 938 C CG     . P14 B 2 .  ? -2.814  0.043   3.382   1.00 0.00 ? 1046 P14 B CG     1 
HETATM 939 N ND     . P14 B 2 .  ? -4.076  -0.307  3.466   1.00 0.00 ? 1046 P14 B ND     1 
HETATM 940 C CE     . P14 B 2 .  ? -4.438  -1.458  4.001   1.00 0.00 ? 1046 P14 B CE     1 
HETATM 941 N NZ1    . P14 B 2 .  ? -3.515  -2.346  4.480   1.00 0.00 ? 1046 P14 B NZ1    1 
HETATM 942 N NZ2    . P14 B 2 .  ? -5.759  -1.768  4.075   1.00 0.00 ? 1046 P14 B NZ2    1 
HETATM 943 C CA     . P14 B 2 .  ? 0.000   0.000   0.000   1.00 0.00 ? 1046 P14 B CA     1 
HETATM 944 N NB     . P14 B 2 .  ? -0.657  -1.216  -0.539  1.00 0.00 ? 1046 P14 B NB     1 
HETATM 945 C CG1    . P14 B 2 .  ? 0.346   -2.069  -1.220  1.00 0.00 ? 1046 P14 B CG1    1 
HETATM 946 C CD     . P14 B 2 .  ? 1.269   -2.709  -0.176  1.00 0.00 ? 1046 P14 B CD     1 
HETATM 947 C CE1    . P14 B 2 .  ? 1.395   -4.212  -0.444  1.00 0.00 ? 1046 P14 B CE1    1 
HETATM 948 C CZ     . P14 B 2 .  ? 0.409   -4.975  0.447   1.00 0.00 ? 1046 P14 B CZ     1 
HETATM 949 N NH     . P14 B 2 .  ? 0.557   -6.266  0.270   1.00 0.00 ? 1046 P14 B NH     1 
HETATM 950 C CI     . P14 B 2 .  ? 1.578   -6.921  0.789   1.00 0.00 ? 1046 P14 B CI     1 
HETATM 951 N NJ1    . P14 B 2 .  ? 1.665   -8.264  0.608   1.00 0.00 ? 1046 P14 B NJ1    1 
HETATM 952 N NJ2    . P14 B 2 .  ? 2.543   -6.281  1.513   1.00 0.00 ? 1046 P14 B NJ2    1 
HETATM 953 O O1     . P14 B 2 .  ? -1.215  4.845   -0.581  1.00 0.00 ? 1046 P14 B O1     1 
HETATM 954 C C11    . P14 B 2 .  ? -1.010  4.891   -1.996  1.00 0.00 ? 1046 P14 B C11    1 
HETATM 955 H H3     . P14 B 2 .  ? 0.348   2.657   -0.631  1.00 0.00 ? 1046 P14 B H3     1 
HETATM 956 H H5     . P14 B 2 .  ? -3.626  4.074   0.330   1.00 0.00 ? 1046 P14 B H5     1 
HETATM 957 H H6     . P14 B 2 .  ? -4.298  1.761   1.005   1.00 0.00 ? 1046 P14 B H6     1 
HETATM 958 H HB1    . P14 B 2 .  ? -2.233  -1.803  2.448   1.00 0.00 ? 1046 P14 B HB1    1 
HETATM 959 H HB2    . P14 B 2 .  ? -1.079  -0.489  2.235   1.00 0.00 ? 1046 P14 B HB2    1 
HETATM 960 H HG1    . P14 B 2 .  ? -2.747  1.101   3.171   1.00 0.00 ? 1046 P14 B HG1    1 
HETATM 961 H HG2    . P14 B 2 .  ? -2.320  -0.166  4.320   1.00 0.00 ? 1046 P14 B HG2    1 
HETATM 962 H HD     . P14 B 2 .  ? -4.766  0.304   3.133   1.00 0.00 ? 1046 P14 B HD     1 
HETATM 963 H HZ11   . P14 B 2 .  ? -2.559  -2.141  4.434   1.00 0.00 ? 1046 P14 B HZ11   1 
HETATM 964 H HZ12   . P14 B 2 .  ? -3.814  -3.193  4.872   1.00 0.00 ? 1046 P14 B HZ12   1 
HETATM 965 H HZ21   . P14 B 2 .  ? -6.040  -2.620  4.470   1.00 0.00 ? 1046 P14 B HZ21   1 
HETATM 966 H HZ22   . P14 B 2 .  ? -6.429  -1.139  3.736   1.00 0.00 ? 1046 P14 B HZ22   1 
HETATM 967 H HA1    . P14 B 2 .  ? 0.404   -0.212  0.978   1.00 0.00 ? 1046 P14 B HA1    1 
HETATM 968 H HA2    . P14 B 2 .  ? 0.801   0.300   -0.660  1.00 0.00 ? 1046 P14 B HA2    1 
HETATM 969 H HB11   . P14 B 2 .  ? -1.387  -0.942  -1.213  1.00 0.00 ? 1046 P14 B HB11   1 
HETATM 970 H HG11   . P14 B 2 .  ? 0.933   -1.463  -1.895  1.00 0.00 ? 1046 P14 B HG11   1 
HETATM 971 H HG12   . P14 B 2 .  ? -0.162  -2.841  -1.781  1.00 0.00 ? 1046 P14 B HG12   1 
HETATM 972 H HD1    . P14 B 2 .  ? 2.246   -2.252  -0.235  1.00 0.00 ? 1046 P14 B HD1    1 
HETATM 973 H HD2    . P14 B 2 .  ? 0.858   -2.550  0.810   1.00 0.00 ? 1046 P14 B HD2    1 
HETATM 974 H HE1    . P14 B 2 .  ? 1.173   -4.413  -1.481  1.00 0.00 ? 1046 P14 B HE1    1 
HETATM 975 H HE2    . P14 B 2 .  ? 2.403   -4.534  -0.222  1.00 0.00 ? 1046 P14 B HE2    1 
HETATM 976 H HZ1    . P14 B 2 .  ? 0.597   -4.729  1.482   1.00 0.00 ? 1046 P14 B HZ1    1 
HETATM 977 H HZ2    . P14 B 2 .  ? -0.600  -4.691  0.189   1.00 0.00 ? 1046 P14 B HZ2    1 
HETATM 978 H HH     . P14 B 2 .  ? -0.114  -6.759  -0.248  1.00 0.00 ? 1046 P14 B HH     1 
HETATM 979 H HJ11   . P14 B 2 .  ? 2.417   -8.761  0.988   1.00 0.00 ? 1046 P14 B HJ11   1 
HETATM 980 H HJ12   . P14 B 2 .  ? 0.973   -8.734  0.098   1.00 0.00 ? 1046 P14 B HJ12   1 
HETATM 981 H HJ21   . P14 B 2 .  ? 3.290   -6.793  1.888   1.00 0.00 ? 1046 P14 B HJ21   1 
HETATM 982 H HJ22   . P14 B 2 .  ? 2.495   -5.313  1.660   1.00 0.00 ? 1046 P14 B HJ22   1 
HETATM 983 H H11    . P14 B 2 .  ? -0.846  5.913   -2.302  1.00 0.00 ? 1046 P14 B H11    1 
HETATM 984 H H12    . P14 B 2 .  ? -1.882  4.500   -2.498  1.00 0.00 ? 1046 P14 B H12    1 
HETATM 985 H H13    . P14 B 2 .  ? -0.148  4.294   -2.254  1.00 0.00 ? 1046 P14 B H13    1 
HETATM 986 H HB12   . P14 B 2 .  ? -1.086  -1.745  0.233   1.00 0.00 ? 1046 P14 B HB12   1 
# 
